data_4DUR
#
_entry.id   4DUR
#
_cell.length_a   144.620
_cell.length_b   144.620
_cell.length_c   233.670
_cell.angle_alpha   90.00
_cell.angle_beta   90.00
_cell.angle_gamma   120.00
#
_symmetry.space_group_name_H-M   'P 32 2 1'
#
loop_
_entity.id
_entity.type
_entity.pdbx_description
1 polymer Plasminogen
2 branched 'N-acetyl-alpha-neuraminic acid-(2-3)-beta-D-galactopyranose-(1-3)-2-acetamido-2-deoxy-beta-D-glucopyranose'
3 non-polymer 'CHLORIDE ION'
4 non-polymer 'POTASSIUM ION'
5 non-polymer 'BICARBONATE ION'
6 non-polymer 'ACETATE ION'
7 water water
#
_entity_poly.entity_id   1
_entity_poly.type   'polypeptide(L)'
_entity_poly.pdbx_seq_one_letter_code
;EPLDDYVNTQGASLFSVTKKQLGAGSIEECAAKCEEDEEFTCRAFQYHSKEQQCVIMAENRKSSIIIRMRDVVLFEKKVY
LSECKTGNGKNYRGTMSKTKNGITCQKWSSTSPHRPRFSPATHPSEGLEENYCRNPDNDPQGPWCYTTDPEKRYDYCDIL
ECEEECMHCSGENYDGKISKTMSGLECQAWDSQSPHAHGYIPSKFPNKNLKKNYCRNPDRELRPWCFTTDPNKRWELCDI
PRCTTPPPSSGPTYQCLKGTGENYRGNVAVTVSGHTCQHWSAQTPHTHNRTPENFPCKNLDENYCRNPDGKRAPWCHTTN
SQVRWEYCKIPSCDSSPVSTEQLAPTAPPELTPVVQDCYHGDGQSYRGTSSTTTTGKKCQSWSSMTPHRHQKTPENYPNA
GLTMNYCRNPDADKGPWCFTTDPSVRWEYCNLKKCSGTEASVVAPPPVVLLPDVETPSEEDCMFGNGKGYRGKRATTVTG
TPCQDWAAQEPHRHSIFTPETNPRAGLEKNYCRNPDGDVGGPWCYTTNPRKLYDYCDVPQCAAPSFDCGKPQVEPKKCPG
RVVGGCVAHPHSWPWQVSLRTRFGMHFCGGTLISPEWVLTAAHCLEKSPRPSSYKVILGAHQEVNLEPHVQEIEVSRLFL
EPTRKDIALLKLSSPAVITDKVIPACLPSPNYVVADRTECFITGWGETQGTFGAGLLKEAQLPVIENKVCNRYEFLNGRV
QSTELCAGHLAGGTDSCQGDSGGPLVCFEKDKYILQGVTSWGLGCARPNKPGVYVRVSRFVTWIEGVMRNN
;
_entity_poly.pdbx_strand_id   A,B
#
loop_
_chem_comp.id
_chem_comp.type
_chem_comp.name
_chem_comp.formula
ACT non-polymer 'ACETATE ION' 'C2 H3 O2 -1'
BCT non-polymer 'BICARBONATE ION' 'C H O3 -1'
CL non-polymer 'CHLORIDE ION' 'Cl -1'
GAL D-saccharide, beta linking beta-D-galactopyranose 'C6 H12 O6'
K non-polymer 'POTASSIUM ION' 'K 1'
NAG D-saccharide, beta linking 2-acetamido-2-deoxy-beta-D-glucopyranose 'C8 H15 N O6'
SIA D-saccharide, alpha linking 'N-acetyl-alpha-neuraminic acid' 'C11 H19 N O9'
#
# COMPACT_ATOMS: atom_id res chain seq x y z
N LEU A 3 -19.87 12.52 -38.51
CA LEU A 3 -19.49 13.67 -37.69
C LEU A 3 -18.06 14.18 -38.00
N ASP A 4 -17.51 13.75 -39.14
CA ASP A 4 -16.19 14.13 -39.62
C ASP A 4 -16.25 15.49 -40.31
N ASP A 5 -17.45 15.89 -40.77
CA ASP A 5 -17.74 17.16 -41.44
C ASP A 5 -17.99 18.29 -40.42
N TYR A 6 -17.94 17.97 -39.11
CA TYR A 6 -18.20 18.90 -38.02
C TYR A 6 -17.00 19.20 -37.12
N VAL A 7 -17.02 20.40 -36.52
CA VAL A 7 -16.05 20.88 -35.53
C VAL A 7 -16.84 20.96 -34.22
N ASN A 8 -16.45 20.16 -33.22
CA ASN A 8 -17.15 20.11 -31.93
C ASN A 8 -16.48 20.93 -30.83
N THR A 9 -17.31 21.59 -29.99
CA THR A 9 -16.87 22.37 -28.84
C THR A 9 -17.81 22.10 -27.66
N GLN A 10 -17.28 21.51 -26.58
CA GLN A 10 -18.04 21.24 -25.36
C GLN A 10 -18.13 22.52 -24.53
N GLY A 11 -19.33 22.78 -24.00
CA GLY A 11 -19.60 23.96 -23.17
C GLY A 11 -19.76 25.25 -23.93
N ALA A 12 -20.01 25.16 -25.26
CA ALA A 12 -20.21 26.30 -26.14
C ALA A 12 -21.62 26.34 -26.70
N SER A 13 -22.17 27.56 -26.86
CA SER A 13 -23.50 27.79 -27.42
C SER A 13 -23.55 29.16 -28.09
N LEU A 14 -24.37 29.28 -29.15
CA LEU A 14 -24.52 30.54 -29.89
C LEU A 14 -25.92 31.13 -29.74
N PHE A 15 -26.04 32.46 -29.97
CA PHE A 15 -27.29 33.19 -29.94
C PHE A 15 -27.92 33.04 -31.33
N SER A 16 -29.04 32.30 -31.41
CA SER A 16 -29.70 32.04 -32.69
C SER A 16 -31.08 32.67 -32.80
N VAL A 17 -31.38 33.20 -33.99
CA VAL A 17 -32.67 33.80 -34.34
C VAL A 17 -33.41 32.75 -35.17
N THR A 18 -32.72 32.20 -36.19
CA THR A 18 -33.23 31.15 -37.08
C THR A 18 -32.82 29.80 -36.50
N LYS A 19 -33.71 29.18 -35.72
CA LYS A 19 -33.45 27.89 -35.06
C LYS A 19 -34.67 26.98 -34.96
N LYS A 20 -34.43 25.70 -34.63
CA LYS A 20 -35.46 24.67 -34.45
C LYS A 20 -35.04 23.72 -33.32
N GLN A 21 -35.81 23.70 -32.21
CA GLN A 21 -35.54 22.83 -31.06
C GLN A 21 -36.45 21.61 -31.07
N LEU A 22 -35.87 20.43 -30.85
CA LEU A 22 -36.57 19.15 -30.82
C LEU A 22 -35.84 18.12 -29.94
N GLY A 23 -36.57 17.11 -29.47
CA GLY A 23 -36.02 16.05 -28.65
C GLY A 23 -35.23 15.04 -29.47
N ALA A 24 -34.03 14.66 -28.99
CA ALA A 24 -33.15 13.70 -29.64
C ALA A 24 -32.39 12.87 -28.60
N GLY A 25 -32.19 11.59 -28.90
CA GLY A 25 -31.49 10.66 -28.03
C GLY A 25 -29.98 10.62 -28.18
N SER A 26 -29.45 11.17 -29.29
CA SER A 26 -28.00 11.19 -29.57
C SER A 26 -27.56 12.36 -30.46
N ILE A 27 -26.23 12.57 -30.55
CA ILE A 27 -25.57 13.59 -31.37
C ILE A 27 -25.80 13.26 -32.85
N GLU A 28 -25.66 11.97 -33.21
CA GLU A 28 -25.85 11.42 -34.57
C GLU A 28 -27.26 11.70 -35.08
N GLU A 29 -28.26 11.58 -34.20
CA GLU A 29 -29.68 11.83 -34.47
C GLU A 29 -29.89 13.33 -34.77
N CYS A 30 -29.21 14.20 -33.98
CA CYS A 30 -29.25 15.66 -34.12
C CYS A 30 -28.53 16.09 -35.39
N ALA A 31 -27.44 15.37 -35.76
CA ALA A 31 -26.66 15.63 -36.98
C ALA A 31 -27.49 15.35 -38.24
N ALA A 32 -28.30 14.26 -38.21
CA ALA A 32 -29.19 13.86 -39.31
C ALA A 32 -30.26 14.93 -39.60
N LYS A 33 -30.78 15.58 -38.55
CA LYS A 33 -31.78 16.66 -38.66
C LYS A 33 -31.14 17.92 -39.28
N CYS A 34 -29.83 18.14 -39.02
CA CYS A 34 -29.05 19.27 -39.55
C CYS A 34 -28.78 19.08 -41.04
N GLU A 35 -28.53 17.83 -41.49
CA GLU A 35 -28.26 17.51 -42.90
C GLU A 35 -29.52 17.65 -43.77
N GLU A 36 -30.72 17.51 -43.15
CA GLU A 36 -32.02 17.60 -43.81
C GLU A 36 -32.32 18.97 -44.43
N ASP A 37 -31.95 20.07 -43.73
CA ASP A 37 -32.14 21.47 -44.14
C ASP A 37 -33.59 21.76 -44.56
N GLU A 38 -34.54 21.61 -43.60
CA GLU A 38 -35.97 21.80 -43.81
C GLU A 38 -36.39 23.23 -44.18
N GLU A 39 -36.33 24.17 -43.21
CA GLU A 39 -36.73 25.57 -43.40
C GLU A 39 -35.56 26.48 -43.73
N PHE A 40 -34.33 26.08 -43.36
CA PHE A 40 -33.11 26.87 -43.56
C PHE A 40 -31.88 25.97 -43.69
N THR A 41 -30.75 26.56 -44.12
CA THR A 41 -29.48 25.84 -44.24
C THR A 41 -28.80 25.79 -42.86
N CYS A 42 -28.73 24.58 -42.28
CA CYS A 42 -28.13 24.33 -40.97
C CYS A 42 -26.60 24.40 -41.06
N ARG A 43 -26.02 25.38 -40.35
CA ARG A 43 -24.58 25.61 -40.31
C ARG A 43 -23.97 25.08 -39.02
N ALA A 44 -24.80 24.91 -37.97
CA ALA A 44 -24.39 24.39 -36.66
C ALA A 44 -25.54 23.79 -35.86
N PHE A 45 -25.21 22.86 -34.96
CA PHE A 45 -26.19 22.24 -34.06
C PHE A 45 -25.66 22.12 -32.64
N GLN A 46 -26.58 22.14 -31.66
CA GLN A 46 -26.26 22.01 -30.25
C GLN A 46 -26.94 20.78 -29.68
N TYR A 47 -26.21 19.96 -28.93
CA TYR A 47 -26.80 18.80 -28.28
C TYR A 47 -26.61 18.86 -26.77
N HIS A 48 -27.74 18.72 -26.05
CA HIS A 48 -27.81 18.75 -24.59
C HIS A 48 -28.08 17.31 -24.12
N SER A 49 -27.02 16.62 -23.66
CA SER A 49 -27.08 15.20 -23.24
C SER A 49 -28.03 14.87 -22.08
N LYS A 50 -28.05 15.70 -21.02
CA LYS A 50 -28.90 15.48 -19.84
C LYS A 50 -30.36 15.82 -20.14
N GLU A 51 -30.60 16.84 -20.98
CA GLU A 51 -31.94 17.30 -21.37
C GLU A 51 -32.49 16.54 -22.56
N GLN A 52 -31.60 15.88 -23.35
CA GLN A 52 -31.91 15.14 -24.59
C GLN A 52 -32.56 16.08 -25.63
N GLN A 53 -32.02 17.31 -25.71
CA GLN A 53 -32.49 18.36 -26.61
C GLN A 53 -31.51 18.61 -27.73
N CYS A 54 -32.06 18.87 -28.93
CA CYS A 54 -31.33 19.12 -30.17
C CYS A 54 -31.74 20.50 -30.70
N VAL A 55 -30.76 21.40 -30.84
CA VAL A 55 -30.98 22.76 -31.35
C VAL A 55 -30.29 22.89 -32.72
N ILE A 56 -31.08 22.99 -33.79
CA ILE A 56 -30.57 23.14 -35.16
C ILE A 56 -30.54 24.64 -35.51
N MET A 57 -29.37 25.14 -35.96
CA MET A 57 -29.18 26.57 -36.21
C MET A 57 -28.64 26.93 -37.59
N ALA A 58 -29.00 28.14 -38.07
CA ALA A 58 -28.54 28.72 -39.35
C ALA A 58 -27.23 29.51 -39.15
N GLU A 59 -26.85 29.77 -37.88
CA GLU A 59 -25.65 30.54 -37.52
C GLU A 59 -24.51 29.66 -37.03
N ASN A 60 -23.30 30.24 -36.99
CA ASN A 60 -22.06 29.64 -36.47
C ASN A 60 -21.24 30.75 -35.77
N ARG A 61 -19.99 30.45 -35.34
CA ARG A 61 -19.12 31.43 -34.65
C ARG A 61 -18.81 32.71 -35.45
N LYS A 62 -18.90 32.66 -36.79
CA LYS A 62 -18.66 33.78 -37.70
C LYS A 62 -19.79 34.82 -37.67
N SER A 63 -21.04 34.36 -37.53
CA SER A 63 -22.23 35.22 -37.54
C SER A 63 -22.90 35.43 -36.18
N SER A 64 -22.60 34.57 -35.19
CA SER A 64 -23.17 34.65 -33.86
C SER A 64 -22.15 34.78 -32.72
N ILE A 65 -22.61 35.24 -31.55
CA ILE A 65 -21.80 35.40 -30.35
C ILE A 65 -21.72 34.06 -29.58
N ILE A 66 -20.54 33.72 -29.07
CA ILE A 66 -20.35 32.47 -28.32
C ILE A 66 -20.43 32.74 -26.82
N ILE A 67 -21.31 32.01 -26.14
CA ILE A 67 -21.49 32.10 -24.69
C ILE A 67 -21.32 30.70 -24.08
N ARG A 68 -20.63 30.64 -22.93
CA ARG A 68 -20.42 29.38 -22.23
C ARG A 68 -21.72 28.93 -21.56
N MET A 69 -22.02 27.61 -21.66
CA MET A 69 -23.21 27.01 -21.08
CA MET A 69 -23.23 27.00 -21.12
C MET A 69 -22.93 25.60 -20.56
N ARG A 70 -23.78 25.10 -19.66
CA ARG A 70 -23.68 23.76 -19.05
C ARG A 70 -24.44 22.80 -19.96
N ASP A 71 -24.11 21.49 -19.87
CA ASP A 71 -24.77 20.40 -20.61
C ASP A 71 -24.98 20.72 -22.11
N VAL A 72 -23.89 21.02 -22.83
CA VAL A 72 -23.95 21.37 -24.25
C VAL A 72 -22.65 21.06 -25.00
N VAL A 73 -22.80 20.64 -26.26
CA VAL A 73 -21.71 20.41 -27.20
C VAL A 73 -22.16 21.06 -28.51
N LEU A 74 -21.41 22.06 -28.98
CA LEU A 74 -21.68 22.77 -30.22
C LEU A 74 -20.95 22.09 -31.37
N PHE A 75 -21.69 21.73 -32.43
CA PHE A 75 -21.14 21.10 -33.62
C PHE A 75 -21.37 22.03 -34.81
N GLU A 76 -20.28 22.54 -35.38
CA GLU A 76 -20.34 23.45 -36.52
C GLU A 76 -19.84 22.76 -37.78
N LYS A 77 -20.60 22.90 -38.91
CA LYS A 77 -20.22 22.35 -40.20
C LYS A 77 -18.92 23.01 -40.67
N LYS A 78 -17.89 22.18 -40.94
CA LYS A 78 -16.54 22.61 -41.34
C LYS A 78 -16.50 23.52 -42.57
N VAL A 79 -17.35 23.23 -43.59
CA VAL A 79 -17.42 24.03 -44.83
C VAL A 79 -17.76 25.51 -44.62
N TYR A 80 -18.64 25.80 -43.65
CA TYR A 80 -19.07 27.17 -43.33
C TYR A 80 -18.10 27.92 -42.42
N LEU A 81 -17.00 27.24 -41.98
CA LEU A 81 -15.96 27.82 -41.15
C LEU A 81 -14.67 28.04 -41.96
N SER A 82 -14.41 27.16 -42.94
CA SER A 82 -13.23 27.19 -43.80
C SER A 82 -13.24 28.36 -44.79
N GLU A 83 -12.23 29.24 -44.66
CA GLU A 83 -12.06 30.40 -45.55
C GLU A 83 -11.07 30.04 -46.68
N CYS A 84 -11.14 28.79 -47.17
CA CYS A 84 -10.29 28.26 -48.22
C CYS A 84 -11.09 27.39 -49.21
N LYS A 85 -10.51 27.15 -50.40
CA LYS A 85 -11.13 26.33 -51.46
C LYS A 85 -10.38 25.04 -51.76
N THR A 86 -11.11 24.03 -52.27
CA THR A 86 -10.59 22.73 -52.69
C THR A 86 -11.04 22.52 -54.14
N GLY A 87 -10.07 22.25 -55.02
CA GLY A 87 -10.31 22.06 -56.45
C GLY A 87 -10.83 23.31 -57.13
N ASN A 88 -11.98 23.20 -57.81
CA ASN A 88 -12.63 24.30 -58.51
C ASN A 88 -13.58 25.14 -57.60
N GLY A 89 -13.57 24.84 -56.30
CA GLY A 89 -14.37 25.52 -55.30
C GLY A 89 -15.88 25.35 -55.43
N LYS A 90 -16.33 24.18 -55.92
CA LYS A 90 -17.75 23.86 -56.09
C LYS A 90 -18.45 23.78 -54.71
N ASN A 91 -17.75 23.23 -53.70
CA ASN A 91 -18.26 23.06 -52.34
C ASN A 91 -17.83 24.19 -51.38
N TYR A 92 -17.14 25.23 -51.91
CA TYR A 92 -16.66 26.38 -51.14
C TYR A 92 -17.82 27.18 -50.56
N ARG A 93 -17.77 27.46 -49.24
CA ARG A 93 -18.81 28.22 -48.54
C ARG A 93 -18.26 29.35 -47.63
N GLY A 94 -17.14 29.94 -48.04
CA GLY A 94 -16.48 31.04 -47.33
C GLY A 94 -17.14 32.38 -47.54
N THR A 95 -16.53 33.45 -46.99
CA THR A 95 -17.09 34.82 -47.04
C THR A 95 -16.38 35.83 -47.98
N MET A 96 -15.55 35.35 -48.94
CA MET A 96 -14.87 36.22 -49.90
C MET A 96 -15.92 36.95 -50.73
N SER A 97 -16.01 38.28 -50.56
CA SER A 97 -17.02 39.13 -51.21
C SER A 97 -16.45 40.16 -52.19
N LYS A 98 -15.23 39.93 -52.68
CA LYS A 98 -14.57 40.79 -53.67
C LYS A 98 -13.84 39.99 -54.74
N THR A 99 -13.74 40.54 -55.96
CA THR A 99 -13.09 39.90 -57.10
C THR A 99 -11.56 39.93 -56.97
N LYS A 100 -10.85 39.30 -57.92
CA LYS A 100 -9.38 39.27 -57.97
C LYS A 100 -8.79 40.67 -58.27
N ASN A 101 -9.64 41.60 -58.74
CA ASN A 101 -9.28 42.98 -59.08
C ASN A 101 -9.83 44.01 -58.06
N GLY A 102 -10.32 43.52 -56.92
CA GLY A 102 -10.81 44.33 -55.80
C GLY A 102 -12.23 44.85 -55.86
N ILE A 103 -13.01 44.47 -56.89
CA ILE A 103 -14.39 44.94 -57.03
C ILE A 103 -15.32 44.14 -56.11
N THR A 104 -16.15 44.85 -55.32
CA THR A 104 -17.15 44.28 -54.41
C THR A 104 -18.18 43.49 -55.22
N CYS A 105 -18.56 42.29 -54.72
CA CYS A 105 -19.52 41.43 -55.39
C CYS A 105 -20.95 41.92 -55.22
N GLN A 106 -21.79 41.64 -56.22
CA GLN A 106 -23.22 41.93 -56.24
C GLN A 106 -23.89 40.75 -55.53
N LYS A 107 -25.02 41.02 -54.84
CA LYS A 107 -25.79 39.99 -54.16
C LYS A 107 -26.43 39.06 -55.20
N TRP A 108 -26.38 37.74 -54.97
CA TRP A 108 -26.93 36.72 -55.88
C TRP A 108 -28.45 36.87 -56.06
N SER A 109 -29.13 37.49 -55.06
CA SER A 109 -30.57 37.75 -55.04
C SER A 109 -30.93 39.08 -55.72
N SER A 110 -29.93 39.97 -55.96
CA SER A 110 -30.12 41.26 -56.60
C SER A 110 -30.08 41.15 -58.12
N THR A 111 -30.84 42.00 -58.82
CA THR A 111 -30.92 42.02 -60.29
C THR A 111 -30.31 43.32 -60.87
N SER A 112 -29.55 44.06 -60.05
CA SER A 112 -28.89 45.31 -60.42
C SER A 112 -27.45 45.37 -59.86
N PRO A 113 -26.41 45.76 -60.65
CA PRO A 113 -26.45 46.18 -62.07
C PRO A 113 -26.60 45.06 -63.11
N HIS A 114 -26.46 43.79 -62.69
CA HIS A 114 -26.56 42.63 -63.57
C HIS A 114 -27.68 41.68 -63.17
N ARG A 115 -28.36 41.08 -64.16
CA ARG A 115 -29.43 40.10 -63.95
C ARG A 115 -28.80 38.71 -63.91
N PRO A 116 -28.74 38.03 -62.73
CA PRO A 116 -28.08 36.72 -62.66
C PRO A 116 -28.71 35.57 -63.43
N ARG A 117 -27.87 34.64 -63.88
CA ARG A 117 -28.23 33.39 -64.55
C ARG A 117 -28.23 32.31 -63.48
N PHE A 118 -27.49 32.57 -62.39
CA PHE A 118 -27.33 31.71 -61.21
C PHE A 118 -27.74 32.52 -59.98
N SER A 119 -28.87 32.13 -59.37
CA SER A 119 -29.48 32.78 -58.22
C SER A 119 -30.03 31.73 -57.24
N PRO A 120 -30.38 32.07 -55.96
CA PRO A 120 -30.93 31.04 -55.05
C PRO A 120 -32.25 30.42 -55.54
N ALA A 121 -33.00 31.14 -56.40
CA ALA A 121 -34.26 30.68 -56.98
C ALA A 121 -34.03 29.61 -58.05
N THR A 122 -33.05 29.83 -58.94
CA THR A 122 -32.71 28.92 -60.04
C THR A 122 -31.86 27.73 -59.56
N HIS A 123 -30.84 28.01 -58.70
CA HIS A 123 -29.94 27.00 -58.16
C HIS A 123 -29.92 27.03 -56.62
N PRO A 124 -30.90 26.37 -55.95
CA PRO A 124 -30.97 26.42 -54.47
C PRO A 124 -29.93 25.62 -53.70
N SER A 125 -29.31 24.60 -54.32
CA SER A 125 -28.31 23.75 -53.67
C SER A 125 -26.87 24.25 -53.87
N GLU A 126 -26.69 25.45 -54.45
CA GLU A 126 -25.38 26.03 -54.75
C GLU A 126 -24.82 27.02 -53.71
N GLY A 127 -25.57 27.23 -52.62
CA GLY A 127 -25.20 28.12 -51.52
C GLY A 127 -24.91 29.54 -51.92
N LEU A 128 -25.74 30.09 -52.84
CA LEU A 128 -25.60 31.46 -53.35
C LEU A 128 -26.12 32.48 -52.33
N GLU A 129 -25.40 32.58 -51.21
CA GLU A 129 -25.68 33.42 -50.05
C GLU A 129 -24.98 34.79 -50.16
N GLU A 130 -25.65 35.85 -49.68
CA GLU A 130 -25.18 37.24 -49.64
C GLU A 130 -24.56 37.65 -50.99
N ASN A 131 -23.28 38.10 -50.97
CA ASN A 131 -22.50 38.47 -52.15
C ASN A 131 -21.17 37.67 -52.14
N TYR A 132 -21.23 36.45 -51.57
CA TYR A 132 -20.05 35.59 -51.44
C TYR A 132 -19.69 34.91 -52.75
N CYS A 133 -18.37 34.74 -52.99
CA CYS A 133 -17.85 34.10 -54.19
C CYS A 133 -18.20 32.62 -54.18
N ARG A 134 -18.78 32.13 -55.29
CA ARG A 134 -19.21 30.74 -55.44
C ARG A 134 -18.96 30.22 -56.85
N ASN A 135 -18.96 28.89 -57.02
CA ASN A 135 -18.83 28.25 -58.33
C ASN A 135 -20.08 27.39 -58.63
N PRO A 136 -21.21 28.02 -59.03
CA PRO A 136 -22.43 27.24 -59.30
C PRO A 136 -22.52 26.62 -60.70
N ASP A 137 -21.61 27.01 -61.62
CA ASP A 137 -21.63 26.55 -63.01
C ASP A 137 -20.48 25.61 -63.44
N ASN A 138 -19.81 24.96 -62.46
CA ASN A 138 -18.68 24.03 -62.68
C ASN A 138 -17.54 24.66 -63.49
N ASP A 139 -17.28 25.96 -63.25
CA ASP A 139 -16.25 26.73 -63.93
C ASP A 139 -14.86 26.22 -63.54
N PRO A 140 -14.01 25.82 -64.52
CA PRO A 140 -12.67 25.32 -64.16
C PRO A 140 -11.75 26.35 -63.51
N GLN A 141 -12.05 27.66 -63.70
CA GLN A 141 -11.29 28.78 -63.13
C GLN A 141 -11.58 29.05 -61.65
N GLY A 142 -12.56 28.36 -61.08
CA GLY A 142 -12.90 28.47 -59.67
C GLY A 142 -14.06 29.40 -59.32
N PRO A 143 -14.27 29.66 -58.00
CA PRO A 143 -15.38 30.54 -57.59
C PRO A 143 -15.30 31.96 -58.15
N TRP A 144 -16.48 32.54 -58.38
CA TRP A 144 -16.66 33.86 -58.96
C TRP A 144 -17.89 34.54 -58.35
N CYS A 145 -18.17 35.78 -58.80
CA CYS A 145 -19.32 36.56 -58.36
C CYS A 145 -19.66 37.60 -59.42
N TYR A 146 -20.94 38.06 -59.43
CA TYR A 146 -21.35 39.15 -60.31
C TYR A 146 -20.81 40.41 -59.63
N THR A 147 -20.15 41.28 -60.39
CA THR A 147 -19.51 42.48 -59.83
C THR A 147 -20.48 43.66 -59.68
N THR A 148 -20.14 44.62 -58.79
CA THR A 148 -20.93 45.84 -58.59
C THR A 148 -20.68 46.82 -59.74
N ASP A 149 -19.58 46.62 -60.49
CA ASP A 149 -19.19 47.41 -61.65
C ASP A 149 -20.12 47.04 -62.83
N PRO A 150 -20.88 48.01 -63.40
CA PRO A 150 -21.78 47.67 -64.53
C PRO A 150 -21.07 47.24 -65.81
N GLU A 151 -19.77 47.59 -65.94
CA GLU A 151 -18.95 47.26 -67.10
C GLU A 151 -18.40 45.82 -67.04
N LYS A 152 -18.36 45.21 -65.84
CA LYS A 152 -17.89 43.85 -65.63
C LYS A 152 -19.02 42.97 -65.09
N ARG A 153 -19.55 42.06 -65.94
CA ARG A 153 -20.66 41.14 -65.59
C ARG A 153 -20.32 40.27 -64.38
N TYR A 154 -19.23 39.48 -64.47
CA TYR A 154 -18.76 38.60 -63.41
C TYR A 154 -17.25 38.50 -63.47
N ASP A 155 -16.61 38.15 -62.35
CA ASP A 155 -15.16 37.95 -62.27
C ASP A 155 -14.79 36.98 -61.16
N TYR A 156 -13.67 36.28 -61.34
CA TYR A 156 -13.14 35.29 -60.41
C TYR A 156 -12.54 35.96 -59.18
N CYS A 157 -12.55 35.23 -58.06
CA CYS A 157 -12.06 35.73 -56.77
C CYS A 157 -10.75 35.06 -56.36
N ASP A 158 -9.93 35.78 -55.58
CA ASP A 158 -8.68 35.25 -55.07
C ASP A 158 -8.93 34.62 -53.70
N ILE A 159 -9.05 33.28 -53.67
CA ILE A 159 -9.30 32.49 -52.47
C ILE A 159 -8.13 31.54 -52.24
N LEU A 160 -7.68 31.44 -50.98
CA LEU A 160 -6.60 30.55 -50.54
C LEU A 160 -7.01 29.09 -50.73
N GLU A 161 -6.09 28.23 -51.17
CA GLU A 161 -6.36 26.82 -51.36
C GLU A 161 -6.23 26.08 -50.01
N CYS A 162 -7.19 25.18 -49.70
CA CYS A 162 -7.15 24.37 -48.47
C CYS A 162 -5.96 23.43 -48.52
N GLU A 163 -5.44 23.07 -47.34
CA GLU A 163 -4.31 22.15 -47.23
C GLU A 163 -4.81 20.71 -47.05
N GLU A 164 -5.72 20.28 -47.97
CA GLU A 164 -6.34 18.95 -47.97
C GLU A 164 -5.75 18.04 -49.05
N GLU A 165 -5.66 18.53 -50.31
CA GLU A 165 -5.10 17.79 -51.44
C GLU A 165 -3.59 17.99 -51.54
N CYS A 166 -3.10 19.13 -51.01
CA CYS A 166 -1.70 19.53 -51.02
C CYS A 166 -1.33 20.27 -49.72
N MET A 167 -0.14 20.89 -49.67
CA MET A 167 0.32 21.64 -48.51
C MET A 167 1.01 22.96 -48.88
N HIS A 168 0.96 23.93 -47.97
CA HIS A 168 1.64 25.21 -48.09
C HIS A 168 2.80 25.20 -47.11
N CYS A 169 3.90 25.91 -47.45
CA CYS A 169 5.11 26.05 -46.63
C CYS A 169 5.76 24.70 -46.23
N SER A 170 5.72 24.36 -44.93
CA SER A 170 6.31 23.13 -44.37
C SER A 170 5.25 22.12 -43.94
N GLY A 171 3.98 22.44 -44.17
CA GLY A 171 2.86 21.58 -43.79
C GLY A 171 2.51 21.65 -42.32
N GLU A 172 2.82 22.80 -41.68
CA GLU A 172 2.51 23.07 -40.26
C GLU A 172 0.99 23.24 -40.07
N ASN A 173 0.29 23.61 -41.16
CA ASN A 173 -1.15 23.79 -41.20
C ASN A 173 -1.81 22.79 -42.17
N TYR A 174 -1.11 21.67 -42.46
CA TYR A 174 -1.61 20.61 -43.32
C TYR A 174 -2.81 19.93 -42.67
N ASP A 175 -3.92 19.85 -43.40
CA ASP A 175 -5.18 19.30 -42.91
C ASP A 175 -5.69 18.13 -43.77
N GLY A 176 -4.78 17.53 -44.55
CA GLY A 176 -5.09 16.38 -45.41
C GLY A 176 -5.15 15.07 -44.67
N LYS A 177 -5.55 14.01 -45.39
CA LYS A 177 -5.75 12.69 -44.80
C LYS A 177 -4.73 11.59 -45.15
N ILE A 178 -3.55 11.99 -45.69
CA ILE A 178 -2.46 11.04 -46.00
C ILE A 178 -1.94 10.45 -44.69
N SER A 179 -1.99 9.11 -44.57
CA SER A 179 -1.58 8.35 -43.39
C SER A 179 -0.51 7.30 -43.75
N LYS A 180 0.35 7.64 -44.72
CA LYS A 180 1.42 6.78 -45.21
C LYS A 180 2.72 7.57 -45.30
N THR A 181 3.84 6.94 -44.94
CA THR A 181 5.17 7.58 -45.02
C THR A 181 5.73 7.46 -46.44
N MET A 182 6.85 8.15 -46.73
CA MET A 182 7.54 8.13 -48.02
C MET A 182 7.98 6.72 -48.47
N SER A 183 8.26 5.81 -47.51
CA SER A 183 8.68 4.43 -47.79
C SER A 183 7.51 3.44 -47.80
N GLY A 184 6.29 3.94 -47.60
CA GLY A 184 5.07 3.14 -47.61
C GLY A 184 4.62 2.55 -46.29
N LEU A 185 5.22 2.99 -45.17
CA LEU A 185 4.86 2.50 -43.84
C LEU A 185 3.59 3.19 -43.35
N GLU A 186 2.75 2.47 -42.59
CA GLU A 186 1.51 3.03 -42.07
C GLU A 186 1.78 3.90 -40.85
N CYS A 187 1.09 5.05 -40.77
CA CYS A 187 1.21 5.98 -39.66
C CYS A 187 0.57 5.41 -38.40
N GLN A 188 1.20 5.63 -37.25
CA GLN A 188 0.68 5.27 -35.94
C GLN A 188 -0.23 6.43 -35.55
N ALA A 189 -1.37 6.13 -34.90
CA ALA A 189 -2.31 7.17 -34.45
C ALA A 189 -1.63 8.04 -33.39
N TRP A 190 -1.81 9.38 -33.46
CA TRP A 190 -1.22 10.32 -32.50
C TRP A 190 -1.68 10.07 -31.06
N ASP A 191 -2.94 9.66 -30.85
N ASP A 191 -2.94 9.65 -30.87
CA ASP A 191 -3.50 9.36 -29.53
CA ASP A 191 -3.53 9.34 -29.55
C ASP A 191 -2.96 8.04 -28.95
C ASP A 191 -3.08 7.97 -29.00
N SER A 192 -2.30 7.22 -29.80
CA SER A 192 -1.74 5.91 -29.41
C SER A 192 -0.29 6.06 -28.97
N GLN A 193 0.14 5.21 -28.03
CA GLN A 193 1.50 5.16 -27.52
C GLN A 193 2.17 3.82 -27.89
N SER A 194 1.51 3.06 -28.78
CA SER A 194 1.96 1.76 -29.25
C SER A 194 1.95 1.67 -30.79
N PRO A 195 3.02 1.13 -31.45
CA PRO A 195 4.24 0.55 -30.87
C PRO A 195 5.26 1.56 -30.32
N HIS A 196 5.16 2.84 -30.72
CA HIS A 196 6.10 3.87 -30.28
C HIS A 196 5.54 4.87 -29.29
N ALA A 197 6.18 4.95 -28.11
CA ALA A 197 5.84 5.89 -27.06
C ALA A 197 6.41 7.25 -27.46
N HIS A 198 5.63 8.33 -27.29
CA HIS A 198 6.05 9.67 -27.71
C HIS A 198 5.48 10.81 -26.86
N GLY A 199 6.09 11.99 -27.03
CA GLY A 199 5.71 13.22 -26.35
C GLY A 199 4.83 14.16 -27.14
N TYR A 200 4.31 13.70 -28.29
CA TYR A 200 3.39 14.50 -29.12
C TYR A 200 1.95 14.09 -28.81
N ILE A 201 1.60 14.12 -27.51
CA ILE A 201 0.29 13.74 -26.98
C ILE A 201 -0.75 14.80 -27.43
N PRO A 202 -1.80 14.39 -28.19
CA PRO A 202 -2.79 15.36 -28.66
C PRO A 202 -3.47 16.19 -27.57
N SER A 203 -3.70 15.62 -26.36
CA SER A 203 -4.30 16.36 -25.24
C SER A 203 -3.34 17.43 -24.69
N LYS A 204 -2.02 17.23 -24.88
CA LYS A 204 -0.97 18.18 -24.46
C LYS A 204 -0.70 19.22 -25.55
N PHE A 205 -1.07 18.91 -26.80
CA PHE A 205 -0.96 19.80 -27.96
C PHE A 205 -2.31 19.82 -28.70
N PRO A 206 -3.38 20.40 -28.09
CA PRO A 206 -4.70 20.35 -28.73
C PRO A 206 -4.94 21.28 -29.90
N ASN A 207 -4.04 22.25 -30.13
CA ASN A 207 -4.13 23.22 -31.23
C ASN A 207 -3.19 22.87 -32.39
N LYS A 208 -2.51 21.70 -32.33
CA LYS A 208 -1.57 21.22 -33.34
C LYS A 208 -2.21 20.30 -34.40
N ASN A 209 -3.53 20.05 -34.29
CA ASN A 209 -4.33 19.23 -35.22
C ASN A 209 -3.78 17.79 -35.43
N LEU A 210 -3.34 17.15 -34.34
CA LEU A 210 -2.81 15.78 -34.38
C LEU A 210 -3.95 14.77 -34.31
N LYS A 211 -4.75 14.71 -35.39
CA LYS A 211 -5.93 13.85 -35.50
C LYS A 211 -5.64 12.55 -36.22
N LYS A 212 -6.28 11.45 -35.76
CA LYS A 212 -6.17 10.08 -36.28
C LYS A 212 -4.69 9.67 -36.43
N ASN A 213 -4.31 9.15 -37.61
CA ASN A 213 -2.93 8.78 -37.93
C ASN A 213 -2.46 9.58 -39.17
N TYR A 214 -2.99 10.78 -39.36
CA TYR A 214 -2.63 11.63 -40.49
C TYR A 214 -1.26 12.26 -40.30
N CYS A 215 -0.51 12.44 -41.41
CA CYS A 215 0.81 13.08 -41.42
C CYS A 215 0.65 14.53 -41.00
N ARG A 216 1.44 14.96 -40.01
CA ARG A 216 1.38 16.32 -39.48
C ARG A 216 2.78 16.87 -39.21
N ASN A 217 2.90 18.21 -39.10
CA ASN A 217 4.18 18.87 -38.81
C ASN A 217 4.06 19.76 -37.54
N PRO A 218 4.08 19.16 -36.33
CA PRO A 218 3.93 19.98 -35.11
C PRO A 218 5.25 20.52 -34.53
N ASP A 219 6.41 20.06 -35.02
CA ASP A 219 7.73 20.40 -34.48
C ASP A 219 8.72 21.09 -35.45
N ARG A 220 8.22 21.93 -36.38
CA ARG A 220 9.02 22.66 -37.37
C ARG A 220 9.97 21.77 -38.21
N GLU A 221 9.47 20.59 -38.59
CA GLU A 221 10.18 19.61 -39.42
C GLU A 221 10.14 20.08 -40.88
N LEU A 222 10.97 19.49 -41.75
CA LEU A 222 11.04 19.83 -43.19
C LEU A 222 9.65 19.78 -43.85
N ARG A 223 8.88 18.72 -43.56
CA ARG A 223 7.53 18.48 -44.08
C ARG A 223 6.73 17.56 -43.14
N PRO A 224 5.39 17.38 -43.30
CA PRO A 224 4.65 16.48 -42.39
C PRO A 224 5.23 15.07 -42.32
N TRP A 225 5.11 14.48 -41.14
CA TRP A 225 5.64 13.18 -40.78
C TRP A 225 4.65 12.53 -39.81
N CYS A 226 4.95 11.31 -39.36
CA CYS A 226 4.14 10.55 -38.42
C CYS A 226 5.01 9.45 -37.82
N PHE A 227 4.57 8.91 -36.67
CA PHE A 227 5.21 7.76 -36.06
C PHE A 227 4.70 6.56 -36.85
N THR A 228 5.53 5.52 -37.04
CA THR A 228 5.10 4.37 -37.85
C THR A 228 4.58 3.19 -37.04
N THR A 229 3.80 2.30 -37.68
CA THR A 229 3.28 1.09 -37.03
C THR A 229 4.37 0.01 -36.96
N ASP A 230 5.47 0.18 -37.71
CA ASP A 230 6.60 -0.75 -37.71
C ASP A 230 7.39 -0.58 -36.40
N PRO A 231 7.60 -1.66 -35.62
CA PRO A 231 8.31 -1.54 -34.33
C PRO A 231 9.77 -1.07 -34.39
N ASN A 232 10.43 -1.20 -35.56
CA ASN A 232 11.83 -0.80 -35.71
C ASN A 232 12.06 0.62 -36.24
N LYS A 233 11.07 1.20 -36.93
CA LYS A 233 11.14 2.56 -37.45
C LYS A 233 10.23 3.46 -36.60
N ARG A 234 10.82 4.30 -35.72
CA ARG A 234 10.06 5.19 -34.84
C ARG A 234 9.16 6.16 -35.58
N TRP A 235 9.73 6.93 -36.52
CA TRP A 235 9.01 7.91 -37.32
C TRP A 235 9.65 8.05 -38.70
N GLU A 236 8.90 8.62 -39.65
CA GLU A 236 9.37 8.88 -41.01
C GLU A 236 8.58 10.01 -41.65
N LEU A 237 9.23 10.77 -42.55
CA LEU A 237 8.62 11.86 -43.31
C LEU A 237 7.56 11.31 -44.27
N CYS A 238 6.60 12.15 -44.62
CA CYS A 238 5.55 11.80 -45.56
C CYS A 238 5.76 12.56 -46.86
N ASP A 239 5.35 11.97 -47.99
CA ASP A 239 5.44 12.62 -49.29
C ASP A 239 4.12 13.34 -49.53
N ILE A 240 4.07 14.61 -49.09
CA ILE A 240 2.88 15.46 -49.23
C ILE A 240 3.08 16.39 -50.43
N PRO A 241 2.14 16.43 -51.39
CA PRO A 241 2.31 17.34 -52.54
C PRO A 241 2.28 18.82 -52.13
N ARG A 242 3.06 19.65 -52.84
CA ARG A 242 3.12 21.09 -52.59
C ARG A 242 2.05 21.76 -53.44
N CYS A 243 1.32 22.75 -52.87
CA CYS A 243 0.31 23.49 -53.62
C CYS A 243 1.02 24.40 -54.62
N THR A 244 0.45 24.53 -55.83
CA THR A 244 1.00 25.36 -56.91
C THR A 244 0.47 26.81 -56.80
N THR A 245 -0.48 27.02 -55.88
CA THR A 245 -1.13 28.30 -55.60
C THR A 245 -0.38 29.07 -54.48
N PRO A 246 -0.52 30.42 -54.38
CA PRO A 246 0.21 31.16 -53.33
C PRO A 246 -0.12 30.74 -51.89
N PRO A 247 0.88 30.76 -50.97
CA PRO A 247 0.61 30.34 -49.57
C PRO A 247 -0.23 31.34 -48.77
N PRO A 248 -0.68 31.03 -47.51
CA PRO A 248 -1.47 32.01 -46.75
C PRO A 248 -0.70 33.29 -46.44
N SER A 249 -1.42 34.40 -46.24
CA SER A 249 -0.85 35.71 -45.95
C SER A 249 -0.13 35.70 -44.59
N SER A 250 1.11 36.21 -44.57
CA SER A 250 1.95 36.29 -43.37
C SER A 250 1.78 37.63 -42.65
N GLY A 251 0.79 38.42 -43.09
CA GLY A 251 0.48 39.73 -42.54
C GLY A 251 1.06 40.86 -43.36
N PRO A 252 1.06 42.11 -42.84
CA PRO A 252 1.64 43.24 -43.61
C PRO A 252 3.15 43.15 -43.73
N THR A 253 3.67 43.40 -44.94
CA THR A 253 5.09 43.34 -45.26
C THR A 253 5.67 44.75 -45.46
N TYR A 254 6.83 45.02 -44.83
CA TYR A 254 7.49 46.33 -44.91
C TYR A 254 8.93 46.23 -45.41
N GLN A 255 9.35 47.24 -46.22
CA GLN A 255 10.69 47.36 -46.78
C GLN A 255 11.62 48.15 -45.82
N CYS A 256 11.16 48.32 -44.57
CA CYS A 256 11.86 49.02 -43.48
C CYS A 256 11.72 48.23 -42.17
N LEU A 257 12.62 48.48 -41.20
CA LEU A 257 12.63 47.78 -39.90
C LEU A 257 11.43 48.13 -39.01
N LYS A 258 10.74 47.08 -38.52
CA LYS A 258 9.59 47.15 -37.62
C LYS A 258 9.67 45.98 -36.64
N GLY A 259 9.92 46.28 -35.37
CA GLY A 259 10.05 45.30 -34.30
C GLY A 259 11.32 44.48 -34.43
N THR A 260 11.18 43.14 -34.40
CA THR A 260 12.30 42.20 -34.53
C THR A 260 12.76 42.06 -36.01
N GLY A 261 11.94 42.55 -36.93
CA GLY A 261 12.22 42.50 -38.36
C GLY A 261 11.80 41.20 -39.02
N GLU A 262 10.84 40.48 -38.41
CA GLU A 262 10.30 39.21 -38.92
C GLU A 262 9.44 39.45 -40.16
N ASN A 263 8.92 40.68 -40.31
CA ASN A 263 8.08 41.13 -41.43
C ASN A 263 8.87 41.91 -42.49
N TYR A 264 10.20 42.06 -42.30
CA TYR A 264 11.09 42.78 -43.22
C TYR A 264 11.31 42.03 -44.53
N ARG A 265 11.04 42.70 -45.66
CA ARG A 265 11.19 42.14 -47.00
C ARG A 265 11.98 43.07 -47.94
N GLY A 266 12.90 43.84 -47.36
CA GLY A 266 13.74 44.79 -48.09
C GLY A 266 14.84 44.15 -48.92
N ASN A 267 15.62 44.99 -49.62
CA ASN A 267 16.70 44.56 -50.51
C ASN A 267 18.14 44.77 -49.98
N VAL A 268 18.29 45.00 -48.65
CA VAL A 268 19.61 45.19 -48.03
C VAL A 268 20.38 43.86 -48.01
N ALA A 269 21.54 43.83 -48.69
CA ALA A 269 22.39 42.64 -48.81
C ALA A 269 23.82 42.87 -48.28
N VAL A 270 23.93 43.67 -47.18
CA VAL A 270 25.19 44.01 -46.50
C VAL A 270 24.98 44.05 -44.98
N THR A 271 25.92 43.48 -44.20
CA THR A 271 25.88 43.43 -42.74
C THR A 271 26.18 44.79 -42.09
N VAL A 272 26.13 44.83 -40.74
CA VAL A 272 26.43 46.04 -39.93
C VAL A 272 27.91 46.48 -40.06
N SER A 273 28.82 45.52 -40.36
CA SER A 273 30.25 45.77 -40.53
C SER A 273 30.70 45.91 -41.99
N GLY A 274 29.74 46.02 -42.91
CA GLY A 274 29.98 46.19 -44.34
C GLY A 274 30.26 44.95 -45.16
N HIS A 275 30.23 43.75 -44.52
CA HIS A 275 30.47 42.48 -45.21
C HIS A 275 29.30 42.13 -46.14
N THR A 276 29.61 41.55 -47.31
CA THR A 276 28.61 41.12 -48.30
C THR A 276 27.86 39.88 -47.79
N CYS A 277 26.52 39.89 -47.91
CA CYS A 277 25.65 38.80 -47.48
C CYS A 277 25.81 37.56 -48.35
N GLN A 278 25.83 36.38 -47.71
CA GLN A 278 25.90 35.09 -48.39
C GLN A 278 24.47 34.72 -48.76
N HIS A 279 24.27 34.18 -49.98
CA HIS A 279 22.96 33.75 -50.46
C HIS A 279 22.43 32.63 -49.56
N TRP A 280 21.14 32.71 -49.18
CA TRP A 280 20.48 31.71 -48.32
C TRP A 280 20.48 30.32 -48.98
N SER A 281 20.46 30.30 -50.33
CA SER A 281 20.51 29.08 -51.14
C SER A 281 21.96 28.57 -51.31
N ALA A 282 22.96 29.31 -50.77
CA ALA A 282 24.36 28.92 -50.85
C ALA A 282 24.86 28.32 -49.52
N GLN A 283 25.82 27.38 -49.62
CA GLN A 283 26.42 26.69 -48.46
C GLN A 283 27.93 26.96 -48.34
N THR A 284 28.42 28.00 -49.06
CA THR A 284 29.82 28.44 -49.04
C THR A 284 29.90 29.95 -48.81
N PRO A 285 30.82 30.45 -47.94
CA PRO A 285 31.82 29.70 -47.15
C PRO A 285 31.28 29.03 -45.88
N HIS A 286 30.00 29.28 -45.54
CA HIS A 286 29.39 28.72 -44.33
C HIS A 286 28.21 27.80 -44.62
N THR A 287 28.20 26.62 -43.97
CA THR A 287 27.12 25.64 -44.05
C THR A 287 26.09 25.98 -42.98
N HIS A 288 24.79 25.87 -43.30
CA HIS A 288 23.70 26.23 -42.39
C HIS A 288 22.40 25.52 -42.73
N ASN A 289 21.42 25.57 -41.80
CA ASN A 289 20.09 24.99 -41.98
C ASN A 289 19.00 26.08 -42.12
N ARG A 290 19.43 27.35 -42.32
CA ARG A 290 18.52 28.48 -42.54
C ARG A 290 18.37 28.64 -44.05
N THR A 291 17.91 27.55 -44.67
CA THR A 291 17.72 27.37 -46.10
C THR A 291 16.29 27.68 -46.53
N PRO A 292 16.05 28.04 -47.82
CA PRO A 292 14.66 28.26 -48.28
C PRO A 292 13.79 26.99 -48.17
N GLU A 293 14.42 25.80 -48.11
CA GLU A 293 13.73 24.51 -47.98
C GLU A 293 13.19 24.33 -46.55
N ASN A 294 13.95 24.80 -45.54
CA ASN A 294 13.58 24.70 -44.12
C ASN A 294 12.66 25.85 -43.68
N PHE A 295 12.76 27.01 -44.36
CA PHE A 295 11.93 28.19 -44.10
C PHE A 295 11.32 28.66 -45.43
N PRO A 296 10.33 27.91 -46.00
CA PRO A 296 9.80 28.30 -47.32
C PRO A 296 8.89 29.51 -47.40
N CYS A 297 8.25 29.88 -46.27
CA CYS A 297 7.36 31.05 -46.26
C CYS A 297 7.95 32.23 -45.46
N LYS A 298 9.29 32.28 -45.38
CA LYS A 298 10.03 33.34 -44.68
C LYS A 298 10.80 34.26 -45.64
N ASN A 299 10.64 34.03 -46.98
CA ASN A 299 11.24 34.78 -48.07
C ASN A 299 12.77 34.91 -48.00
N LEU A 300 13.46 33.75 -47.96
CA LEU A 300 14.93 33.71 -47.93
C LEU A 300 15.45 33.72 -49.38
N ASP A 301 15.10 34.80 -50.10
CA ASP A 301 15.44 35.02 -51.50
C ASP A 301 16.75 35.78 -51.63
N GLU A 302 17.56 35.41 -52.65
CA GLU A 302 18.88 35.98 -52.95
C GLU A 302 19.76 36.02 -51.69
N ASN A 303 20.32 37.19 -51.34
CA ASN A 303 21.14 37.39 -50.16
C ASN A 303 20.61 38.57 -49.30
N TYR A 304 19.27 38.79 -49.32
CA TYR A 304 18.66 39.88 -48.56
C TYR A 304 18.60 39.55 -47.07
N CYS A 305 18.78 40.57 -46.21
CA CYS A 305 18.74 40.45 -44.76
C CYS A 305 17.33 40.07 -44.30
N ARG A 306 17.20 39.00 -43.49
CA ARG A 306 15.92 38.49 -42.99
C ARG A 306 16.03 38.00 -41.55
N ASN A 307 14.88 37.83 -40.87
CA ASN A 307 14.81 37.30 -39.51
C ASN A 307 13.85 36.09 -39.51
N PRO A 308 14.32 34.89 -39.94
CA PRO A 308 13.42 33.73 -39.99
C PRO A 308 13.31 32.88 -38.72
N ASP A 309 14.39 32.85 -37.92
CA ASP A 309 14.51 32.05 -36.70
C ASP A 309 14.22 32.77 -35.37
N GLY A 310 13.76 34.01 -35.46
CA GLY A 310 13.41 34.81 -34.29
C GLY A 310 14.60 35.35 -33.51
N LYS A 311 15.45 36.13 -34.19
CA LYS A 311 16.62 36.78 -33.60
C LYS A 311 16.26 38.22 -33.19
N ARG A 312 17.26 39.06 -32.86
CA ARG A 312 17.04 40.45 -32.44
C ARG A 312 16.59 41.37 -33.58
N ALA A 313 17.25 41.26 -34.76
CA ALA A 313 16.99 42.08 -35.95
C ALA A 313 17.24 41.28 -37.25
N PRO A 314 16.85 41.76 -38.47
CA PRO A 314 17.16 40.99 -39.69
C PRO A 314 18.66 40.79 -39.86
N TRP A 315 19.06 39.56 -40.16
CA TRP A 315 20.45 39.16 -40.31
C TRP A 315 20.68 38.39 -41.62
N CYS A 316 21.94 37.98 -41.86
CA CYS A 316 22.37 37.20 -43.03
C CYS A 316 23.71 36.54 -42.74
N HIS A 317 24.06 35.49 -43.52
CA HIS A 317 25.36 34.83 -43.41
C HIS A 317 26.36 35.70 -44.20
N THR A 318 27.63 35.66 -43.82
CA THR A 318 28.67 36.49 -44.43
C THR A 318 29.52 35.74 -45.48
N THR A 319 29.91 36.45 -46.57
CA THR A 319 30.75 35.89 -47.65
C THR A 319 32.22 35.71 -47.24
N ASN A 320 32.62 36.33 -46.11
CA ASN A 320 33.96 36.23 -45.52
C ASN A 320 34.00 35.00 -44.61
N SER A 321 35.02 34.15 -44.79
CA SER A 321 35.24 32.90 -44.06
C SER A 321 35.35 33.03 -42.53
N GLN A 322 35.85 34.18 -42.03
CA GLN A 322 36.04 34.42 -40.60
C GLN A 322 34.75 34.75 -39.84
N VAL A 323 33.85 35.53 -40.46
CA VAL A 323 32.57 35.91 -39.85
C VAL A 323 31.46 35.02 -40.42
N ARG A 324 30.84 34.19 -39.56
CA ARG A 324 29.77 33.26 -39.97
C ARG A 324 28.48 34.00 -40.29
N TRP A 325 27.95 34.74 -39.31
CA TRP A 325 26.72 35.54 -39.45
C TRP A 325 26.85 36.85 -38.69
N GLU A 326 26.09 37.87 -39.11
CA GLU A 326 26.08 39.19 -38.50
C GLU A 326 24.75 39.89 -38.78
N TYR A 327 24.27 40.71 -37.81
CA TYR A 327 23.03 41.48 -37.94
C TYR A 327 23.17 42.58 -38.99
N CYS A 328 22.05 43.04 -39.56
CA CYS A 328 22.03 44.08 -40.57
C CYS A 328 21.49 45.40 -40.00
N LYS A 329 21.96 46.52 -40.56
CA LYS A 329 21.54 47.86 -40.15
C LYS A 329 20.40 48.33 -41.08
N ILE A 330 19.19 47.83 -40.82
CA ILE A 330 17.99 48.16 -41.61
C ILE A 330 17.38 49.49 -41.16
N PRO A 331 17.09 50.44 -42.10
CA PRO A 331 16.51 51.73 -41.67
C PRO A 331 15.11 51.58 -41.06
N SER A 332 14.98 52.00 -39.79
CA SER A 332 13.73 51.91 -39.04
C SER A 332 12.67 52.90 -39.52
N CYS A 333 11.39 52.54 -39.35
CA CYS A 333 10.24 53.35 -39.74
C CYS A 333 9.22 53.46 -38.60
N ASP A 334 8.88 54.70 -38.22
CA ASP A 334 7.93 55.00 -37.14
C ASP A 334 6.53 55.23 -37.69
N PRO A 345 3.40 36.75 -28.21
CA PRO A 345 2.92 36.25 -26.92
C PRO A 345 3.21 34.76 -26.72
N THR A 346 3.75 34.40 -25.53
CA THR A 346 4.10 33.02 -25.19
C THR A 346 3.19 32.45 -24.09
N ALA A 347 3.32 31.14 -23.81
CA ALA A 347 2.57 30.41 -22.79
C ALA A 347 3.00 30.85 -21.37
N PRO A 348 2.04 31.12 -20.45
CA PRO A 348 2.44 31.53 -19.09
C PRO A 348 3.05 30.39 -18.26
N PRO A 349 3.82 30.68 -17.17
CA PRO A 349 4.43 29.58 -16.40
C PRO A 349 3.43 28.72 -15.63
N GLU A 350 3.86 27.52 -15.22
CA GLU A 350 3.05 26.59 -14.44
C GLU A 350 3.19 26.96 -12.96
N LEU A 351 2.18 27.63 -12.40
CA LEU A 351 2.21 28.05 -11.00
C LEU A 351 1.12 27.41 -10.14
N THR A 352 0.46 26.34 -10.65
CA THR A 352 -0.60 25.60 -9.94
C THR A 352 -0.03 25.03 -8.65
N PRO A 353 -0.58 25.43 -7.48
CA PRO A 353 -0.05 24.92 -6.21
C PRO A 353 -0.27 23.42 -6.01
N VAL A 354 0.82 22.70 -5.65
CA VAL A 354 0.80 21.26 -5.37
C VAL A 354 0.09 21.00 -4.02
N VAL A 355 0.13 22.00 -3.12
CA VAL A 355 -0.59 22.01 -1.85
C VAL A 355 -1.90 22.66 -2.31
N GLN A 356 -2.85 21.83 -2.79
CA GLN A 356 -4.12 22.22 -3.40
C GLN A 356 -4.80 23.43 -2.77
N ASP A 357 -5.01 24.47 -3.59
CA ASP A 357 -5.65 25.72 -3.19
C ASP A 357 -7.13 25.49 -2.94
N CYS A 358 -7.72 26.28 -2.04
CA CYS A 358 -9.14 26.18 -1.72
C CYS A 358 -9.88 27.50 -1.94
N TYR A 359 -11.21 27.40 -2.16
CA TYR A 359 -12.07 28.55 -2.38
C TYR A 359 -13.22 28.62 -1.38
N HIS A 360 -13.62 29.86 -1.01
CA HIS A 360 -14.73 30.11 -0.09
C HIS A 360 -15.99 30.41 -0.88
N GLY A 361 -17.09 29.74 -0.52
CA GLY A 361 -18.39 29.90 -1.17
C GLY A 361 -18.38 29.48 -2.62
N ASP A 362 -18.64 30.43 -3.53
CA ASP A 362 -18.64 30.20 -4.97
C ASP A 362 -17.28 30.46 -5.63
N GLY A 363 -16.29 30.84 -4.83
CA GLY A 363 -14.93 31.11 -5.26
C GLY A 363 -14.72 32.39 -6.06
N GLN A 364 -15.59 33.39 -5.85
CA GLN A 364 -15.48 34.70 -6.52
C GLN A 364 -14.32 35.49 -5.91
N SER A 365 -14.02 35.23 -4.62
CA SER A 365 -12.95 35.87 -3.85
C SER A 365 -11.58 35.22 -4.08
N TYR A 366 -11.56 34.02 -4.71
CA TYR A 366 -10.34 33.27 -4.98
C TYR A 366 -9.36 34.02 -5.89
N ARG A 367 -8.11 34.18 -5.42
CA ARG A 367 -7.04 34.89 -6.14
C ARG A 367 -5.71 34.10 -6.17
N GLY A 368 -5.81 32.77 -6.18
CA GLY A 368 -4.67 31.88 -6.23
C GLY A 368 -4.11 31.70 -7.63
N THR A 369 -2.99 30.96 -7.75
CA THR A 369 -2.30 30.73 -9.02
C THR A 369 -2.64 29.43 -9.77
N SER A 370 -3.76 28.78 -9.43
CA SER A 370 -4.17 27.55 -10.11
C SER A 370 -4.59 27.84 -11.55
N SER A 371 -4.09 27.01 -12.47
CA SER A 371 -4.39 27.10 -13.91
C SER A 371 -4.65 25.69 -14.46
N THR A 372 -5.15 24.81 -13.58
CA THR A 372 -5.47 23.41 -13.88
C THR A 372 -6.96 23.15 -13.63
N THR A 373 -7.60 22.44 -14.57
CA THR A 373 -9.02 22.07 -14.46
C THR A 373 -9.14 20.70 -13.76
N THR A 374 -10.39 20.26 -13.49
CA THR A 374 -10.70 18.98 -12.85
C THR A 374 -10.26 17.76 -13.66
N THR A 375 -10.07 17.91 -14.99
CA THR A 375 -9.63 16.83 -15.89
C THR A 375 -8.13 16.93 -16.24
N GLY A 376 -7.45 17.92 -15.67
CA GLY A 376 -6.04 18.17 -15.88
C GLY A 376 -5.70 19.07 -17.05
N LYS A 377 -6.72 19.71 -17.64
CA LYS A 377 -6.55 20.62 -18.78
C LYS A 377 -5.90 21.95 -18.35
N LYS A 378 -5.22 22.61 -19.29
CA LYS A 378 -4.55 23.89 -19.07
C LYS A 378 -5.49 25.05 -19.36
N CYS A 379 -5.51 26.05 -18.46
CA CYS A 379 -6.33 27.25 -18.60
C CYS A 379 -5.79 28.18 -19.66
N GLN A 380 -6.69 28.77 -20.44
CA GLN A 380 -6.40 29.77 -21.47
C GLN A 380 -6.31 31.10 -20.72
N SER A 381 -5.44 32.01 -21.20
CA SER A 381 -5.30 33.34 -20.59
C SER A 381 -6.56 34.16 -20.85
N TRP A 382 -6.97 34.97 -19.87
CA TRP A 382 -8.17 35.82 -19.98
C TRP A 382 -8.00 36.92 -21.05
N SER A 383 -6.75 37.33 -21.33
CA SER A 383 -6.42 38.32 -22.35
C SER A 383 -6.42 37.71 -23.75
N SER A 384 -6.29 36.37 -23.82
CA SER A 384 -6.26 35.62 -25.08
C SER A 384 -7.67 35.34 -25.62
N MET A 385 -7.80 35.43 -26.96
CA MET A 385 -9.06 35.17 -27.67
C MET A 385 -8.94 33.88 -28.48
N THR A 386 -7.86 33.11 -28.22
CA THR A 386 -7.56 31.84 -28.90
C THR A 386 -7.18 30.72 -27.90
N PRO A 387 -7.73 29.49 -28.04
CA PRO A 387 -8.68 29.01 -29.06
C PRO A 387 -10.12 29.48 -28.88
N HIS A 388 -10.45 30.09 -27.72
CA HIS A 388 -11.81 30.54 -27.43
C HIS A 388 -12.00 32.04 -27.35
N ARG A 389 -12.89 32.56 -28.22
CA ARG A 389 -13.28 33.96 -28.30
C ARG A 389 -14.31 34.21 -27.20
N HIS A 390 -14.06 35.20 -26.34
CA HIS A 390 -14.92 35.50 -25.20
C HIS A 390 -14.93 36.99 -24.81
N GLN A 391 -15.79 37.35 -23.83
CA GLN A 391 -15.94 38.71 -23.32
C GLN A 391 -15.58 38.82 -21.83
N LYS A 392 -15.03 37.75 -21.24
CA LYS A 392 -14.59 37.72 -19.84
C LYS A 392 -13.20 38.34 -19.73
N THR A 393 -13.15 39.67 -19.92
CA THR A 393 -11.94 40.48 -19.93
C THR A 393 -11.81 41.32 -18.65
N PRO A 394 -10.58 41.79 -18.27
CA PRO A 394 -10.46 42.64 -17.08
C PRO A 394 -11.16 44.00 -17.24
N GLU A 395 -11.60 44.32 -18.46
CA GLU A 395 -12.32 45.55 -18.82
C GLU A 395 -13.80 45.39 -18.50
N ASN A 396 -14.39 44.22 -18.84
CA ASN A 396 -15.79 43.91 -18.57
C ASN A 396 -16.02 43.48 -17.14
N TYR A 397 -14.98 42.90 -16.50
CA TYR A 397 -15.01 42.44 -15.11
C TYR A 397 -13.77 43.00 -14.35
N PRO A 398 -13.81 44.29 -13.92
CA PRO A 398 -12.62 44.86 -13.26
C PRO A 398 -12.34 44.40 -11.82
N ASN A 399 -13.34 43.82 -11.15
CA ASN A 399 -13.21 43.35 -9.76
C ASN A 399 -13.12 41.82 -9.62
N ALA A 400 -13.08 41.10 -10.76
CA ALA A 400 -13.01 39.64 -10.80
C ALA A 400 -11.59 39.05 -10.76
N GLY A 401 -10.58 39.91 -10.95
CA GLY A 401 -9.17 39.53 -10.93
C GLY A 401 -8.79 38.60 -12.06
N LEU A 402 -9.23 38.93 -13.29
CA LEU A 402 -8.95 38.13 -14.49
C LEU A 402 -7.54 38.37 -15.03
N THR A 403 -6.54 37.96 -14.24
CA THR A 403 -5.11 38.10 -14.58
C THR A 403 -4.54 36.75 -15.01
N MET A 404 -3.54 36.79 -15.93
CA MET A 404 -2.85 35.63 -16.49
C MET A 404 -3.84 34.57 -16.99
N ASN A 405 -3.64 33.28 -16.64
CA ASN A 405 -4.52 32.18 -17.00
C ASN A 405 -5.07 31.50 -15.73
N TYR A 406 -5.20 32.29 -14.65
CA TYR A 406 -5.67 31.78 -13.35
C TYR A 406 -7.16 31.47 -13.30
N CYS A 407 -7.53 30.49 -12.48
CA CYS A 407 -8.89 30.04 -12.24
C CYS A 407 -9.67 31.12 -11.49
N ARG A 408 -10.77 31.59 -12.09
CA ARG A 408 -11.59 32.65 -11.48
C ARG A 408 -13.08 32.36 -11.64
N ASN A 409 -13.94 33.22 -11.05
CA ASN A 409 -15.39 33.10 -11.16
C ASN A 409 -16.02 34.50 -11.41
N PRO A 410 -15.89 35.05 -12.64
CA PRO A 410 -16.44 36.40 -12.89
C PRO A 410 -17.96 36.47 -13.04
N ASP A 411 -18.59 35.41 -13.58
CA ASP A 411 -20.04 35.35 -13.84
C ASP A 411 -20.88 34.57 -12.80
N ALA A 412 -20.36 34.47 -11.56
CA ALA A 412 -21.00 33.83 -10.40
C ALA A 412 -21.50 32.39 -10.60
N ASP A 413 -20.60 31.49 -11.04
CA ASP A 413 -20.88 30.06 -11.21
C ASP A 413 -20.74 29.37 -9.83
N LYS A 414 -20.97 28.04 -9.77
CA LYS A 414 -20.87 27.29 -8.51
C LYS A 414 -19.46 27.29 -7.88
N GLY A 415 -18.45 27.38 -8.72
CA GLY A 415 -17.05 27.42 -8.29
C GLY A 415 -16.13 28.04 -9.34
N PRO A 416 -14.82 28.23 -9.02
CA PRO A 416 -13.91 28.80 -10.02
C PRO A 416 -13.75 27.93 -11.26
N TRP A 417 -13.61 28.59 -12.41
CA TRP A 417 -13.50 27.96 -13.73
C TRP A 417 -12.52 28.77 -14.59
N CYS A 418 -12.28 28.30 -15.83
CA CYS A 418 -11.42 28.95 -16.82
C CYS A 418 -11.72 28.39 -18.19
N PHE A 419 -11.35 29.13 -19.25
CA PHE A 419 -11.46 28.64 -20.63
C PHE A 419 -10.25 27.72 -20.81
N THR A 420 -10.41 26.60 -21.54
CA THR A 420 -9.29 25.66 -21.71
C THR A 420 -8.50 25.92 -23.00
N THR A 421 -7.24 25.45 -23.06
CA THR A 421 -6.40 25.60 -24.26
C THR A 421 -6.84 24.61 -25.35
N ASP A 422 -7.72 23.65 -24.99
CA ASP A 422 -8.29 22.65 -25.89
C ASP A 422 -9.41 23.29 -26.70
N PRO A 423 -9.30 23.38 -28.05
CA PRO A 423 -10.40 24.00 -28.84
C PRO A 423 -11.72 23.25 -28.80
N SER A 424 -11.70 21.94 -28.48
CA SER A 424 -12.88 21.08 -28.40
C SER A 424 -13.64 21.20 -27.07
N VAL A 425 -13.07 21.92 -26.08
CA VAL A 425 -13.68 22.14 -24.76
C VAL A 425 -13.53 23.63 -24.42
N ARG A 426 -14.64 24.39 -24.50
CA ARG A 426 -14.64 25.84 -24.23
C ARG A 426 -14.16 26.19 -22.82
N TRP A 427 -14.75 25.56 -21.81
CA TRP A 427 -14.42 25.83 -20.40
C TRP A 427 -14.59 24.58 -19.55
N GLU A 428 -14.02 24.62 -18.35
CA GLU A 428 -14.09 23.57 -17.33
C GLU A 428 -13.89 24.16 -15.94
N TYR A 429 -14.47 23.52 -14.91
CA TYR A 429 -14.31 23.91 -13.52
C TYR A 429 -12.89 23.54 -13.10
N CYS A 430 -12.29 24.35 -12.23
CA CYS A 430 -10.92 24.14 -11.80
C CYS A 430 -10.72 23.14 -10.69
N ASN A 431 -9.51 22.53 -10.65
CA ASN A 431 -9.14 21.51 -9.66
C ASN A 431 -8.84 22.14 -8.29
N LEU A 432 -9.90 22.63 -7.64
CA LEU A 432 -9.86 23.27 -6.33
C LEU A 432 -10.92 22.65 -5.44
N LYS A 433 -10.65 22.59 -4.13
CA LYS A 433 -11.58 22.08 -3.14
C LYS A 433 -12.22 23.26 -2.39
N LYS A 434 -13.41 23.05 -1.81
CA LYS A 434 -14.09 24.08 -1.03
C LYS A 434 -13.40 24.08 0.36
N CYS A 435 -13.00 25.27 0.88
CA CYS A 435 -12.32 25.39 2.17
C CYS A 435 -13.16 24.77 3.29
N SER A 436 -12.54 23.93 4.11
CA SER A 436 -13.19 23.25 5.23
C SER A 436 -13.57 24.21 6.35
N GLY A 437 -12.70 25.20 6.62
CA GLY A 437 -12.89 26.22 7.64
C GLY A 437 -12.84 27.63 7.08
N SER A 458 -21.34 14.16 8.26
CA SER A 458 -20.80 12.84 7.98
C SER A 458 -19.42 12.95 7.32
N GLU A 459 -18.35 12.51 8.03
CA GLU A 459 -16.97 12.56 7.55
C GLU A 459 -16.69 11.57 6.43
N GLU A 460 -17.32 10.38 6.50
CA GLU A 460 -17.18 9.32 5.50
C GLU A 460 -17.88 9.67 4.18
N ASP A 461 -18.89 10.58 4.23
CA ASP A 461 -19.63 11.03 3.06
C ASP A 461 -18.77 12.01 2.26
N CYS A 462 -17.88 11.44 1.44
CA CYS A 462 -16.91 12.16 0.61
C CYS A 462 -16.72 11.44 -0.73
N MET A 463 -15.96 12.05 -1.64
CA MET A 463 -15.68 11.48 -2.96
C MET A 463 -14.20 11.52 -3.36
N PHE A 464 -13.87 10.87 -4.49
CA PHE A 464 -12.54 10.83 -5.07
C PHE A 464 -12.62 11.42 -6.47
N GLY A 465 -11.88 12.50 -6.70
CA GLY A 465 -11.82 13.21 -7.97
C GLY A 465 -13.15 13.84 -8.35
N ASN A 466 -13.71 13.38 -9.48
CA ASN A 466 -14.99 13.91 -9.95
CA ASN A 466 -14.99 13.83 -10.06
C ASN A 466 -16.22 13.19 -9.39
N GLY A 467 -15.99 12.12 -8.63
CA GLY A 467 -17.03 11.37 -7.93
C GLY A 467 -17.92 10.46 -8.76
N LYS A 468 -17.35 9.75 -9.75
CA LYS A 468 -18.09 8.79 -10.58
C LYS A 468 -18.48 7.56 -9.75
N GLY A 469 -17.62 7.19 -8.80
CA GLY A 469 -17.82 6.06 -7.89
C GLY A 469 -18.50 6.42 -6.59
N TYR A 470 -18.80 7.72 -6.38
CA TYR A 470 -19.46 8.24 -5.18
C TYR A 470 -20.88 7.68 -4.99
N ARG A 471 -21.12 7.08 -3.81
CA ARG A 471 -22.41 6.46 -3.44
C ARG A 471 -22.86 6.95 -2.05
N GLY A 472 -22.71 8.24 -1.79
CA GLY A 472 -23.10 8.87 -0.53
C GLY A 472 -24.55 9.30 -0.49
N LYS A 473 -24.94 9.95 0.63
CA LYS A 473 -26.32 10.36 0.88
C LYS A 473 -26.65 11.86 0.66
N ARG A 474 -25.72 12.64 0.10
CA ARG A 474 -25.93 14.07 -0.16
C ARG A 474 -26.96 14.32 -1.27
N ALA A 475 -27.98 15.14 -0.98
CA ALA A 475 -29.07 15.48 -1.90
C ALA A 475 -29.37 16.98 -1.91
N THR A 476 -28.39 17.81 -1.49
CA THR A 476 -28.50 19.26 -1.41
C THR A 476 -27.64 19.94 -2.50
N THR A 477 -28.29 20.70 -3.39
CA THR A 477 -27.62 21.44 -4.47
C THR A 477 -26.94 22.70 -3.91
N VAL A 478 -26.03 23.29 -4.71
CA VAL A 478 -25.30 24.53 -4.37
C VAL A 478 -26.24 25.73 -4.13
N THR A 479 -27.42 25.73 -4.79
CA THR A 479 -28.46 26.76 -4.69
C THR A 479 -29.47 26.47 -3.58
N GLY A 480 -29.42 25.26 -3.02
CA GLY A 480 -30.32 24.82 -1.96
C GLY A 480 -31.62 24.21 -2.46
N THR A 481 -31.74 24.06 -3.79
CA THR A 481 -32.90 23.49 -4.48
C THR A 481 -32.93 21.97 -4.22
N PRO A 482 -34.09 21.39 -3.82
CA PRO A 482 -34.14 19.93 -3.59
C PRO A 482 -33.98 19.13 -4.89
N CYS A 483 -33.29 17.99 -4.79
CA CYS A 483 -33.06 17.10 -5.93
C CYS A 483 -34.31 16.33 -6.29
N GLN A 484 -34.51 16.12 -7.60
CA GLN A 484 -35.61 15.32 -8.15
C GLN A 484 -35.08 13.88 -8.09
N ASP A 485 -35.96 12.91 -7.81
CA ASP A 485 -35.59 11.49 -7.77
C ASP A 485 -35.18 11.03 -9.16
N TRP A 486 -34.16 10.15 -9.24
CA TRP A 486 -33.66 9.63 -10.52
C TRP A 486 -34.71 8.82 -11.27
N ALA A 487 -35.58 8.10 -10.54
CA ALA A 487 -36.67 7.31 -11.11
C ALA A 487 -37.83 8.21 -11.56
N ALA A 488 -37.96 9.42 -10.96
CA ALA A 488 -39.01 10.39 -11.26
C ALA A 488 -38.86 11.01 -12.65
N GLN A 489 -40.00 11.32 -13.29
CA GLN A 489 -40.09 11.92 -14.62
C GLN A 489 -40.74 13.31 -14.58
N GLU A 490 -40.95 13.84 -13.37
CA GLU A 490 -41.54 15.16 -13.14
C GLU A 490 -40.71 15.93 -12.09
N PRO A 491 -40.37 17.23 -12.30
CA PRO A 491 -40.73 18.11 -13.44
C PRO A 491 -39.95 17.86 -14.73
N HIS A 492 -38.80 17.16 -14.65
CA HIS A 492 -37.96 16.88 -15.82
C HIS A 492 -38.04 15.44 -16.30
N ARG A 493 -38.41 15.28 -17.58
CA ARG A 493 -38.51 13.99 -18.25
C ARG A 493 -37.13 13.62 -18.78
N HIS A 494 -36.74 12.35 -18.65
CA HIS A 494 -35.42 11.87 -19.09
C HIS A 494 -35.39 10.38 -19.41
N SER A 495 -34.92 10.04 -20.63
CA SER A 495 -34.77 8.68 -21.12
C SER A 495 -33.35 8.17 -20.78
N ILE A 496 -32.49 9.09 -20.30
CA ILE A 496 -31.11 8.86 -19.89
C ILE A 496 -31.00 9.18 -18.39
N PHE A 497 -30.05 8.52 -17.69
CA PHE A 497 -29.78 8.68 -16.26
C PHE A 497 -30.98 8.35 -15.35
N THR A 498 -31.55 7.16 -15.58
CA THR A 498 -32.63 6.56 -14.81
C THR A 498 -32.03 5.28 -14.19
N PRO A 499 -32.60 4.70 -13.09
CA PRO A 499 -32.01 3.46 -12.54
C PRO A 499 -31.96 2.29 -13.53
N GLU A 500 -32.89 2.25 -14.51
CA GLU A 500 -32.98 1.21 -15.54
C GLU A 500 -31.93 1.37 -16.65
N THR A 501 -31.68 2.61 -17.11
CA THR A 501 -30.72 2.90 -18.19
C THR A 501 -29.26 2.92 -17.72
N ASN A 502 -29.02 3.30 -16.46
CA ASN A 502 -27.68 3.33 -15.86
C ASN A 502 -27.70 2.54 -14.53
N PRO A 503 -27.78 1.18 -14.58
CA PRO A 503 -27.87 0.41 -13.33
C PRO A 503 -26.59 0.30 -12.50
N ARG A 504 -25.42 0.62 -13.07
CA ARG A 504 -24.13 0.56 -12.37
C ARG A 504 -23.74 1.93 -11.78
N ALA A 505 -24.57 2.96 -12.03
CA ALA A 505 -24.36 4.34 -11.59
C ALA A 505 -24.86 4.66 -10.17
N GLY A 506 -25.60 3.73 -9.57
CA GLY A 506 -26.15 3.87 -8.23
C GLY A 506 -27.13 5.00 -8.07
N LEU A 507 -28.07 5.12 -9.03
CA LEU A 507 -29.07 6.20 -9.06
C LEU A 507 -30.26 5.91 -8.13
N GLU A 508 -29.98 5.97 -6.82
CA GLU A 508 -30.91 5.75 -5.71
C GLU A 508 -31.53 7.07 -5.29
N LYS A 509 -32.84 7.04 -4.92
CA LYS A 509 -33.63 8.18 -4.45
C LYS A 509 -33.32 9.45 -5.28
N ASN A 510 -32.88 10.53 -4.62
CA ASN A 510 -32.51 11.79 -5.27
C ASN A 510 -31.05 12.16 -4.90
N TYR A 511 -30.23 11.16 -4.53
CA TYR A 511 -28.84 11.34 -4.15
C TYR A 511 -27.99 11.87 -5.31
N CYS A 512 -27.14 12.87 -5.04
CA CYS A 512 -26.27 13.48 -6.03
C CYS A 512 -25.25 12.47 -6.52
N ARG A 513 -25.24 12.23 -7.83
CA ARG A 513 -24.36 11.26 -8.47
C ARG A 513 -23.69 11.87 -9.71
N ASN A 514 -22.60 11.24 -10.17
CA ASN A 514 -21.90 11.67 -11.39
C ASN A 514 -21.85 10.47 -12.37
N PRO A 515 -22.99 10.15 -13.03
CA PRO A 515 -22.99 8.99 -13.95
C PRO A 515 -22.35 9.20 -15.31
N ASP A 516 -22.13 10.47 -15.71
CA ASP A 516 -21.57 10.84 -17.02
C ASP A 516 -20.17 11.45 -16.98
N GLY A 517 -19.52 11.39 -15.83
CA GLY A 517 -18.17 11.94 -15.63
C GLY A 517 -18.12 13.45 -15.84
N ASP A 518 -19.14 14.16 -15.30
CA ASP A 518 -19.24 15.61 -15.40
C ASP A 518 -18.08 16.28 -14.66
N VAL A 519 -17.55 17.34 -15.28
CA VAL A 519 -16.45 18.17 -14.83
C VAL A 519 -16.72 18.84 -13.47
N GLY A 520 -17.97 19.23 -13.24
CA GLY A 520 -18.42 19.86 -12.00
C GLY A 520 -18.68 18.94 -10.84
N GLY A 521 -18.51 17.63 -11.07
CA GLY A 521 -18.73 16.61 -10.06
C GLY A 521 -20.16 16.11 -9.95
N PRO A 522 -20.53 15.49 -8.80
CA PRO A 522 -21.90 14.97 -8.64
C PRO A 522 -22.97 16.04 -8.77
N TRP A 523 -24.08 15.65 -9.40
CA TRP A 523 -25.22 16.50 -9.70
C TRP A 523 -26.51 15.68 -9.58
N CYS A 524 -27.65 16.35 -9.79
CA CYS A 524 -28.98 15.75 -9.74
C CYS A 524 -29.91 16.63 -10.57
N TYR A 525 -31.01 16.06 -11.09
CA TYR A 525 -32.04 16.84 -11.76
C TYR A 525 -32.76 17.57 -10.61
N THR A 526 -33.14 18.85 -10.80
CA THR A 526 -33.76 19.60 -9.69
C THR A 526 -35.29 19.59 -9.71
N THR A 527 -35.90 19.86 -8.54
CA THR A 527 -37.37 19.94 -8.40
C THR A 527 -37.91 21.23 -9.03
N ASN A 528 -37.03 22.22 -9.29
CA ASN A 528 -37.35 23.49 -9.93
C ASN A 528 -37.59 23.22 -11.42
N PRO A 529 -38.80 23.49 -11.98
CA PRO A 529 -39.03 23.23 -13.41
C PRO A 529 -38.25 24.15 -14.35
N ARG A 530 -37.71 25.26 -13.83
CA ARG A 530 -36.92 26.23 -14.60
C ARG A 530 -35.42 25.91 -14.59
N LYS A 531 -34.97 24.98 -13.72
CA LYS A 531 -33.58 24.53 -13.64
C LYS A 531 -33.53 23.01 -13.83
N LEU A 532 -33.00 22.55 -14.99
CA LEU A 532 -32.89 21.13 -15.34
C LEU A 532 -32.12 20.33 -14.31
N TYR A 533 -30.88 20.75 -14.01
CA TYR A 533 -30.00 20.09 -13.05
C TYR A 533 -29.13 21.12 -12.33
N ASP A 534 -28.47 20.69 -11.24
CA ASP A 534 -27.53 21.51 -10.47
C ASP A 534 -26.54 20.63 -9.71
N TYR A 535 -25.34 21.19 -9.44
CA TYR A 535 -24.28 20.48 -8.74
C TYR A 535 -24.47 20.48 -7.23
N CYS A 536 -23.87 19.46 -6.58
CA CYS A 536 -23.89 19.30 -5.14
C CYS A 536 -22.45 19.29 -4.66
N ASP A 537 -22.13 20.14 -3.67
CA ASP A 537 -20.78 20.19 -3.12
C ASP A 537 -20.50 18.95 -2.29
N VAL A 538 -19.63 18.08 -2.81
CA VAL A 538 -19.20 16.85 -2.14
C VAL A 538 -17.72 17.02 -1.80
N PRO A 539 -17.31 16.92 -0.52
CA PRO A 539 -15.89 17.11 -0.19
C PRO A 539 -15.02 15.95 -0.65
N GLN A 540 -13.72 16.21 -0.87
CA GLN A 540 -12.78 15.18 -1.28
C GLN A 540 -12.42 14.35 -0.05
N CYS A 541 -12.26 13.02 -0.22
CA CYS A 541 -11.89 12.15 0.90
C CYS A 541 -10.49 12.45 1.37
N ALA A 542 -10.32 12.62 2.69
CA ALA A 542 -9.04 12.93 3.32
C ALA A 542 -8.05 11.79 3.10
N ALA A 543 -6.82 12.14 2.69
CA ALA A 543 -5.75 11.16 2.46
C ALA A 543 -5.30 10.58 3.81
N PRO A 544 -5.34 9.24 4.00
CA PRO A 544 -4.94 8.66 5.29
C PRO A 544 -3.43 8.73 5.58
N SER A 545 -2.63 8.93 4.52
CA SER A 545 -1.17 9.02 4.60
C SER A 545 -0.64 10.06 3.59
N PHE A 546 0.67 10.39 3.67
CA PHE A 546 1.31 11.31 2.74
C PHE A 546 1.54 10.57 1.43
N ASP A 547 0.69 10.84 0.42
CA ASP A 547 0.78 10.20 -0.91
C ASP A 547 2.02 10.69 -1.65
N CYS A 548 2.57 9.85 -2.56
CA CYS A 548 3.75 10.18 -3.34
C CYS A 548 3.62 11.44 -4.19
N GLY A 549 4.76 12.08 -4.45
CA GLY A 549 4.87 13.28 -5.28
C GLY A 549 4.09 14.51 -4.84
N LYS A 550 3.61 14.53 -3.58
CA LYS A 550 2.84 15.64 -3.03
C LYS A 550 3.53 16.31 -1.84
N PRO A 551 4.39 17.32 -2.09
CA PRO A 551 5.09 18.01 -0.99
C PRO A 551 4.13 18.76 -0.06
N GLN A 552 4.52 18.87 1.23
CA GLN A 552 3.75 19.58 2.25
C GLN A 552 4.13 21.06 2.32
N VAL A 553 5.25 21.41 1.66
CA VAL A 553 5.76 22.76 1.52
C VAL A 553 5.70 23.06 0.02
N GLU A 554 5.07 24.19 -0.35
CA GLU A 554 4.91 24.59 -1.74
C GLU A 554 6.26 24.95 -2.39
N PRO A 555 6.63 24.30 -3.51
CA PRO A 555 7.89 24.66 -4.19
C PRO A 555 7.89 26.09 -4.71
N LYS A 556 9.08 26.73 -4.70
CA LYS A 556 9.31 28.10 -5.15
C LYS A 556 8.90 28.27 -6.63
N LYS A 557 9.15 27.23 -7.45
CA LYS A 557 8.89 27.17 -8.88
C LYS A 557 9.75 28.21 -9.61
N CYS A 558 11.08 28.11 -9.39
CA CYS A 558 12.13 28.96 -9.93
C CYS A 558 11.95 29.18 -11.44
N PRO A 559 11.82 30.45 -11.92
CA PRO A 559 11.64 30.68 -13.36
C PRO A 559 12.81 30.16 -14.19
N GLY A 560 12.50 29.64 -15.39
CA GLY A 560 13.46 29.07 -16.32
C GLY A 560 14.62 29.97 -16.72
N ARG A 561 14.36 31.29 -16.79
CA ARG A 561 15.32 32.33 -17.16
C ARG A 561 16.47 32.53 -16.14
N VAL A 562 16.24 32.17 -14.86
CA VAL A 562 17.19 32.34 -13.75
C VAL A 562 18.50 31.58 -13.93
N VAL A 563 19.64 32.32 -13.87
CA VAL A 563 20.99 31.80 -14.03
C VAL A 563 21.46 31.17 -12.71
N GLY A 564 21.80 29.88 -12.78
CA GLY A 564 22.26 29.11 -11.64
C GLY A 564 21.16 28.61 -10.73
N GLY A 565 19.92 28.71 -11.20
CA GLY A 565 18.72 28.30 -10.47
C GLY A 565 18.42 29.13 -9.24
N CYS A 566 17.52 28.62 -8.40
CA CYS A 566 17.08 29.28 -7.16
C CYS A 566 17.28 28.32 -6.00
N VAL A 567 17.37 28.86 -4.77
CA VAL A 567 17.43 28.06 -3.55
C VAL A 567 15.98 27.60 -3.33
N ALA A 568 15.77 26.29 -3.16
CA ALA A 568 14.43 25.72 -2.96
C ALA A 568 13.88 26.10 -1.58
N HIS A 569 12.54 26.07 -1.43
CA HIS A 569 11.91 26.31 -0.14
C HIS A 569 12.20 25.08 0.72
N PRO A 570 12.68 25.22 1.98
CA PRO A 570 12.99 24.02 2.78
C PRO A 570 11.84 23.02 2.85
N HIS A 571 12.14 21.75 2.49
CA HIS A 571 11.24 20.60 2.48
C HIS A 571 10.15 20.59 1.39
N SER A 572 10.40 21.34 0.29
CA SER A 572 9.48 21.41 -0.86
C SER A 572 9.72 20.27 -1.86
N TRP A 573 10.82 19.52 -1.67
CA TRP A 573 11.17 18.34 -2.47
C TRP A 573 11.48 17.23 -1.46
N PRO A 574 10.44 16.64 -0.81
CA PRO A 574 10.69 15.67 0.28
C PRO A 574 11.29 14.32 -0.10
N TRP A 575 11.44 14.04 -1.40
CA TRP A 575 12.03 12.80 -1.93
C TRP A 575 13.52 12.92 -2.18
N GLN A 576 14.06 14.15 -2.12
CA GLN A 576 15.48 14.46 -2.33
C GLN A 576 16.36 13.69 -1.34
N VAL A 577 17.33 12.94 -1.87
CA VAL A 577 18.28 12.14 -1.10
C VAL A 577 19.67 12.74 -1.24
N SER A 578 20.45 12.64 -0.15
CA SER A 578 21.85 13.06 -0.12
C SER A 578 22.67 11.81 0.16
N LEU A 579 23.42 11.32 -0.86
CA LEU A 579 24.28 10.15 -0.72
C LEU A 579 25.56 10.63 -0.03
N ARG A 580 25.92 9.97 1.08
CA ARG A 580 27.06 10.37 1.90
C ARG A 580 28.18 9.34 2.01
N THR A 581 29.42 9.84 2.06
CA THR A 581 30.63 9.03 2.25
C THR A 581 30.70 8.66 3.74
N ARG A 582 31.55 7.67 4.09
CA ARG A 582 31.71 7.28 5.50
C ARG A 582 32.35 8.36 6.39
N PHE A 583 32.90 9.43 5.77
CA PHE A 583 33.46 10.59 6.47
C PHE A 583 32.43 11.75 6.53
N GLY A 584 31.18 11.45 6.15
CA GLY A 584 30.03 12.34 6.21
C GLY A 584 29.83 13.37 5.11
N MET A 585 30.59 13.30 4.02
CA MET A 585 30.49 14.26 2.92
C MET A 585 29.47 13.88 1.86
N HIS A 586 28.66 14.86 1.44
CA HIS A 586 27.67 14.71 0.36
C HIS A 586 28.45 14.66 -0.97
N PHE A 587 28.24 13.59 -1.74
CA PHE A 587 28.91 13.40 -3.03
C PHE A 587 27.92 13.25 -4.18
N CYS A 588 26.75 12.64 -3.91
CA CYS A 588 25.72 12.37 -4.91
C CYS A 588 24.30 12.63 -4.41
N GLY A 589 23.38 12.75 -5.37
CA GLY A 589 21.96 12.91 -5.11
C GLY A 589 21.22 11.60 -5.31
N GLY A 590 19.91 11.65 -5.11
CA GLY A 590 19.04 10.49 -5.26
C GLY A 590 17.60 10.82 -4.98
N THR A 591 16.71 9.85 -5.22
CA THR A 591 15.27 10.02 -5.01
C THR A 591 14.69 8.88 -4.19
N LEU A 592 13.90 9.22 -3.16
CA LEU A 592 13.18 8.23 -2.36
C LEU A 592 11.93 7.92 -3.17
N ILE A 593 11.77 6.65 -3.55
CA ILE A 593 10.66 6.18 -4.38
C ILE A 593 9.70 5.27 -3.61
N SER A 594 10.17 4.79 -2.44
CA SER A 594 9.47 3.88 -1.52
C SER A 594 10.20 3.98 -0.16
N PRO A 595 9.54 3.75 1.02
CA PRO A 595 10.26 3.85 2.30
C PRO A 595 11.57 3.08 2.46
N GLU A 596 11.75 1.98 1.70
CA GLU A 596 12.97 1.16 1.76
C GLU A 596 13.84 1.30 0.50
N TRP A 597 13.42 2.11 -0.48
CA TRP A 597 14.13 2.24 -1.75
C TRP A 597 14.51 3.64 -2.18
N VAL A 598 15.76 3.79 -2.66
CA VAL A 598 16.34 5.03 -3.18
C VAL A 598 16.87 4.77 -4.59
N LEU A 599 16.46 5.62 -5.56
CA LEU A 599 16.91 5.54 -6.95
C LEU A 599 17.97 6.61 -7.21
N THR A 600 19.15 6.18 -7.69
CA THR A 600 20.30 7.05 -7.99
C THR A 600 20.99 6.61 -9.30
N ALA A 601 22.17 7.18 -9.60
CA ALA A 601 22.96 6.83 -10.78
C ALA A 601 24.03 5.81 -10.41
N ALA A 602 24.35 4.88 -11.34
CA ALA A 602 25.37 3.85 -11.16
C ALA A 602 26.79 4.44 -11.04
N HIS A 603 27.02 5.63 -11.66
CA HIS A 603 28.27 6.39 -11.66
C HIS A 603 28.69 6.79 -10.24
N CYS A 604 27.70 7.12 -9.38
CA CYS A 604 27.88 7.50 -7.98
C CYS A 604 28.56 6.41 -7.16
N LEU A 605 28.23 5.15 -7.44
CA LEU A 605 28.73 3.98 -6.71
C LEU A 605 29.82 3.19 -7.44
N GLU A 606 30.49 3.83 -8.42
CA GLU A 606 31.58 3.23 -9.21
C GLU A 606 32.85 3.00 -8.39
N LYS A 607 33.20 3.95 -7.50
CA LYS A 607 34.40 3.92 -6.66
C LYS A 607 34.41 2.80 -5.61
N SER A 608 33.30 2.61 -4.87
CA SER A 608 33.24 1.59 -3.81
C SER A 608 32.27 0.42 -4.10
N PRO A 609 32.72 -0.85 -3.90
CA PRO A 609 31.83 -1.99 -4.19
C PRO A 609 31.09 -2.54 -2.96
N ARG A 610 30.85 -1.70 -1.95
CA ARG A 610 30.17 -2.11 -0.71
C ARG A 610 29.03 -1.16 -0.31
N PRO A 611 27.83 -1.69 0.06
CA PRO A 611 26.73 -0.79 0.48
C PRO A 611 27.00 -0.11 1.83
N SER A 612 27.90 -0.69 2.65
CA SER A 612 28.31 -0.20 3.96
C SER A 612 29.05 1.15 3.88
N SER A 613 29.71 1.43 2.74
CA SER A 613 30.46 2.66 2.50
C SER A 613 29.57 3.88 2.13
N TYR A 614 28.25 3.67 1.99
CA TYR A 614 27.28 4.72 1.66
C TYR A 614 26.21 4.84 2.72
N LYS A 615 25.81 6.09 3.01
CA LYS A 615 24.73 6.43 3.93
C LYS A 615 23.79 7.39 3.21
N VAL A 616 22.50 7.30 3.55
CA VAL A 616 21.44 8.10 2.96
C VAL A 616 20.90 9.13 3.96
N ILE A 617 20.86 10.41 3.55
CA ILE A 617 20.33 11.52 4.35
C ILE A 617 19.01 11.99 3.73
N LEU A 618 17.92 11.95 4.52
CA LEU A 618 16.58 12.33 4.11
C LEU A 618 16.03 13.50 4.92
N GLY A 619 15.23 14.33 4.26
CA GLY A 619 14.60 15.50 4.86
C GLY A 619 15.56 16.64 5.12
N ALA A 620 16.66 16.70 4.33
CA ALA A 620 17.68 17.73 4.45
C ALA A 620 17.45 18.92 3.53
N HIS A 621 18.05 20.06 3.91
CA HIS A 621 18.04 21.30 3.15
C HIS A 621 19.47 21.81 3.05
N GLN A 622 20.25 21.60 4.13
CA GLN A 622 21.65 21.98 4.26
C GLN A 622 22.56 20.83 3.81
N GLU A 623 23.63 21.16 3.08
CA GLU A 623 24.62 20.22 2.56
C GLU A 623 25.57 19.74 3.67
N VAL A 624 25.97 20.66 4.57
CA VAL A 624 26.91 20.37 5.65
C VAL A 624 26.25 20.53 7.02
N ASN A 625 25.81 21.74 7.37
CA ASN A 625 25.21 22.08 8.65
C ASN A 625 23.76 21.56 8.77
N LEU A 626 23.62 20.22 8.77
CA LEU A 626 22.35 19.51 8.87
C LEU A 626 21.54 19.92 10.09
N GLU A 627 20.25 20.21 9.87
CA GLU A 627 19.30 20.64 10.90
C GLU A 627 18.83 19.42 11.72
N PRO A 628 18.26 19.60 12.95
CA PRO A 628 17.79 18.42 13.71
C PRO A 628 16.57 17.76 13.06
N HIS A 629 16.33 16.48 13.42
CA HIS A 629 15.22 15.63 12.95
C HIS A 629 15.36 15.06 11.53
N VAL A 630 16.55 15.23 10.94
CA VAL A 630 16.94 14.71 9.63
C VAL A 630 17.14 13.18 9.76
N GLN A 631 16.72 12.41 8.74
CA GLN A 631 16.86 10.95 8.78
C GLN A 631 18.15 10.45 8.12
N GLU A 632 18.92 9.65 8.87
CA GLU A 632 20.18 9.05 8.45
C GLU A 632 20.01 7.53 8.44
N ILE A 633 20.09 6.91 7.26
CA ILE A 633 19.91 5.45 7.10
C ILE A 633 21.06 4.82 6.32
N GLU A 634 21.53 3.66 6.81
CA GLU A 634 22.58 2.87 6.17
C GLU A 634 21.97 2.10 4.99
N VAL A 635 22.77 1.86 3.94
CA VAL A 635 22.34 1.10 2.76
C VAL A 635 22.75 -0.35 2.97
N SER A 636 21.81 -1.29 2.78
CA SER A 636 22.07 -2.72 2.96
C SER A 636 22.37 -3.45 1.65
N ARG A 637 21.73 -3.03 0.54
CA ARG A 637 21.89 -3.66 -0.78
C ARG A 637 21.93 -2.66 -1.93
N LEU A 638 22.69 -3.03 -3.00
CA LEU A 638 22.84 -2.23 -4.22
CA LEU A 638 22.83 -2.23 -4.21
C LEU A 638 22.41 -3.06 -5.42
N PHE A 639 21.52 -2.49 -6.26
CA PHE A 639 21.02 -3.15 -7.45
C PHE A 639 21.33 -2.31 -8.68
N LEU A 640 22.21 -2.83 -9.55
CA LEU A 640 22.60 -2.17 -10.77
C LEU A 640 21.68 -2.62 -11.89
N GLU A 641 21.27 -1.69 -12.76
CA GLU A 641 20.41 -1.97 -13.90
C GLU A 641 21.11 -2.97 -14.86
N PRO A 642 20.45 -4.10 -15.21
CA PRO A 642 21.12 -5.13 -16.03
C PRO A 642 21.59 -4.74 -17.44
N THR A 643 20.91 -3.78 -18.10
CA THR A 643 21.32 -3.36 -19.44
C THR A 643 22.47 -2.32 -19.42
N ARG A 644 23.25 -2.31 -18.31
CA ARG A 644 24.41 -1.45 -18.03
C ARG A 644 24.18 0.08 -18.10
N LYS A 645 22.94 0.51 -17.82
CA LYS A 645 22.59 1.94 -17.85
C LYS A 645 22.97 2.64 -16.53
N ASP A 646 23.09 3.99 -16.56
CA ASP A 646 23.48 4.77 -15.38
C ASP A 646 22.32 5.03 -14.42
N ILE A 647 21.75 3.94 -13.89
CA ILE A 647 20.64 3.94 -12.94
C ILE A 647 20.83 2.77 -11.95
N ALA A 648 20.66 3.07 -10.65
CA ALA A 648 20.85 2.08 -9.58
C ALA A 648 19.83 2.20 -8.46
N LEU A 649 19.48 1.05 -7.86
CA LEU A 649 18.55 0.98 -6.74
C LEU A 649 19.29 0.65 -5.46
N LEU A 650 19.01 1.41 -4.39
CA LEU A 650 19.64 1.21 -3.08
C LEU A 650 18.59 0.76 -2.08
N LYS A 651 18.82 -0.39 -1.42
CA LYS A 651 17.89 -0.84 -0.39
C LYS A 651 18.40 -0.37 0.96
N LEU A 652 17.56 0.40 1.66
CA LEU A 652 17.86 0.94 2.97
C LEU A 652 17.78 -0.17 4.01
N SER A 653 18.71 -0.18 4.99
CA SER A 653 18.79 -1.17 6.06
C SER A 653 17.55 -1.19 6.95
N SER A 654 16.88 -0.03 7.08
CA SER A 654 15.65 0.16 7.84
C SER A 654 14.70 1.05 7.04
N PRO A 655 13.36 0.86 7.14
CA PRO A 655 12.45 1.73 6.37
C PRO A 655 12.45 3.16 6.86
N ALA A 656 12.42 4.12 5.92
CA ALA A 656 12.37 5.55 6.22
C ALA A 656 11.00 5.90 6.77
N VAL A 657 10.95 6.76 7.80
CA VAL A 657 9.71 7.19 8.40
C VAL A 657 9.12 8.27 7.48
N ILE A 658 7.89 8.05 6.99
CA ILE A 658 7.22 8.99 6.10
C ILE A 658 6.55 10.08 6.94
N THR A 659 7.10 11.29 6.86
CA THR A 659 6.66 12.49 7.59
C THR A 659 6.30 13.60 6.59
N ASP A 660 6.07 14.84 7.08
CA ASP A 660 5.77 16.00 6.23
C ASP A 660 7.02 16.54 5.54
N LYS A 661 8.21 16.01 5.91
CA LYS A 661 9.51 16.41 5.37
C LYS A 661 10.20 15.29 4.57
N VAL A 662 9.74 14.03 4.71
CA VAL A 662 10.26 12.84 4.02
C VAL A 662 9.07 12.12 3.36
N ILE A 663 8.85 12.37 2.05
CA ILE A 663 7.76 11.77 1.25
C ILE A 663 8.34 11.19 -0.05
N PRO A 664 7.98 9.94 -0.44
CA PRO A 664 8.52 9.39 -1.71
C PRO A 664 7.96 10.09 -2.95
N ALA A 665 8.67 9.95 -4.07
CA ALA A 665 8.25 10.51 -5.36
C ALA A 665 7.45 9.47 -6.12
N CYS A 666 6.50 9.91 -6.98
CA CYS A 666 5.72 8.97 -7.78
C CYS A 666 6.54 8.51 -8.96
N LEU A 667 6.37 7.24 -9.34
CA LEU A 667 7.02 6.65 -10.50
C LEU A 667 6.03 6.72 -11.66
N PRO A 668 6.49 6.94 -12.92
CA PRO A 668 5.53 6.98 -14.04
C PRO A 668 5.11 5.59 -14.48
N SER A 669 4.09 5.50 -15.36
CA SER A 669 3.64 4.21 -15.91
C SER A 669 4.74 3.68 -16.87
N PRO A 670 4.95 2.35 -17.00
CA PRO A 670 6.03 1.86 -17.88
C PRO A 670 6.04 2.43 -19.30
N ASN A 671 7.22 2.85 -19.76
CA ASN A 671 7.51 3.43 -21.08
C ASN A 671 6.80 4.76 -21.41
N TYR A 672 6.30 5.48 -20.37
CA TYR A 672 5.65 6.79 -20.54
C TYR A 672 6.67 7.81 -21.05
N VAL A 673 6.28 8.62 -22.05
CA VAL A 673 7.16 9.65 -22.57
C VAL A 673 6.56 11.03 -22.25
N VAL A 674 7.26 11.81 -21.42
CA VAL A 674 6.82 13.16 -21.05
C VAL A 674 6.69 14.02 -22.28
N ALA A 675 5.56 14.74 -22.38
CA ALA A 675 5.24 15.61 -23.51
C ALA A 675 6.32 16.65 -23.76
N ASP A 676 6.51 17.01 -25.04
CA ASP A 676 7.48 18.01 -25.46
C ASP A 676 7.11 19.36 -24.84
N ARG A 677 8.14 20.18 -24.51
CA ARG A 677 8.01 21.51 -23.90
C ARG A 677 7.50 21.51 -22.43
N THR A 678 7.30 20.32 -21.81
CA THR A 678 6.86 20.18 -20.42
C THR A 678 7.94 20.71 -19.48
N GLU A 679 7.56 21.66 -18.61
CA GLU A 679 8.48 22.26 -17.66
C GLU A 679 8.71 21.33 -16.47
N CYS A 680 9.97 20.95 -16.25
CA CYS A 680 10.38 20.04 -15.19
C CYS A 680 11.40 20.68 -14.26
N PHE A 681 11.60 20.09 -13.08
CA PHE A 681 12.55 20.60 -12.10
C PHE A 681 13.63 19.59 -11.78
N ILE A 682 14.88 20.09 -11.70
CA ILE A 682 16.06 19.33 -11.32
C ILE A 682 16.51 19.88 -9.99
N THR A 683 16.64 19.01 -8.99
CA THR A 683 17.02 19.44 -7.65
C THR A 683 18.32 18.81 -7.17
N GLY A 684 19.01 19.54 -6.29
CA GLY A 684 20.27 19.10 -5.71
C GLY A 684 21.09 20.23 -5.12
N TRP A 685 22.23 19.87 -4.51
CA TRP A 685 23.15 20.82 -3.90
C TRP A 685 24.23 21.24 -4.90
N GLY A 686 24.74 20.27 -5.66
CA GLY A 686 25.76 20.48 -6.69
C GLY A 686 27.12 20.89 -6.17
N GLU A 687 27.94 21.47 -7.08
CA GLU A 687 29.29 21.94 -6.78
C GLU A 687 29.37 23.45 -7.01
N THR A 688 29.49 24.22 -5.91
CA THR A 688 29.54 25.69 -5.93
C THR A 688 30.85 26.22 -5.36
N PHE A 692 26.13 32.35 -4.17
CA PHE A 692 24.75 32.53 -3.76
C PHE A 692 24.13 31.21 -3.30
N GLY A 693 23.62 31.19 -2.07
CA GLY A 693 22.99 30.03 -1.45
C GLY A 693 23.92 28.83 -1.31
N ALA A 694 25.09 29.06 -0.69
CA ALA A 694 26.12 28.05 -0.47
C ALA A 694 25.67 26.98 0.53
N GLY A 695 25.72 25.71 0.09
CA GLY A 695 25.34 24.55 0.88
C GLY A 695 23.85 24.35 1.09
N LEU A 696 23.01 25.04 0.32
CA LEU A 696 21.55 24.93 0.42
C LEU A 696 20.97 24.19 -0.78
N LEU A 697 19.82 23.50 -0.58
CA LEU A 697 19.15 22.76 -1.66
C LEU A 697 18.64 23.72 -2.73
N LYS A 698 19.05 23.48 -3.98
CA LYS A 698 18.70 24.31 -5.13
C LYS A 698 17.78 23.61 -6.11
N GLU A 699 17.09 24.40 -6.95
CA GLU A 699 16.18 23.94 -8.00
C GLU A 699 16.35 24.77 -9.28
N ALA A 700 16.07 24.16 -10.42
CA ALA A 700 16.14 24.81 -11.74
C ALA A 700 15.07 24.23 -12.65
N GLN A 701 14.32 25.10 -13.34
CA GLN A 701 13.27 24.69 -14.26
C GLN A 701 13.85 24.43 -15.64
N LEU A 702 13.53 23.26 -16.22
CA LEU A 702 14.01 22.84 -17.53
C LEU A 702 12.88 22.33 -18.41
N PRO A 703 12.75 22.83 -19.66
CA PRO A 703 11.72 22.29 -20.55
C PRO A 703 12.17 20.97 -21.18
N VAL A 704 11.26 20.00 -21.26
CA VAL A 704 11.53 18.69 -21.84
C VAL A 704 11.52 18.82 -23.37
N ILE A 705 12.56 18.30 -24.02
CA ILE A 705 12.67 18.30 -25.48
C ILE A 705 12.46 16.87 -25.95
N GLU A 706 11.48 16.66 -26.85
CA GLU A 706 11.18 15.34 -27.39
C GLU A 706 12.44 14.78 -28.09
N ASN A 707 12.71 13.47 -27.92
CA ASN A 707 13.86 12.78 -28.49
C ASN A 707 14.07 13.06 -29.98
N LYS A 708 12.96 13.18 -30.75
CA LYS A 708 12.96 13.48 -32.18
C LYS A 708 13.63 14.83 -32.48
N VAL A 709 13.29 15.88 -31.71
CA VAL A 709 13.85 17.23 -31.84
C VAL A 709 15.30 17.21 -31.30
N CYS A 710 15.52 16.50 -30.18
CA CYS A 710 16.81 16.35 -29.53
C CYS A 710 17.84 15.64 -30.42
N ASN A 711 17.39 14.62 -31.19
CA ASN A 711 18.23 13.83 -32.10
C ASN A 711 18.55 14.49 -33.44
N ARG A 712 18.07 15.73 -33.67
CA ARG A 712 18.33 16.49 -34.89
C ARG A 712 19.84 16.80 -34.95
N TYR A 713 20.44 16.73 -36.16
CA TYR A 713 21.89 16.93 -36.37
C TYR A 713 22.49 18.19 -35.74
N GLU A 714 21.69 19.27 -35.61
CA GLU A 714 22.06 20.55 -34.99
C GLU A 714 22.29 20.38 -33.48
N PHE A 715 21.63 19.38 -32.85
CA PHE A 715 21.73 19.12 -31.42
C PHE A 715 22.49 17.85 -31.06
N LEU A 716 21.80 16.79 -30.58
CA LEU A 716 22.45 15.53 -30.18
C LEU A 716 22.76 14.52 -31.29
N ASN A 717 22.33 14.80 -32.53
CA ASN A 717 22.60 14.03 -33.75
C ASN A 717 22.47 12.49 -33.65
N GLY A 718 21.25 12.02 -33.36
CA GLY A 718 20.91 10.60 -33.26
C GLY A 718 21.55 9.79 -32.14
N ARG A 719 22.20 10.47 -31.16
CA ARG A 719 22.87 9.80 -30.04
C ARG A 719 21.93 9.42 -28.89
N VAL A 720 20.83 10.17 -28.72
CA VAL A 720 19.85 9.96 -27.65
C VAL A 720 18.94 8.77 -28.00
N GLN A 721 18.93 7.76 -27.11
CA GLN A 721 18.12 6.55 -27.25
C GLN A 721 16.81 6.67 -26.45
N SER A 722 15.89 5.70 -26.64
CA SER A 722 14.59 5.64 -25.96
C SER A 722 14.70 5.64 -24.43
N THR A 723 15.81 5.09 -23.91
CA THR A 723 16.14 4.99 -22.48
C THR A 723 16.64 6.33 -21.91
N GLU A 724 16.84 7.32 -22.80
CA GLU A 724 17.32 8.67 -22.44
C GLU A 724 16.24 9.74 -22.62
N LEU A 725 16.34 10.81 -21.82
CA LEU A 725 15.44 11.96 -21.77
C LEU A 725 16.21 13.26 -22.02
N CYS A 726 15.65 14.18 -22.80
CA CYS A 726 16.25 15.48 -23.09
C CYS A 726 15.53 16.60 -22.38
N ALA A 727 16.29 17.39 -21.60
CA ALA A 727 15.78 18.54 -20.85
C ALA A 727 16.83 19.64 -20.84
N GLY A 728 16.37 20.86 -21.10
CA GLY A 728 17.23 22.03 -21.14
C GLY A 728 16.82 23.02 -22.22
N HIS A 729 17.69 23.99 -22.52
CA HIS A 729 17.40 25.00 -23.53
C HIS A 729 18.23 24.81 -24.79
N LEU A 730 17.56 24.82 -25.95
CA LEU A 730 18.16 24.66 -27.28
C LEU A 730 18.85 25.97 -27.73
N ALA A 731 18.57 27.07 -27.01
CA ALA A 731 19.13 28.41 -27.22
C ALA A 731 19.21 29.10 -25.85
N GLY A 732 20.43 29.48 -25.47
CA GLY A 732 20.70 30.13 -24.19
C GLY A 732 21.08 29.12 -23.12
N GLY A 733 22.06 28.28 -23.44
CA GLY A 733 22.57 27.24 -22.56
C GLY A 733 23.45 27.76 -21.44
N THR A 734 23.28 27.21 -20.23
CA THR A 734 24.03 27.58 -19.02
C THR A 734 25.51 27.17 -19.03
N ASP A 735 25.84 26.09 -19.79
CA ASP A 735 27.18 25.49 -19.91
C ASP A 735 27.74 25.03 -18.55
N SER A 736 26.99 24.11 -17.90
CA SER A 736 27.32 23.54 -16.59
C SER A 736 26.58 22.23 -16.34
N CYS A 737 27.23 21.28 -15.62
CA CYS A 737 26.64 20.00 -15.23
C CYS A 737 25.78 20.26 -13.99
N GLN A 738 24.48 20.49 -14.23
CA GLN A 738 23.46 20.85 -13.25
C GLN A 738 23.15 19.78 -12.18
N GLY A 739 22.74 20.26 -11.00
CA GLY A 739 22.37 19.45 -9.84
C GLY A 739 23.47 18.55 -9.33
N ASP A 740 23.08 17.40 -8.77
CA ASP A 740 23.99 16.35 -8.29
C ASP A 740 23.84 15.16 -9.21
N SER A 741 24.90 14.35 -9.35
CA SER A 741 24.84 13.12 -10.15
C SER A 741 23.90 12.17 -9.38
N GLY A 742 22.97 11.55 -10.11
CA GLY A 742 21.97 10.67 -9.53
C GLY A 742 20.74 11.39 -9.01
N GLY A 743 20.77 12.72 -9.07
CA GLY A 743 19.71 13.60 -8.62
C GLY A 743 18.40 13.49 -9.37
N PRO A 744 17.28 13.98 -8.77
CA PRO A 744 15.99 13.87 -9.43
C PRO A 744 15.67 14.91 -10.50
N LEU A 745 14.83 14.51 -11.46
CA LEU A 745 14.22 15.33 -12.50
C LEU A 745 12.72 15.03 -12.37
N VAL A 746 11.98 15.96 -11.77
CA VAL A 746 10.55 15.80 -11.52
C VAL A 746 9.72 16.71 -12.40
N CYS A 747 8.57 16.21 -12.86
CA CYS A 747 7.66 16.97 -13.73
C CYS A 747 6.27 16.98 -13.11
N PHE A 748 5.66 18.17 -13.08
CA PHE A 748 4.32 18.35 -12.53
C PHE A 748 3.26 17.81 -13.47
N GLU A 749 2.28 17.08 -12.92
CA GLU A 749 1.16 16.53 -13.67
C GLU A 749 -0.12 16.64 -12.82
N LYS A 750 -0.98 17.61 -13.20
CA LYS A 750 -2.28 17.93 -12.59
C LYS A 750 -2.27 18.34 -11.11
N ASP A 751 -1.80 17.45 -10.20
CA ASP A 751 -1.82 17.69 -8.76
C ASP A 751 -0.60 17.14 -8.00
N LYS A 752 0.38 16.57 -8.73
CA LYS A 752 1.58 15.98 -8.12
C LYS A 752 2.80 16.03 -9.05
N TYR A 753 3.98 15.72 -8.49
CA TYR A 753 5.24 15.65 -9.23
C TYR A 753 5.60 14.19 -9.44
N ILE A 754 6.02 13.84 -10.66
CA ILE A 754 6.41 12.47 -10.98
C ILE A 754 7.89 12.47 -11.39
N LEU A 755 8.68 11.53 -10.84
CA LEU A 755 10.09 11.37 -11.18
C LEU A 755 10.17 10.87 -12.62
N GLN A 756 10.72 11.69 -13.52
CA GLN A 756 10.82 11.33 -14.94
C GLN A 756 12.24 11.06 -15.40
N GLY A 757 13.21 11.65 -14.70
CA GLY A 757 14.63 11.49 -15.03
C GLY A 757 15.56 11.41 -13.84
N VAL A 758 16.70 10.74 -14.06
CA VAL A 758 17.80 10.60 -13.10
C VAL A 758 18.99 11.31 -13.74
N THR A 759 19.61 12.24 -12.98
CA THR A 759 20.75 13.02 -13.44
C THR A 759 21.98 12.13 -13.65
N SER A 760 22.58 12.24 -14.84
CA SER A 760 23.75 11.49 -15.26
C SER A 760 24.58 12.38 -16.16
N TRP A 761 25.70 12.90 -15.63
CA TRP A 761 26.59 13.81 -16.36
C TRP A 761 27.33 13.16 -17.54
N GLY A 762 27.51 11.84 -17.46
CA GLY A 762 28.16 11.03 -18.50
C GLY A 762 27.41 11.01 -19.82
N LEU A 763 26.06 11.10 -19.77
CA LEU A 763 25.18 11.11 -20.94
C LEU A 763 25.29 12.41 -21.74
N GLY A 764 25.48 13.53 -21.03
CA GLY A 764 25.60 14.84 -21.62
C GLY A 764 25.08 15.95 -20.72
N CYS A 765 25.94 16.96 -20.45
CA CYS A 765 25.61 18.12 -19.62
C CYS A 765 24.96 19.24 -20.44
N ALA A 766 24.27 20.18 -19.77
CA ALA A 766 23.59 21.32 -20.39
C ALA A 766 24.61 22.31 -20.98
N ARG A 767 25.05 22.03 -22.22
CA ARG A 767 26.03 22.81 -22.98
C ARG A 767 25.35 24.04 -23.65
N PRO A 768 26.08 25.03 -24.23
CA PRO A 768 25.36 26.13 -24.91
C PRO A 768 24.80 25.63 -26.25
N ASN A 769 23.48 25.89 -26.48
CA ASN A 769 22.72 25.46 -27.66
C ASN A 769 22.54 23.92 -27.74
N LYS A 770 22.80 23.21 -26.63
CA LYS A 770 22.69 21.75 -26.52
C LYS A 770 22.05 21.36 -25.17
N PRO A 771 20.92 20.61 -25.16
CA PRO A 771 20.30 20.25 -23.88
C PRO A 771 21.02 19.12 -23.14
N GLY A 772 20.68 18.96 -21.86
CA GLY A 772 21.20 17.91 -21.00
C GLY A 772 20.50 16.60 -21.27
N VAL A 773 21.21 15.48 -21.08
CA VAL A 773 20.68 14.13 -21.31
C VAL A 773 20.53 13.42 -19.95
N TYR A 774 19.31 12.95 -19.65
CA TYR A 774 18.94 12.29 -18.40
C TYR A 774 18.47 10.85 -18.64
N VAL A 775 18.55 10.00 -17.61
CA VAL A 775 18.07 8.61 -17.68
C VAL A 775 16.55 8.66 -17.59
N ARG A 776 15.85 8.11 -18.59
CA ARG A 776 14.38 8.08 -18.63
C ARG A 776 13.86 6.98 -17.68
N VAL A 777 13.38 7.41 -16.50
CA VAL A 777 12.85 6.57 -15.40
C VAL A 777 11.79 5.55 -15.85
N SER A 778 10.83 5.98 -16.70
CA SER A 778 9.71 5.16 -17.22
C SER A 778 10.15 3.88 -17.92
N ARG A 779 11.34 3.89 -18.53
CA ARG A 779 11.91 2.74 -19.26
C ARG A 779 12.48 1.70 -18.29
N PHE A 780 12.59 2.03 -16.99
CA PHE A 780 13.14 1.14 -15.97
C PHE A 780 12.16 0.82 -14.82
N VAL A 781 10.93 1.36 -14.88
CA VAL A 781 9.85 1.16 -13.89
C VAL A 781 9.55 -0.32 -13.68
N THR A 782 9.44 -1.11 -14.78
CA THR A 782 9.20 -2.56 -14.75
C THR A 782 10.33 -3.30 -14.01
N TRP A 783 11.59 -2.88 -14.22
CA TRP A 783 12.76 -3.44 -13.55
C TRP A 783 12.76 -3.06 -12.06
N ILE A 784 12.44 -1.77 -11.76
CA ILE A 784 12.37 -1.21 -10.41
C ILE A 784 11.31 -1.96 -9.58
N GLU A 785 10.10 -2.14 -10.15
CA GLU A 785 8.97 -2.85 -9.53
C GLU A 785 9.34 -4.30 -9.20
N GLY A 786 10.05 -4.96 -10.11
CA GLY A 786 10.50 -6.34 -9.95
C GLY A 786 11.50 -6.53 -8.83
N VAL A 787 12.45 -5.57 -8.69
CA VAL A 787 13.48 -5.58 -7.65
C VAL A 787 12.83 -5.39 -6.26
N MET A 788 11.94 -4.38 -6.12
CA MET A 788 11.23 -4.07 -4.87
C MET A 788 10.32 -5.21 -4.42
N ARG A 789 9.72 -5.92 -5.39
CA ARG A 789 8.81 -7.05 -5.18
C ARG A 789 9.52 -8.29 -4.68
N ASN A 790 10.67 -8.64 -5.29
CA ASN A 790 11.44 -9.85 -5.00
C ASN A 790 12.59 -9.69 -3.99
N ASN A 791 12.84 -8.46 -3.49
CA ASN A 791 13.92 -8.19 -2.54
C ASN A 791 13.46 -7.33 -1.36
N PRO B 2 6.95 -46.30 34.65
CA PRO B 2 8.41 -46.15 34.84
C PRO B 2 8.95 -44.77 34.51
N LEU B 3 8.57 -44.21 33.34
CA LEU B 3 9.00 -42.89 32.88
C LEU B 3 8.17 -41.73 33.47
N ASP B 4 7.25 -42.05 34.40
CA ASP B 4 6.40 -41.09 35.10
C ASP B 4 7.25 -40.30 36.12
N ASP B 5 8.33 -40.93 36.62
CA ASP B 5 9.28 -40.36 37.58
C ASP B 5 10.34 -39.48 36.89
N TYR B 6 10.30 -39.39 35.55
CA TYR B 6 11.24 -38.63 34.74
C TYR B 6 10.62 -37.43 34.03
N VAL B 7 11.43 -36.36 33.89
CA VAL B 7 11.10 -35.12 33.18
C VAL B 7 11.94 -35.19 31.89
N ASN B 8 11.27 -35.18 30.72
CA ASN B 8 11.94 -35.29 29.42
C ASN B 8 12.09 -33.97 28.67
N THR B 9 13.24 -33.78 28.00
CA THR B 9 13.56 -32.62 27.18
C THR B 9 14.23 -33.07 25.88
N GLN B 10 13.53 -32.87 24.76
CA GLN B 10 13.99 -33.19 23.41
C GLN B 10 14.98 -32.11 22.96
N GLY B 11 16.09 -32.55 22.35
CA GLY B 11 17.12 -31.67 21.84
C GLY B 11 18.04 -31.09 22.89
N ALA B 12 18.05 -31.69 24.10
CA ALA B 12 18.87 -31.26 25.22
C ALA B 12 19.95 -32.28 25.54
N SER B 13 21.21 -31.79 25.62
CA SER B 13 22.38 -32.60 25.97
C SER B 13 23.01 -32.03 27.22
N LEU B 14 23.27 -32.90 28.20
CA LEU B 14 23.83 -32.54 29.50
C LEU B 14 25.34 -32.76 29.58
N PHE B 15 26.07 -31.80 30.18
CA PHE B 15 27.52 -31.90 30.40
C PHE B 15 27.72 -32.83 31.60
N SER B 16 28.38 -33.96 31.37
CA SER B 16 28.60 -34.95 32.41
C SER B 16 30.07 -35.29 32.61
N VAL B 17 30.45 -35.55 33.87
CA VAL B 17 31.79 -35.95 34.30
C VAL B 17 31.68 -37.39 34.84
N THR B 18 30.66 -37.63 35.69
CA THR B 18 30.37 -38.94 36.26
C THR B 18 29.28 -39.57 35.39
N LYS B 19 29.70 -40.43 34.44
CA LYS B 19 28.79 -41.07 33.49
C LYS B 19 29.12 -42.53 33.14
N LYS B 20 28.19 -43.19 32.44
CA LYS B 20 28.30 -44.57 31.95
C LYS B 20 27.60 -44.66 30.59
N GLN B 21 28.40 -44.83 29.52
CA GLN B 21 27.88 -44.94 28.15
C GLN B 21 27.79 -46.41 27.72
N LEU B 22 26.59 -46.82 27.28
CA LEU B 22 26.29 -48.19 26.84
C LEU B 22 25.16 -48.22 25.81
N GLY B 23 25.04 -49.35 25.11
CA GLY B 23 24.00 -49.55 24.10
C GLY B 23 22.68 -50.01 24.68
N ALA B 24 21.57 -49.47 24.15
CA ALA B 24 20.20 -49.79 24.58
C ALA B 24 19.23 -49.67 23.41
N GLY B 25 18.35 -50.67 23.28
CA GLY B 25 17.35 -50.73 22.23
C GLY B 25 16.19 -49.76 22.39
N SER B 26 15.89 -49.39 23.65
CA SER B 26 14.79 -48.47 23.99
C SER B 26 15.13 -47.53 25.15
N ILE B 27 14.29 -46.50 25.35
CA ILE B 27 14.40 -45.51 26.43
C ILE B 27 14.19 -46.22 27.79
N GLU B 28 13.18 -47.10 27.86
CA GLU B 28 12.81 -47.90 29.04
C GLU B 28 13.94 -48.82 29.53
N GLU B 29 14.81 -49.26 28.60
CA GLU B 29 16.00 -50.08 28.89
C GLU B 29 17.04 -49.21 29.61
N CYS B 30 17.24 -47.99 29.09
CA CYS B 30 18.16 -46.97 29.62
C CYS B 30 17.67 -46.47 30.98
N ALA B 31 16.33 -46.42 31.16
CA ALA B 31 15.66 -46.01 32.40
C ALA B 31 15.88 -47.05 33.50
N ALA B 32 15.85 -48.35 33.14
CA ALA B 32 16.05 -49.49 34.03
C ALA B 32 17.47 -49.53 34.61
N LYS B 33 18.48 -49.21 33.77
CA LYS B 33 19.89 -49.17 34.19
C LYS B 33 20.20 -47.96 35.07
N CYS B 34 19.41 -46.87 34.93
CA CYS B 34 19.52 -45.64 35.73
C CYS B 34 18.96 -45.92 37.15
N GLU B 35 17.89 -46.74 37.23
CA GLU B 35 17.26 -47.13 38.49
C GLU B 35 18.16 -48.06 39.33
N GLU B 36 19.11 -48.76 38.68
CA GLU B 36 20.07 -49.68 39.30
C GLU B 36 21.06 -48.98 40.23
N ASP B 37 21.51 -47.76 39.83
CA ASP B 37 22.48 -46.92 40.56
C ASP B 37 23.76 -47.69 40.93
N GLU B 38 24.34 -48.40 39.94
CA GLU B 38 25.52 -49.26 40.07
C GLU B 38 26.77 -48.58 40.68
N GLU B 39 27.52 -47.80 39.89
CA GLU B 39 28.75 -47.13 40.34
C GLU B 39 28.49 -45.78 41.02
N PHE B 40 27.37 -45.11 40.66
CA PHE B 40 27.00 -43.80 41.19
C PHE B 40 25.48 -43.60 41.23
N THR B 41 25.02 -42.51 41.85
CA THR B 41 23.60 -42.16 41.95
C THR B 41 23.18 -41.50 40.63
N CYS B 42 22.33 -42.19 39.85
CA CYS B 42 21.83 -41.69 38.57
C CYS B 42 20.71 -40.68 38.80
N ARG B 43 20.89 -39.46 38.28
CA ARG B 43 19.92 -38.38 38.38
C ARG B 43 19.32 -38.05 37.03
N ALA B 44 20.02 -38.41 35.94
CA ALA B 44 19.60 -38.19 34.57
C ALA B 44 20.19 -39.20 33.58
N PHE B 45 19.47 -39.44 32.48
CA PHE B 45 19.91 -40.30 31.39
C PHE B 45 19.63 -39.67 30.03
N GLN B 46 20.52 -39.92 29.06
CA GLN B 46 20.40 -39.40 27.70
C GLN B 46 20.21 -40.54 26.72
N TYR B 47 19.23 -40.39 25.82
CA TYR B 47 18.98 -41.42 24.80
C TYR B 47 19.10 -40.88 23.38
N HIS B 48 20.07 -41.42 22.64
CA HIS B 48 20.34 -41.11 21.25
C HIS B 48 19.68 -42.21 20.42
N SER B 49 18.57 -41.87 19.72
CA SER B 49 17.73 -42.79 18.95
C SER B 49 18.43 -43.60 17.84
N LYS B 50 18.87 -42.92 16.76
CA LYS B 50 19.51 -43.53 15.58
C LYS B 50 20.75 -44.37 15.89
N GLU B 51 21.64 -43.87 16.76
CA GLU B 51 22.87 -44.57 17.15
C GLU B 51 22.70 -45.54 18.33
N GLN B 52 21.44 -45.66 18.85
CA GLN B 52 21.03 -46.55 19.95
C GLN B 52 21.94 -46.47 21.19
N GLN B 53 22.28 -45.23 21.60
CA GLN B 53 23.16 -44.99 22.74
C GLN B 53 22.43 -44.48 23.98
N CYS B 54 22.86 -45.00 25.15
CA CYS B 54 22.33 -44.69 26.47
C CYS B 54 23.46 -44.16 27.35
N VAL B 55 23.29 -42.93 27.86
CA VAL B 55 24.28 -42.27 28.73
C VAL B 55 23.66 -42.00 30.10
N ILE B 56 24.02 -42.82 31.11
CA ILE B 56 23.56 -42.66 32.49
C ILE B 56 24.49 -41.68 33.19
N MET B 57 23.93 -40.62 33.79
CA MET B 57 24.68 -39.53 34.41
C MET B 57 24.28 -39.25 35.86
N ALA B 58 25.21 -38.68 36.64
CA ALA B 58 25.02 -38.31 38.04
C ALA B 58 24.54 -36.85 38.18
N GLU B 59 24.70 -36.05 37.11
CA GLU B 59 24.32 -34.64 37.06
C GLU B 59 22.89 -34.45 36.51
N ASN B 60 22.40 -33.20 36.55
CA ASN B 60 21.12 -32.73 36.02
C ASN B 60 21.23 -31.22 35.70
N ARG B 61 20.11 -30.54 35.40
CA ARG B 61 20.11 -29.10 35.08
C ARG B 61 20.58 -28.18 36.24
N LYS B 62 20.47 -28.67 37.49
CA LYS B 62 20.88 -27.93 38.69
C LYS B 62 22.40 -27.91 38.85
N SER B 63 23.04 -29.09 38.75
CA SER B 63 24.49 -29.25 38.94
C SER B 63 25.33 -29.09 37.67
N SER B 64 24.70 -29.06 36.48
CA SER B 64 25.43 -28.94 35.23
C SER B 64 24.79 -28.03 34.17
N ILE B 65 25.46 -27.90 33.01
CA ILE B 65 25.04 -27.09 31.86
C ILE B 65 24.39 -27.94 30.76
N ILE B 66 23.34 -27.38 30.13
CA ILE B 66 22.60 -27.99 29.02
C ILE B 66 23.05 -27.33 27.71
N ILE B 67 23.24 -28.14 26.64
CA ILE B 67 23.56 -27.66 25.29
C ILE B 67 22.55 -28.24 24.30
N ARG B 68 22.22 -27.47 23.25
CA ARG B 68 21.31 -27.91 22.19
C ARG B 68 22.00 -28.96 21.32
N MET B 69 21.25 -30.00 20.91
CA MET B 69 21.78 -31.11 20.11
C MET B 69 20.67 -31.76 19.26
N ARG B 70 21.06 -32.47 18.20
CA ARG B 70 20.13 -33.20 17.31
C ARG B 70 20.11 -34.68 17.71
N ASP B 71 18.95 -35.33 17.55
CA ASP B 71 18.71 -36.75 17.87
C ASP B 71 19.13 -37.13 19.30
N VAL B 72 18.55 -36.42 20.28
CA VAL B 72 18.82 -36.63 21.70
C VAL B 72 17.61 -36.20 22.56
N VAL B 73 17.29 -37.01 23.57
CA VAL B 73 16.23 -36.74 24.53
C VAL B 73 16.83 -36.93 25.92
N LEU B 74 16.79 -35.87 26.73
CA LEU B 74 17.32 -35.88 28.09
C LEU B 74 16.19 -36.20 29.07
N PHE B 75 16.41 -37.21 29.92
CA PHE B 75 15.44 -37.62 30.93
C PHE B 75 16.06 -37.39 32.30
N GLU B 76 15.44 -36.53 33.12
CA GLU B 76 15.92 -36.20 34.46
C GLU B 76 14.94 -36.71 35.50
N LYS B 77 15.45 -37.33 36.59
CA LYS B 77 14.63 -37.82 37.70
C LYS B 77 13.96 -36.62 38.38
N LYS B 78 12.61 -36.62 38.40
CA LYS B 78 11.79 -35.55 38.97
C LYS B 78 12.10 -35.25 40.45
N VAL B 79 12.42 -36.31 41.23
CA VAL B 79 12.74 -36.21 42.65
C VAL B 79 14.02 -35.39 42.93
N TYR B 80 15.00 -35.41 41.99
CA TYR B 80 16.24 -34.65 42.11
C TYR B 80 16.12 -33.22 41.58
N LEU B 81 14.97 -32.90 40.96
CA LEU B 81 14.65 -31.57 40.43
C LEU B 81 13.69 -30.81 41.37
N SER B 82 12.98 -31.54 42.24
CA SER B 82 12.01 -30.96 43.17
C SER B 82 12.65 -30.35 44.42
N GLU B 83 12.48 -29.02 44.58
CA GLU B 83 12.97 -28.26 45.73
C GLU B 83 11.83 -28.08 46.75
N CYS B 84 11.14 -29.20 47.05
CA CYS B 84 10.03 -29.28 47.98
C CYS B 84 9.92 -30.68 48.60
N LYS B 85 9.21 -30.80 49.74
CA LYS B 85 9.02 -32.07 50.46
C LYS B 85 7.55 -32.54 50.48
N THR B 86 7.35 -33.86 50.54
CA THR B 86 6.05 -34.50 50.65
C THR B 86 6.03 -35.25 51.98
N GLY B 87 5.05 -34.93 52.83
CA GLY B 87 4.90 -35.52 54.16
C GLY B 87 6.07 -35.18 55.05
N ASN B 88 6.74 -36.22 55.60
CA ASN B 88 7.91 -36.05 56.47
C ASN B 88 9.25 -35.92 55.70
N GLY B 89 9.16 -35.84 54.37
CA GLY B 89 10.32 -35.70 53.48
C GLY B 89 11.30 -36.85 53.53
N LYS B 90 10.79 -38.10 53.66
CA LYS B 90 11.59 -39.32 53.71
C LYS B 90 12.31 -39.54 52.37
N ASN B 91 11.62 -39.28 51.26
CA ASN B 91 12.16 -39.42 49.92
C ASN B 91 12.58 -38.08 49.28
N TYR B 92 12.71 -37.02 50.11
CA TYR B 92 13.13 -35.68 49.69
C TYR B 92 14.59 -35.73 49.21
N ARG B 93 14.83 -35.25 47.98
CA ARG B 93 16.15 -35.22 47.37
C ARG B 93 16.54 -33.84 46.83
N GLY B 94 16.04 -32.79 47.48
CA GLY B 94 16.32 -31.41 47.13
C GLY B 94 17.68 -30.94 47.64
N THR B 95 18.03 -29.68 47.37
CA THR B 95 19.32 -29.13 47.74
C THR B 95 19.38 -28.17 48.94
N MET B 96 18.36 -28.17 49.82
CA MET B 96 18.34 -27.33 51.03
C MET B 96 19.52 -27.78 51.90
N SER B 97 20.49 -26.88 52.09
CA SER B 97 21.72 -27.18 52.82
C SER B 97 21.96 -26.29 54.06
N LYS B 98 20.87 -25.77 54.64
CA LYS B 98 20.89 -24.96 55.86
C LYS B 98 19.69 -25.29 56.76
N THR B 99 19.85 -25.11 58.07
CA THR B 99 18.82 -25.39 59.08
C THR B 99 17.75 -24.29 59.17
N LYS B 100 16.75 -24.49 60.07
CA LYS B 100 15.65 -23.58 60.40
C LYS B 100 16.23 -22.22 60.84
N ASN B 101 17.35 -22.26 61.59
CA ASN B 101 18.05 -21.10 62.13
C ASN B 101 19.21 -20.59 61.25
N GLY B 102 19.18 -20.95 59.97
CA GLY B 102 20.15 -20.52 58.96
C GLY B 102 21.58 -20.97 59.13
N ILE B 103 21.82 -22.12 59.80
CA ILE B 103 23.17 -22.66 59.99
C ILE B 103 23.46 -23.65 58.86
N THR B 104 24.61 -23.49 58.16
CA THR B 104 25.06 -24.36 57.08
C THR B 104 25.22 -25.79 57.60
N CYS B 105 24.68 -26.77 56.86
CA CYS B 105 24.76 -28.17 57.23
C CYS B 105 26.18 -28.70 57.08
N GLN B 106 26.52 -29.68 57.91
CA GLN B 106 27.79 -30.40 57.86
C GLN B 106 27.59 -31.50 56.82
N LYS B 107 28.64 -31.83 56.04
CA LYS B 107 28.59 -32.92 55.06
C LYS B 107 28.40 -34.23 55.83
N TRP B 108 27.47 -35.09 55.35
CA TRP B 108 27.18 -36.39 55.97
C TRP B 108 28.43 -37.30 56.01
N SER B 109 29.31 -37.16 55.00
CA SER B 109 30.56 -37.89 54.87
C SER B 109 31.67 -37.33 55.79
N SER B 110 31.53 -36.07 56.26
CA SER B 110 32.49 -35.42 57.16
C SER B 110 32.37 -35.93 58.60
N THR B 111 33.44 -35.72 59.41
CA THR B 111 33.52 -36.15 60.81
C THR B 111 33.76 -34.99 61.80
N SER B 112 33.77 -33.75 61.28
CA SER B 112 33.99 -32.53 62.06
C SER B 112 32.99 -31.42 61.65
N PRO B 113 32.39 -30.65 62.59
CA PRO B 113 32.55 -30.68 64.05
C PRO B 113 31.87 -31.84 64.78
N HIS B 114 30.90 -32.52 64.14
CA HIS B 114 30.16 -33.63 64.75
C HIS B 114 30.39 -34.97 64.05
N ARG B 115 30.19 -36.07 64.79
CA ARG B 115 30.31 -37.43 64.28
C ARG B 115 28.93 -37.94 63.89
N PRO B 116 28.60 -37.99 62.58
CA PRO B 116 27.27 -38.44 62.16
C PRO B 116 27.08 -39.95 62.26
N ARG B 117 25.90 -40.39 62.73
CA ARG B 117 25.59 -41.82 62.81
C ARG B 117 24.97 -42.29 61.49
N PHE B 118 24.67 -41.32 60.59
CA PHE B 118 24.14 -41.52 59.25
C PHE B 118 25.11 -40.90 58.25
N SER B 119 25.65 -41.73 57.35
CA SER B 119 26.62 -41.32 56.33
C SER B 119 26.34 -42.06 55.02
N PRO B 120 26.78 -41.55 53.83
CA PRO B 120 26.52 -42.29 52.58
C PRO B 120 27.20 -43.67 52.49
N ALA B 121 28.22 -43.91 53.34
CA ALA B 121 28.93 -45.18 53.40
C ALA B 121 28.12 -46.23 54.20
N THR B 122 27.55 -45.82 55.36
CA THR B 122 26.77 -46.69 56.23
C THR B 122 25.31 -46.81 55.78
N HIS B 123 24.77 -45.74 55.16
CA HIS B 123 23.39 -45.68 54.67
C HIS B 123 23.35 -45.24 53.19
N PRO B 124 23.69 -46.14 52.23
CA PRO B 124 23.71 -45.75 50.81
C PRO B 124 22.37 -45.48 50.13
N SER B 125 21.25 -45.89 50.75
CA SER B 125 19.90 -45.72 50.18
C SER B 125 19.19 -44.43 50.63
N GLU B 126 19.79 -43.69 51.57
CA GLU B 126 19.20 -42.48 52.14
C GLU B 126 19.49 -41.16 51.42
N GLY B 127 20.27 -41.22 50.34
CA GLY B 127 20.65 -40.06 49.53
C GLY B 127 21.39 -39.00 50.32
N LEU B 128 22.29 -39.44 51.21
CA LEU B 128 23.08 -38.55 52.07
C LEU B 128 24.25 -37.94 51.30
N GLU B 129 23.90 -37.24 50.21
CA GLU B 129 24.79 -36.56 49.28
C GLU B 129 25.11 -35.18 49.84
N GLU B 130 26.38 -34.76 49.73
CA GLU B 130 26.90 -33.46 50.17
C GLU B 130 26.48 -33.13 51.63
N ASN B 131 25.87 -31.95 51.85
CA ASN B 131 25.38 -31.50 53.14
C ASN B 131 23.87 -31.18 53.05
N TYR B 132 23.16 -31.83 52.11
CA TYR B 132 21.74 -31.60 51.91
C TYR B 132 20.88 -32.15 53.05
N CYS B 133 19.77 -31.44 53.37
CA CYS B 133 18.81 -31.83 54.41
C CYS B 133 18.10 -33.10 54.00
N ARG B 134 18.18 -34.13 54.84
CA ARG B 134 17.58 -35.44 54.57
C ARG B 134 16.88 -35.99 55.81
N ASN B 135 16.07 -37.04 55.63
CA ASN B 135 15.39 -37.69 56.74
C ASN B 135 15.76 -39.19 56.75
N PRO B 136 17.00 -39.55 57.19
CA PRO B 136 17.38 -40.97 57.17
C PRO B 136 16.75 -41.85 58.25
N ASP B 137 16.34 -41.24 59.38
CA ASP B 137 15.74 -41.94 60.52
C ASP B 137 14.21 -41.93 60.49
N ASN B 138 13.61 -41.39 59.39
CA ASN B 138 12.15 -41.27 59.17
C ASN B 138 11.48 -40.47 60.32
N ASP B 139 12.12 -39.34 60.69
CA ASP B 139 11.68 -38.42 61.74
C ASP B 139 10.35 -37.75 61.33
N PRO B 140 9.30 -37.81 62.19
CA PRO B 140 8.02 -37.18 61.82
C PRO B 140 8.05 -35.65 61.68
N GLN B 141 9.10 -34.99 62.22
CA GLN B 141 9.26 -33.53 62.14
C GLN B 141 9.85 -33.05 60.80
N GLY B 142 10.24 -33.98 59.94
CA GLY B 142 10.77 -33.69 58.61
C GLY B 142 12.27 -33.78 58.45
N PRO B 143 12.80 -33.43 57.25
CA PRO B 143 14.25 -33.50 57.01
C PRO B 143 15.06 -32.58 57.93
N TRP B 144 16.29 -33.01 58.20
CA TRP B 144 17.25 -32.35 59.09
C TRP B 144 18.68 -32.58 58.59
N CYS B 145 19.67 -32.05 59.31
CA CYS B 145 21.09 -32.21 58.99
C CYS B 145 21.92 -31.94 60.23
N TYR B 146 23.18 -32.42 60.23
CA TYR B 146 24.14 -32.12 61.28
C TYR B 146 24.66 -30.72 60.94
N THR B 147 24.88 -29.84 61.93
CA THR B 147 25.28 -28.46 61.66
C THR B 147 26.80 -28.21 61.71
N THR B 148 27.25 -27.13 61.06
CA THR B 148 28.66 -26.70 61.05
C THR B 148 29.02 -25.98 62.36
N ASP B 149 27.98 -25.59 63.14
CA ASP B 149 28.11 -24.94 64.44
C ASP B 149 28.42 -26.04 65.48
N PRO B 150 29.58 -25.98 66.19
CA PRO B 150 29.90 -27.03 67.18
C PRO B 150 28.94 -27.13 68.37
N GLU B 151 28.20 -26.05 68.67
CA GLU B 151 27.25 -26.02 69.79
C GLU B 151 25.83 -26.49 69.43
N LYS B 152 25.61 -26.92 68.17
CA LYS B 152 24.35 -27.43 67.67
C LYS B 152 24.63 -28.69 66.84
N ARG B 153 24.45 -29.88 67.44
CA ARG B 153 24.69 -31.18 66.79
C ARG B 153 23.88 -31.35 65.51
N TYR B 154 22.56 -31.15 65.59
CA TYR B 154 21.65 -31.26 64.45
C TYR B 154 20.43 -30.35 64.65
N ASP B 155 19.76 -30.01 63.54
CA ASP B 155 18.54 -29.23 63.54
C ASP B 155 17.73 -29.48 62.27
N TYR B 156 16.42 -29.23 62.34
CA TYR B 156 15.52 -29.40 61.20
C TYR B 156 15.68 -28.24 60.21
N CYS B 157 15.27 -28.46 58.96
CA CYS B 157 15.38 -27.47 57.89
C CYS B 157 14.03 -26.91 57.48
N ASP B 158 14.04 -25.71 56.87
CA ASP B 158 12.84 -25.06 56.37
C ASP B 158 12.69 -25.38 54.89
N ILE B 159 11.86 -26.38 54.57
CA ILE B 159 11.61 -26.83 53.21
C ILE B 159 10.14 -26.63 52.87
N LEU B 160 9.88 -26.05 51.68
CA LEU B 160 8.54 -25.81 51.14
C LEU B 160 7.85 -27.16 50.91
N GLU B 161 6.55 -27.24 51.21
CA GLU B 161 5.79 -28.47 51.01
C GLU B 161 5.37 -28.58 49.54
N CYS B 162 5.53 -29.77 48.92
CA CYS B 162 5.14 -30.02 47.54
C CYS B 162 3.63 -29.91 47.40
N GLU B 163 3.16 -29.47 46.23
CA GLU B 163 1.74 -29.37 45.96
C GLU B 163 1.23 -30.68 45.33
N GLU B 164 1.52 -31.81 46.01
CA GLU B 164 1.15 -33.16 45.55
C GLU B 164 0.01 -33.76 46.38
N GLU B 165 0.13 -33.72 47.73
CA GLU B 165 -0.87 -34.23 48.67
C GLU B 165 -1.86 -33.15 49.06
N CYS B 166 -1.47 -31.87 48.87
CA CYS B 166 -2.26 -30.68 49.18
C CYS B 166 -1.95 -29.56 48.18
N MET B 167 -2.48 -28.35 48.42
CA MET B 167 -2.23 -27.20 47.55
C MET B 167 -2.01 -25.91 48.34
N HIS B 168 -1.25 -24.99 47.74
CA HIS B 168 -1.00 -23.65 48.26
C HIS B 168 -1.85 -22.72 47.40
N CYS B 169 -2.24 -21.56 47.98
CA CYS B 169 -3.04 -20.51 47.30
C CYS B 169 -4.33 -21.05 46.65
N SER B 170 -4.49 -20.88 45.32
CA SER B 170 -5.65 -21.32 44.54
C SER B 170 -5.36 -22.61 43.74
N GLY B 171 -4.19 -23.19 43.94
CA GLY B 171 -3.79 -24.41 43.24
C GLY B 171 -3.34 -24.16 41.82
N GLU B 172 -2.81 -22.95 41.55
CA GLU B 172 -2.28 -22.56 40.23
C GLU B 172 -0.96 -23.32 39.94
N ASN B 173 -0.29 -23.81 41.01
CA ASN B 173 0.95 -24.58 40.94
C ASN B 173 0.76 -25.99 41.54
N TYR B 174 -0.51 -26.46 41.63
CA TYR B 174 -0.84 -27.79 42.14
C TYR B 174 -0.29 -28.85 41.19
N ASP B 175 0.50 -29.78 41.73
CA ASP B 175 1.20 -30.84 40.99
C ASP B 175 0.74 -32.25 41.38
N GLY B 176 -0.42 -32.34 42.03
CA GLY B 176 -1.01 -33.59 42.47
C GLY B 176 -1.62 -34.44 41.38
N LYS B 177 -2.11 -35.63 41.77
CA LYS B 177 -2.69 -36.59 40.84
C LYS B 177 -4.21 -36.85 40.98
N ILE B 178 -4.94 -35.97 41.70
CA ILE B 178 -6.40 -36.09 41.84
C ILE B 178 -7.05 -35.89 40.47
N SER B 179 -7.76 -36.91 39.99
CA SER B 179 -8.43 -36.94 38.69
C SER B 179 -9.95 -37.10 38.81
N LYS B 180 -10.52 -36.65 39.94
CA LYS B 180 -11.95 -36.68 40.24
C LYS B 180 -12.45 -35.32 40.68
N THR B 181 -13.67 -34.97 40.29
CA THR B 181 -14.31 -33.70 40.67
C THR B 181 -14.90 -33.83 42.09
N MET B 182 -15.39 -32.70 42.66
CA MET B 182 -16.00 -32.66 44.00
C MET B 182 -17.23 -33.58 44.16
N SER B 183 -17.93 -33.89 43.04
CA SER B 183 -19.10 -34.76 43.02
C SER B 183 -18.80 -36.20 42.56
N GLY B 184 -17.52 -36.51 42.35
CA GLY B 184 -17.08 -37.84 41.96
C GLY B 184 -17.03 -38.15 40.47
N LEU B 185 -17.16 -37.12 39.61
CA LEU B 185 -17.08 -37.31 38.17
C LEU B 185 -15.62 -37.44 37.75
N GLU B 186 -15.33 -38.28 36.74
CA GLU B 186 -13.97 -38.48 36.24
C GLU B 186 -13.55 -37.30 35.37
N CYS B 187 -12.29 -36.85 35.53
CA CYS B 187 -11.74 -35.75 34.74
C CYS B 187 -11.48 -36.19 33.31
N GLN B 188 -11.72 -35.29 32.37
CA GLN B 188 -11.42 -35.47 30.95
C GLN B 188 -9.96 -35.06 30.81
N ALA B 189 -9.20 -35.78 29.95
CA ALA B 189 -7.80 -35.47 29.71
C ALA B 189 -7.68 -34.10 29.04
N TRP B 190 -6.68 -33.30 29.46
CA TRP B 190 -6.45 -31.95 28.90
C TRP B 190 -6.12 -31.98 27.41
N ASP B 191 -5.38 -33.02 26.96
CA ASP B 191 -5.02 -33.20 25.56
C ASP B 191 -6.18 -33.75 24.70
N SER B 192 -7.32 -34.09 25.34
CA SER B 192 -8.52 -34.59 24.69
C SER B 192 -9.56 -33.48 24.50
N GLN B 193 -10.29 -33.54 23.37
CA GLN B 193 -11.34 -32.59 23.01
C GLN B 193 -12.72 -33.29 23.03
N SER B 194 -12.77 -34.49 23.64
CA SER B 194 -13.96 -35.32 23.75
C SER B 194 -14.14 -35.82 25.19
N PRO B 195 -15.37 -35.76 25.78
CA PRO B 195 -16.64 -35.29 25.22
C PRO B 195 -16.77 -33.78 25.05
N HIS B 196 -15.91 -32.99 25.73
CA HIS B 196 -15.97 -31.53 25.68
C HIS B 196 -14.83 -30.87 24.95
N ALA B 197 -15.17 -30.07 23.94
CA ALA B 197 -14.22 -29.28 23.16
C ALA B 197 -13.88 -28.04 24.01
N HIS B 198 -12.59 -27.69 24.11
CA HIS B 198 -12.15 -26.58 24.96
C HIS B 198 -10.91 -25.84 24.45
N GLY B 199 -10.66 -24.67 25.04
CA GLY B 199 -9.54 -23.80 24.72
C GLY B 199 -8.35 -23.90 25.65
N TYR B 200 -8.33 -24.91 26.54
CA TYR B 200 -7.22 -25.14 27.45
C TYR B 200 -6.32 -26.25 26.88
N ILE B 201 -5.86 -26.03 25.63
CA ILE B 201 -5.01 -26.93 24.86
C ILE B 201 -3.60 -26.93 25.49
N PRO B 202 -3.08 -28.10 25.93
CA PRO B 202 -1.76 -28.15 26.57
C PRO B 202 -0.61 -27.61 25.72
N SER B 203 -0.65 -27.78 24.38
CA SER B 203 0.39 -27.27 23.47
C SER B 203 0.40 -25.73 23.41
N LYS B 204 -0.74 -25.10 23.72
CA LYS B 204 -0.90 -23.64 23.73
C LYS B 204 -0.50 -23.04 25.09
N PHE B 205 -0.50 -23.87 26.15
CA PHE B 205 -0.09 -23.50 27.50
C PHE B 205 0.91 -24.56 28.00
N PRO B 206 2.12 -24.69 27.38
CA PRO B 206 3.03 -25.78 27.77
C PRO B 206 3.67 -25.68 29.15
N ASN B 207 3.58 -24.52 29.79
CA ASN B 207 4.15 -24.29 31.12
C ASN B 207 3.08 -24.26 32.23
N LYS B 208 1.82 -24.58 31.89
CA LYS B 208 0.69 -24.59 32.81
C LYS B 208 0.39 -25.95 33.46
N ASN B 209 1.28 -26.94 33.26
CA ASN B 209 1.22 -28.30 33.83
C ASN B 209 -0.12 -29.04 33.60
N LEU B 210 -0.74 -28.83 32.42
CA LEU B 210 -2.01 -29.47 32.06
C LEU B 210 -1.75 -30.89 31.57
N LYS B 211 -1.28 -31.74 32.49
CA LYS B 211 -0.90 -33.13 32.25
C LYS B 211 -2.02 -34.11 32.54
N LYS B 212 -2.15 -35.14 31.70
CA LYS B 212 -3.13 -36.23 31.78
C LYS B 212 -4.55 -35.70 32.07
N ASN B 213 -5.24 -36.23 33.09
CA ASN B 213 -6.57 -35.76 33.49
C ASN B 213 -6.56 -35.27 34.95
N TYR B 214 -5.43 -34.69 35.39
CA TYR B 214 -5.31 -34.19 36.75
C TYR B 214 -5.99 -32.84 36.90
N CYS B 215 -6.59 -32.59 38.08
CA CYS B 215 -7.25 -31.32 38.41
C CYS B 215 -6.21 -30.22 38.40
N ARG B 216 -6.47 -29.14 37.65
CA ARG B 216 -5.54 -28.01 37.54
C ARG B 216 -6.27 -26.68 37.58
N ASN B 217 -5.53 -25.60 37.87
CA ASN B 217 -6.09 -24.25 37.91
C ASN B 217 -5.30 -23.32 36.97
N PRO B 218 -5.59 -23.34 35.66
CA PRO B 218 -4.84 -22.47 34.73
C PRO B 218 -5.47 -21.09 34.46
N ASP B 219 -6.75 -20.90 34.85
CA ASP B 219 -7.52 -19.68 34.57
C ASP B 219 -7.97 -18.85 35.79
N ARG B 220 -7.17 -18.84 36.87
CA ARG B 220 -7.44 -18.08 38.10
C ARG B 220 -8.80 -18.39 38.74
N GLU B 221 -9.18 -19.68 38.72
CA GLU B 221 -10.41 -20.20 39.31
C GLU B 221 -10.19 -20.29 40.83
N LEU B 222 -11.28 -20.45 41.62
CA LEU B 222 -11.25 -20.56 43.08
C LEU B 222 -10.27 -21.66 43.56
N ARG B 223 -10.28 -22.80 42.88
CA ARG B 223 -9.43 -23.96 43.20
C ARG B 223 -9.26 -24.83 41.93
N PRO B 224 -8.37 -25.86 41.89
CA PRO B 224 -8.26 -26.68 40.68
C PRO B 224 -9.57 -27.36 40.31
N TRP B 225 -9.74 -27.54 39.01
CA TRP B 225 -10.92 -28.09 38.37
C TRP B 225 -10.46 -28.92 37.16
N CYS B 226 -11.41 -29.48 36.42
CA CYS B 226 -11.15 -30.26 35.21
C CYS B 226 -12.44 -30.37 34.43
N PHE B 227 -12.33 -30.68 33.13
CA PHE B 227 -13.49 -30.97 32.30
C PHE B 227 -13.89 -32.39 32.66
N THR B 228 -15.19 -32.70 32.69
CA THR B 228 -15.64 -34.03 33.10
C THR B 228 -15.87 -34.96 31.92
N THR B 229 -15.89 -36.29 32.16
CA THR B 229 -16.15 -37.28 31.11
C THR B 229 -17.66 -37.40 30.84
N ASP B 230 -18.49 -36.79 31.71
CA ASP B 230 -19.95 -36.78 31.56
C ASP B 230 -20.33 -35.83 30.41
N PRO B 231 -21.19 -36.27 29.45
CA PRO B 231 -21.52 -35.40 28.31
C PRO B 231 -22.34 -34.14 28.63
N ASN B 232 -23.00 -34.11 29.80
CA ASN B 232 -23.83 -32.99 30.23
C ASN B 232 -23.13 -31.99 31.15
N LYS B 233 -22.12 -32.43 31.90
CA LYS B 233 -21.36 -31.56 32.79
C LYS B 233 -20.02 -31.23 32.12
N ARG B 234 -19.89 -29.98 31.64
CA ARG B 234 -18.69 -29.51 30.94
C ARG B 234 -17.46 -29.57 31.83
N TRP B 235 -17.52 -28.94 33.01
CA TRP B 235 -16.43 -28.90 33.98
C TRP B 235 -16.97 -28.84 35.40
N GLU B 236 -16.10 -29.12 36.39
CA GLU B 236 -16.44 -29.07 37.81
C GLU B 236 -15.18 -28.91 38.66
N LEU B 237 -15.31 -28.20 39.79
CA LEU B 237 -14.23 -27.99 40.75
C LEU B 237 -13.86 -29.33 41.41
N CYS B 238 -12.61 -29.43 41.88
CA CYS B 238 -12.12 -30.61 42.57
C CYS B 238 -11.94 -30.31 44.06
N ASP B 239 -12.08 -31.35 44.91
CA ASP B 239 -11.90 -31.23 46.35
C ASP B 239 -10.44 -31.54 46.69
N ILE B 240 -9.57 -30.53 46.53
CA ILE B 240 -8.15 -30.66 46.82
C ILE B 240 -7.82 -30.09 48.19
N PRO B 241 -7.19 -30.88 49.10
CA PRO B 241 -6.86 -30.36 50.44
C PRO B 241 -5.89 -29.18 50.39
N ARG B 242 -6.06 -28.24 51.33
CA ARG B 242 -5.20 -27.06 51.42
C ARG B 242 -4.06 -27.36 52.39
N CYS B 243 -2.81 -27.00 52.02
CA CYS B 243 -1.62 -27.22 52.86
C CYS B 243 -1.72 -26.37 54.13
N THR B 244 -1.30 -26.94 55.26
CA THR B 244 -1.32 -26.27 56.57
C THR B 244 0.03 -25.55 56.81
N THR B 245 0.98 -25.72 55.88
CA THR B 245 2.33 -25.15 55.91
C THR B 245 2.40 -23.82 55.13
N PRO B 246 3.42 -22.95 55.35
CA PRO B 246 3.47 -21.67 54.61
C PRO B 246 3.54 -21.79 53.09
N PRO B 247 2.86 -20.89 52.34
CA PRO B 247 2.92 -20.97 50.86
C PRO B 247 4.27 -20.47 50.33
N PRO B 248 4.63 -20.70 49.03
CA PRO B 248 5.93 -20.18 48.53
C PRO B 248 6.06 -18.65 48.63
N SER B 249 7.31 -18.17 48.77
CA SER B 249 7.64 -16.75 48.90
C SER B 249 7.19 -15.92 47.69
N SER B 250 6.54 -14.78 47.96
CA SER B 250 6.04 -13.85 46.94
C SER B 250 7.13 -12.84 46.53
N GLY B 251 8.20 -12.76 47.33
CA GLY B 251 9.31 -11.84 47.12
C GLY B 251 9.36 -10.75 48.16
N PRO B 252 10.19 -9.68 47.95
CA PRO B 252 10.25 -8.60 48.95
C PRO B 252 8.97 -7.77 49.03
N THR B 253 8.58 -7.41 50.26
CA THR B 253 7.38 -6.62 50.54
C THR B 253 7.76 -5.26 51.13
N TYR B 254 6.93 -4.23 50.89
CA TYR B 254 7.22 -2.87 51.34
C TYR B 254 6.03 -2.17 51.99
N GLN B 255 6.30 -1.19 52.86
CA GLN B 255 5.30 -0.36 53.54
C GLN B 255 5.17 1.01 52.86
N CYS B 256 5.89 1.17 51.73
CA CYS B 256 5.89 2.35 50.87
C CYS B 256 5.48 1.94 49.44
N LEU B 257 5.19 2.91 48.57
CA LEU B 257 4.77 2.64 47.19
C LEU B 257 5.93 2.35 46.24
N LYS B 258 5.86 1.18 45.56
CA LYS B 258 6.83 0.72 44.59
C LYS B 258 6.08 0.15 43.38
N GLY B 259 6.03 0.94 42.30
CA GLY B 259 5.33 0.58 41.07
C GLY B 259 3.82 0.66 41.23
N THR B 260 3.12 -0.45 40.95
CA THR B 260 1.66 -0.55 41.07
C THR B 260 1.21 -0.85 42.51
N GLY B 261 2.16 -1.20 43.38
CA GLY B 261 1.89 -1.51 44.78
C GLY B 261 1.38 -2.91 45.00
N GLU B 262 1.80 -3.85 44.14
CA GLU B 262 1.44 -5.27 44.24
C GLU B 262 2.17 -5.89 45.43
N ASN B 263 3.39 -5.38 45.72
CA ASN B 263 4.23 -5.82 46.83
C ASN B 263 4.01 -4.96 48.10
N TYR B 264 2.98 -4.10 48.10
CA TYR B 264 2.67 -3.27 49.26
C TYR B 264 1.97 -4.09 50.34
N ARG B 265 2.54 -4.08 51.56
CA ARG B 265 2.01 -4.80 52.71
C ARG B 265 1.96 -3.93 53.97
N GLY B 266 1.60 -2.66 53.79
CA GLY B 266 1.47 -1.69 54.87
C GLY B 266 0.11 -1.79 55.53
N ASN B 267 -0.11 -0.99 56.59
CA ASN B 267 -1.37 -1.03 57.33
C ASN B 267 -2.30 0.18 57.13
N VAL B 268 -2.06 0.99 56.07
CA VAL B 268 -2.90 2.16 55.72
C VAL B 268 -4.30 1.63 55.35
N ALA B 269 -5.33 2.13 56.05
CA ALA B 269 -6.72 1.72 55.86
C ALA B 269 -7.64 2.93 55.61
N VAL B 270 -7.12 3.93 54.86
CA VAL B 270 -7.82 5.17 54.50
C VAL B 270 -7.52 5.49 53.02
N THR B 271 -8.56 5.86 52.25
CA THR B 271 -8.44 6.21 50.82
C THR B 271 -7.87 7.63 50.61
N VAL B 272 -7.63 8.02 49.35
CA VAL B 272 -7.10 9.34 48.96
C VAL B 272 -8.03 10.50 49.39
N SER B 273 -9.37 10.27 49.39
CA SER B 273 -10.36 11.27 49.82
C SER B 273 -10.68 11.23 51.33
N GLY B 274 -9.99 10.35 52.06
CA GLY B 274 -10.15 10.21 53.51
C GLY B 274 -11.19 9.22 53.97
N HIS B 275 -11.74 8.41 53.06
CA HIS B 275 -12.76 7.40 53.39
C HIS B 275 -12.14 6.19 54.07
N THR B 276 -12.84 5.63 55.08
CA THR B 276 -12.39 4.44 55.82
C THR B 276 -12.60 3.19 54.96
N CYS B 277 -11.55 2.36 54.85
CA CYS B 277 -11.58 1.12 54.08
C CYS B 277 -12.51 0.08 54.67
N GLN B 278 -13.20 -0.65 53.78
CA GLN B 278 -14.08 -1.76 54.12
C GLN B 278 -13.17 -2.99 54.21
N HIS B 279 -13.44 -3.88 55.18
CA HIS B 279 -12.69 -5.13 55.36
C HIS B 279 -12.88 -6.02 54.14
N TRP B 280 -11.78 -6.64 53.67
CA TRP B 280 -11.78 -7.54 52.51
C TRP B 280 -12.67 -8.76 52.76
N SER B 281 -12.77 -9.19 54.04
CA SER B 281 -13.60 -10.29 54.50
C SER B 281 -15.07 -9.87 54.67
N ALA B 282 -15.36 -8.55 54.59
CA ALA B 282 -16.73 -8.01 54.72
C ALA B 282 -17.38 -7.81 53.35
N GLN B 283 -18.71 -7.95 53.31
CA GLN B 283 -19.50 -7.80 52.08
C GLN B 283 -20.52 -6.65 52.18
N THR B 284 -20.32 -5.76 53.17
CA THR B 284 -21.15 -4.59 53.44
C THR B 284 -20.27 -3.35 53.71
N PRO B 285 -20.61 -2.14 53.21
CA PRO B 285 -21.79 -1.78 52.39
C PRO B 285 -21.73 -2.22 50.92
N HIS B 286 -20.60 -2.79 50.48
CA HIS B 286 -20.41 -3.22 49.08
C HIS B 286 -20.06 -4.70 48.94
N THR B 287 -20.74 -5.38 47.99
CA THR B 287 -20.49 -6.79 47.66
C THR B 287 -19.38 -6.83 46.61
N HIS B 288 -18.47 -7.81 46.71
CA HIS B 288 -17.32 -7.92 45.80
C HIS B 288 -16.74 -9.34 45.73
N ASN B 289 -15.92 -9.59 44.70
CA ASN B 289 -15.23 -10.87 44.51
C ASN B 289 -13.74 -10.77 44.83
N ARG B 290 -13.27 -9.61 45.34
CA ARG B 290 -11.88 -9.39 45.75
C ARG B 290 -11.75 -9.81 47.22
N THR B 291 -12.09 -11.08 47.46
CA THR B 291 -12.12 -11.73 48.77
C THR B 291 -10.81 -12.48 49.06
N PRO B 292 -10.46 -12.73 50.35
CA PRO B 292 -9.25 -13.53 50.64
C PRO B 292 -9.35 -14.96 50.09
N GLU B 293 -10.58 -15.47 49.86
CA GLU B 293 -10.82 -16.81 49.29
C GLU B 293 -10.48 -16.84 47.79
N ASN B 294 -10.76 -15.74 47.06
CA ASN B 294 -10.45 -15.61 45.64
C ASN B 294 -9.00 -15.19 45.36
N PHE B 295 -8.36 -14.50 46.32
CA PHE B 295 -6.97 -14.04 46.25
C PHE B 295 -6.25 -14.46 47.57
N PRO B 296 -6.02 -15.79 47.80
CA PRO B 296 -5.43 -16.21 49.08
C PRO B 296 -3.97 -15.90 49.34
N CYS B 297 -3.20 -15.56 48.30
CA CYS B 297 -1.79 -15.23 48.47
C CYS B 297 -1.45 -13.78 48.09
N LYS B 298 -2.45 -12.90 48.23
CA LYS B 298 -2.37 -11.47 47.93
C LYS B 298 -2.46 -10.61 49.20
N ASN B 299 -2.54 -11.28 50.38
CA ASN B 299 -2.63 -10.68 51.71
C ASN B 299 -3.73 -9.64 51.88
N LEU B 300 -4.99 -10.07 51.63
CA LEU B 300 -6.15 -9.22 51.79
C LEU B 300 -6.60 -9.30 53.25
N ASP B 301 -5.72 -8.80 54.14
CA ASP B 301 -5.87 -8.81 55.59
C ASP B 301 -6.51 -7.52 56.08
N GLU B 302 -7.42 -7.65 57.07
CA GLU B 302 -8.18 -6.55 57.68
C GLU B 302 -8.83 -5.67 56.60
N ASN B 303 -8.61 -4.35 56.66
CA ASN B 303 -9.11 -3.37 55.70
C ASN B 303 -7.93 -2.56 55.13
N TYR B 304 -6.73 -3.15 55.12
CA TYR B 304 -5.53 -2.46 54.63
C TYR B 304 -5.55 -2.34 53.12
N CYS B 305 -5.08 -1.19 52.60
CA CYS B 305 -4.99 -0.89 51.16
C CYS B 305 -4.09 -1.90 50.49
N ARG B 306 -4.58 -2.54 49.41
CA ARG B 306 -3.86 -3.57 48.67
C ARG B 306 -4.13 -3.45 47.16
N ASN B 307 -3.27 -4.09 46.34
CA ASN B 307 -3.45 -4.14 44.89
C ASN B 307 -3.46 -5.61 44.43
N PRO B 308 -4.59 -6.34 44.61
CA PRO B 308 -4.61 -7.75 44.22
C PRO B 308 -4.97 -8.05 42.76
N ASP B 309 -5.74 -7.16 42.11
CA ASP B 309 -6.28 -7.35 40.76
C ASP B 309 -5.60 -6.54 39.62
N GLY B 310 -4.36 -6.13 39.83
CA GLY B 310 -3.58 -5.41 38.82
C GLY B 310 -4.05 -4.02 38.49
N LYS B 311 -4.47 -3.24 39.50
CA LYS B 311 -4.88 -1.84 39.33
C LYS B 311 -3.63 -0.93 39.34
N ARG B 312 -3.82 0.39 39.16
CA ARG B 312 -2.71 1.37 39.10
C ARG B 312 -1.94 1.56 40.41
N ALA B 313 -2.63 1.51 41.56
CA ALA B 313 -2.06 1.72 42.89
C ALA B 313 -2.83 0.91 43.97
N PRO B 314 -2.32 0.73 45.22
CA PRO B 314 -3.10 0.00 46.24
C PRO B 314 -4.41 0.72 46.53
N TRP B 315 -5.49 -0.05 46.65
CA TRP B 315 -6.84 0.44 46.85
C TRP B 315 -7.58 -0.41 47.90
N CYS B 316 -8.85 -0.07 48.15
CA CYS B 316 -9.74 -0.77 49.08
C CYS B 316 -11.19 -0.40 48.77
N HIS B 317 -12.14 -1.21 49.26
CA HIS B 317 -13.55 -0.89 49.16
C HIS B 317 -13.82 0.10 50.31
N THR B 318 -14.80 0.98 50.14
CA THR B 318 -15.10 2.03 51.12
C THR B 318 -16.30 1.71 52.04
N THR B 319 -16.30 2.24 53.28
CA THR B 319 -17.40 2.05 54.25
C THR B 319 -18.59 2.99 53.96
N ASN B 320 -18.40 3.95 53.04
CA ASN B 320 -19.42 4.89 52.57
C ASN B 320 -20.17 4.18 51.44
N SER B 321 -21.50 4.05 51.56
CA SER B 321 -22.37 3.39 50.59
C SER B 321 -22.37 4.04 49.19
N GLN B 322 -22.03 5.34 49.12
CA GLN B 322 -22.00 6.12 47.87
C GLN B 322 -20.68 5.97 47.10
N VAL B 323 -19.60 5.60 47.80
CA VAL B 323 -18.27 5.40 47.20
C VAL B 323 -17.96 3.90 47.29
N ARG B 324 -17.99 3.18 46.15
CA ARG B 324 -17.73 1.73 46.13
C ARG B 324 -16.29 1.40 46.53
N TRP B 325 -15.32 1.93 45.77
CA TRP B 325 -13.89 1.72 46.01
C TRP B 325 -13.14 2.99 45.59
N GLU B 326 -11.93 3.17 46.15
CA GLU B 326 -11.07 4.30 45.83
C GLU B 326 -9.61 3.93 46.06
N TYR B 327 -8.72 4.53 45.26
CA TYR B 327 -7.27 4.35 45.37
C TYR B 327 -6.77 4.99 46.66
N CYS B 328 -5.74 4.39 47.26
CA CYS B 328 -5.13 4.90 48.49
C CYS B 328 -3.88 5.70 48.17
N LYS B 329 -3.60 6.75 48.96
CA LYS B 329 -2.40 7.56 48.79
C LYS B 329 -1.31 7.02 49.71
N ILE B 330 -0.37 6.27 49.13
CA ILE B 330 0.74 5.67 49.85
C ILE B 330 2.04 6.36 49.42
N PRO B 331 2.87 6.85 50.38
CA PRO B 331 4.13 7.52 49.99
C PRO B 331 5.08 6.60 49.24
N SER B 332 5.70 7.10 48.17
CA SER B 332 6.63 6.35 47.33
C SER B 332 7.94 6.05 48.04
N CYS B 333 8.57 4.90 47.73
CA CYS B 333 9.86 4.48 48.30
C CYS B 333 10.97 5.36 47.71
N ASP B 334 12.10 5.51 48.43
CA ASP B 334 13.23 6.32 47.97
C ASP B 334 14.38 5.44 47.44
N PRO B 345 7.51 -10.29 33.84
CA PRO B 345 7.70 -10.30 32.39
C PRO B 345 6.61 -11.08 31.65
N THR B 346 6.06 -10.48 30.57
CA THR B 346 5.01 -11.11 29.75
C THR B 346 5.50 -11.43 28.34
N ALA B 347 4.75 -12.30 27.62
CA ALA B 347 5.04 -12.74 26.26
C ALA B 347 4.92 -11.60 25.24
N PRO B 348 5.86 -11.48 24.27
CA PRO B 348 5.76 -10.40 23.27
C PRO B 348 4.61 -10.61 22.27
N PRO B 349 4.16 -9.58 21.51
CA PRO B 349 3.05 -9.79 20.56
C PRO B 349 3.38 -10.70 19.38
N GLU B 350 2.34 -11.26 18.75
CA GLU B 350 2.47 -12.12 17.58
C GLU B 350 2.81 -11.27 16.34
N LEU B 351 4.09 -11.32 15.92
CA LEU B 351 4.56 -10.54 14.78
C LEU B 351 5.09 -11.41 13.63
N THR B 352 4.81 -12.75 13.66
CA THR B 352 5.22 -13.68 12.61
C THR B 352 4.54 -13.25 11.31
N PRO B 353 5.32 -12.92 10.25
CA PRO B 353 4.70 -12.48 9.00
C PRO B 353 3.88 -13.57 8.32
N VAL B 354 2.64 -13.22 7.90
CA VAL B 354 1.74 -14.14 7.19
C VAL B 354 2.24 -14.33 5.75
N VAL B 355 2.89 -13.27 5.18
CA VAL B 355 3.57 -13.33 3.89
C VAL B 355 4.88 -13.96 4.36
N GLN B 356 4.95 -15.31 4.29
CA GLN B 356 6.07 -16.10 4.81
C GLN B 356 7.44 -15.51 4.55
N ASP B 357 8.16 -15.20 5.64
CA ASP B 357 9.51 -14.64 5.61
C ASP B 357 10.48 -15.68 5.08
N CYS B 358 11.58 -15.23 4.46
CA CYS B 358 12.56 -16.14 3.90
C CYS B 358 13.98 -15.83 4.37
N TYR B 359 14.88 -16.80 4.21
CA TYR B 359 16.30 -16.66 4.56
C TYR B 359 17.22 -17.08 3.42
N HIS B 360 18.41 -16.49 3.38
CA HIS B 360 19.46 -16.79 2.40
C HIS B 360 20.53 -17.62 3.09
N GLY B 361 21.03 -18.64 2.38
CA GLY B 361 22.08 -19.54 2.85
C GLY B 361 21.72 -20.28 4.13
N ASP B 362 22.42 -19.96 5.23
CA ASP B 362 22.19 -20.56 6.54
C ASP B 362 21.35 -19.68 7.46
N GLY B 363 20.87 -18.56 6.93
CA GLY B 363 20.02 -17.61 7.63
C GLY B 363 20.65 -16.84 8.77
N GLN B 364 21.98 -16.68 8.75
CA GLN B 364 22.69 -15.92 9.79
C GLN B 364 22.41 -14.42 9.67
N SER B 365 22.11 -13.96 8.44
CA SER B 365 21.78 -12.57 8.11
C SER B 365 20.30 -12.22 8.32
N TYR B 366 19.44 -13.25 8.55
CA TYR B 366 17.99 -13.09 8.77
C TYR B 366 17.69 -12.21 10.00
N ARG B 367 16.91 -11.13 9.79
CA ARG B 367 16.53 -10.18 10.84
C ARG B 367 15.01 -9.90 10.89
N GLY B 368 14.21 -10.84 10.39
CA GLY B 368 12.75 -10.76 10.38
C GLY B 368 12.10 -10.95 11.74
N THR B 369 10.76 -10.80 11.78
CA THR B 369 9.98 -10.88 13.02
C THR B 369 9.27 -12.22 13.29
N SER B 370 9.68 -13.31 12.60
CA SER B 370 9.09 -14.64 12.81
C SER B 370 9.50 -15.22 14.17
N SER B 371 8.51 -15.75 14.90
CA SER B 371 8.68 -16.36 16.20
C SER B 371 7.95 -17.72 16.25
N THR B 372 7.73 -18.31 15.07
CA THR B 372 7.04 -19.59 14.89
C THR B 372 7.98 -20.66 14.35
N THR B 373 7.97 -21.84 14.98
CA THR B 373 8.80 -22.98 14.55
C THR B 373 8.08 -23.77 13.45
N THR B 374 8.77 -24.76 12.84
CA THR B 374 8.25 -25.64 11.79
C THR B 374 7.02 -26.45 12.22
N THR B 375 6.89 -26.76 13.53
CA THR B 375 5.75 -27.52 14.07
C THR B 375 4.64 -26.61 14.62
N GLY B 376 4.87 -25.29 14.56
CA GLY B 376 3.91 -24.28 15.02
C GLY B 376 4.11 -23.84 16.46
N LYS B 377 5.27 -24.19 17.06
CA LYS B 377 5.59 -23.81 18.44
C LYS B 377 6.01 -22.36 18.54
N LYS B 378 5.90 -21.78 19.75
CA LYS B 378 6.26 -20.40 20.03
C LYS B 378 7.71 -20.33 20.50
N CYS B 379 8.47 -19.35 19.96
CA CYS B 379 9.86 -19.13 20.34
C CYS B 379 9.97 -18.51 21.72
N GLN B 380 10.96 -18.96 22.49
CA GLN B 380 11.29 -18.42 23.80
C GLN B 380 12.15 -17.19 23.51
N SER B 381 12.04 -16.16 24.36
CA SER B 381 12.84 -14.94 24.21
C SER B 381 14.29 -15.25 24.57
N TRP B 382 15.25 -14.70 23.81
CA TRP B 382 16.69 -14.90 24.02
C TRP B 382 17.20 -14.36 25.36
N SER B 383 16.54 -13.33 25.90
CA SER B 383 16.86 -12.73 27.20
C SER B 383 16.34 -13.60 28.34
N SER B 384 15.30 -14.41 28.06
CA SER B 384 14.68 -15.31 29.03
C SER B 384 15.51 -16.59 29.21
N MET B 385 15.53 -17.10 30.45
CA MET B 385 16.24 -18.32 30.82
C MET B 385 15.24 -19.42 31.16
N THR B 386 13.94 -19.15 30.91
CA THR B 386 12.83 -20.06 31.17
C THR B 386 11.93 -20.28 29.93
N PRO B 387 11.52 -21.53 29.60
CA PRO B 387 11.82 -22.81 30.29
C PRO B 387 13.23 -23.38 30.02
N HIS B 388 14.00 -22.76 29.10
CA HIS B 388 15.33 -23.26 28.75
C HIS B 388 16.49 -22.34 29.11
N ARG B 389 17.40 -22.86 29.94
CA ARG B 389 18.63 -22.20 30.39
C ARG B 389 19.64 -22.28 29.25
N HIS B 390 20.20 -21.13 28.82
CA HIS B 390 21.14 -21.10 27.70
C HIS B 390 22.16 -19.96 27.76
N GLN B 391 23.13 -19.99 26.83
CA GLN B 391 24.21 -19.01 26.69
C GLN B 391 24.05 -18.16 25.42
N LYS B 392 23.00 -18.40 24.62
CA LYS B 392 22.74 -17.65 23.39
C LYS B 392 22.11 -16.29 23.72
N THR B 393 22.92 -15.39 24.29
CA THR B 393 22.52 -14.05 24.72
C THR B 393 23.15 -12.97 23.84
N PRO B 394 22.58 -11.73 23.76
CA PRO B 394 23.23 -10.66 22.96
C PRO B 394 24.63 -10.29 23.46
N GLU B 395 24.98 -10.68 24.69
CA GLU B 395 26.29 -10.43 25.29
C GLU B 395 27.34 -11.38 24.70
N ASN B 396 26.94 -12.65 24.44
CA ASN B 396 27.80 -13.68 23.87
C ASN B 396 27.82 -13.65 22.35
N TYR B 397 26.73 -13.17 21.73
CA TYR B 397 26.58 -13.06 20.29
C TYR B 397 26.04 -11.64 19.95
N PRO B 398 26.90 -10.58 20.04
CA PRO B 398 26.39 -9.21 19.80
C PRO B 398 26.02 -8.86 18.36
N ASN B 399 26.49 -9.65 17.38
CA ASN B 399 26.23 -9.42 15.96
C ASN B 399 25.19 -10.37 15.34
N ALA B 400 24.58 -11.24 16.19
CA ALA B 400 23.58 -12.23 15.76
C ALA B 400 22.12 -11.74 15.75
N GLY B 401 21.88 -10.57 16.35
CA GLY B 401 20.55 -9.96 16.43
C GLY B 401 19.58 -10.72 17.31
N LEU B 402 20.06 -11.18 18.49
CA LEU B 402 19.24 -11.96 19.42
C LEU B 402 18.29 -11.07 20.24
N THR B 403 17.32 -10.45 19.55
CA THR B 403 16.32 -9.57 20.15
C THR B 403 14.97 -10.26 20.20
N MET B 404 14.16 -9.94 21.24
CA MET B 404 12.82 -10.49 21.50
C MET B 404 12.83 -12.02 21.46
N ASN B 405 11.87 -12.63 20.74
CA ASN B 405 11.76 -14.08 20.56
C ASN B 405 11.84 -14.44 19.06
N TYR B 406 12.60 -13.65 18.28
CA TYR B 406 12.73 -13.86 16.84
C TYR B 406 13.69 -14.99 16.49
N CYS B 407 13.40 -15.71 15.39
CA CYS B 407 14.23 -16.81 14.90
C CYS B 407 15.55 -16.27 14.41
N ARG B 408 16.66 -16.82 14.92
CA ARG B 408 18.00 -16.39 14.52
C ARG B 408 18.92 -17.60 14.35
N ASN B 409 20.16 -17.36 13.91
CA ASN B 409 21.17 -18.41 13.76
C ASN B 409 22.52 -17.95 14.32
N PRO B 410 22.66 -17.87 15.67
CA PRO B 410 23.93 -17.39 16.25
C PRO B 410 25.09 -18.39 16.19
N ASP B 411 24.78 -19.70 16.24
CA ASP B 411 25.77 -20.77 16.28
C ASP B 411 26.03 -21.50 14.95
N ALA B 412 25.70 -20.84 13.81
CA ALA B 412 25.90 -21.34 12.45
C ALA B 412 25.31 -22.73 12.14
N ASP B 413 24.01 -22.90 12.40
CA ASP B 413 23.27 -24.12 12.09
C ASP B 413 22.83 -24.05 10.62
N LYS B 414 22.12 -25.08 10.10
CA LYS B 414 21.66 -25.13 8.70
C LYS B 414 20.70 -23.99 8.32
N GLY B 415 19.95 -23.48 9.31
CA GLY B 415 19.00 -22.39 9.13
C GLY B 415 18.58 -21.74 10.44
N PRO B 416 17.76 -20.67 10.38
CA PRO B 416 17.30 -20.01 11.63
C PRO B 416 16.49 -20.93 12.52
N TRP B 417 16.72 -20.82 13.83
CA TRP B 417 16.09 -21.61 14.88
C TRP B 417 15.79 -20.72 16.09
N CYS B 418 15.22 -21.30 17.15
CA CYS B 418 14.91 -20.63 18.42
C CYS B 418 14.64 -21.68 19.48
N PHE B 419 14.74 -21.30 20.75
CA PHE B 419 14.37 -22.17 21.86
C PHE B 419 12.85 -22.10 21.94
N THR B 420 12.17 -23.21 22.21
CA THR B 420 10.70 -23.20 22.26
C THR B 420 10.18 -22.91 23.68
N THR B 421 8.90 -22.48 23.78
CA THR B 421 8.26 -22.22 25.07
C THR B 421 7.81 -23.53 25.73
N ASP B 422 7.88 -24.65 24.98
CA ASP B 422 7.55 -25.99 25.45
C ASP B 422 8.75 -26.49 26.27
N PRO B 423 8.60 -26.75 27.60
CA PRO B 423 9.76 -27.22 28.40
C PRO B 423 10.31 -28.60 27.99
N SER B 424 9.52 -29.38 27.25
CA SER B 424 9.88 -30.72 26.76
C SER B 424 10.60 -30.71 25.40
N VAL B 425 10.67 -29.55 24.73
CA VAL B 425 11.35 -29.38 23.44
C VAL B 425 12.29 -28.17 23.59
N ARG B 426 13.60 -28.41 23.67
CA ARG B 426 14.61 -27.34 23.86
C ARG B 426 14.62 -26.33 22.73
N TRP B 427 14.73 -26.81 21.48
CA TRP B 427 14.80 -25.96 20.31
C TRP B 427 14.13 -26.61 19.11
N GLU B 428 13.87 -25.80 18.08
CA GLU B 428 13.29 -26.20 16.80
C GLU B 428 13.67 -25.17 15.73
N TYR B 429 13.68 -25.59 14.46
CA TYR B 429 13.99 -24.68 13.34
C TYR B 429 12.80 -23.77 13.08
N CYS B 430 13.05 -22.59 12.50
CA CYS B 430 12.00 -21.63 12.20
C CYS B 430 11.17 -22.03 10.98
N ASN B 431 9.90 -21.60 10.94
CA ASN B 431 9.01 -21.86 9.81
C ASN B 431 9.29 -20.81 8.72
N LEU B 432 10.46 -20.94 8.09
CA LEU B 432 10.90 -20.03 7.02
C LEU B 432 11.25 -20.80 5.77
N LYS B 433 10.97 -20.19 4.61
CA LYS B 433 11.33 -20.78 3.33
C LYS B 433 12.68 -20.18 2.89
N LYS B 434 13.25 -20.70 1.81
CA LYS B 434 14.52 -20.18 1.29
C LYS B 434 14.20 -19.08 0.28
N CYS B 435 14.92 -17.95 0.33
CA CYS B 435 14.70 -16.84 -0.61
C CYS B 435 15.05 -17.28 -2.02
N SER B 436 14.18 -16.93 -2.98
CA SER B 436 14.35 -17.26 -4.40
C SER B 436 15.45 -16.43 -5.05
N GLY B 437 15.58 -15.18 -4.63
CA GLY B 437 16.58 -14.25 -5.16
C GLY B 437 17.98 -14.44 -4.65
N THR B 438 18.91 -13.60 -5.13
CA THR B 438 20.32 -13.64 -4.73
C THR B 438 20.56 -12.95 -3.38
N GLU B 439 21.59 -13.41 -2.65
CA GLU B 439 21.99 -12.89 -1.35
C GLU B 439 22.95 -11.69 -1.53
N ALA B 440 23.67 -11.65 -2.67
CA ALA B 440 24.67 -10.64 -3.06
C ALA B 440 24.33 -9.22 -2.65
N SER B 441 25.27 -8.55 -1.95
CA SER B 441 25.15 -7.16 -1.49
C SER B 441 25.05 -6.23 -2.70
N VAL B 442 25.86 -6.51 -3.73
CA VAL B 442 25.88 -5.77 -4.99
C VAL B 442 25.37 -6.70 -6.09
N VAL B 443 24.24 -6.36 -6.71
CA VAL B 443 23.64 -7.14 -7.79
C VAL B 443 23.95 -6.44 -9.10
N ALA B 444 25.10 -6.83 -9.69
CA ALA B 444 25.67 -6.29 -10.93
C ALA B 444 25.10 -6.94 -12.21
N PRO B 445 25.22 -6.29 -13.41
CA PRO B 445 24.68 -6.91 -14.64
C PRO B 445 25.22 -8.30 -14.97
N PRO B 446 24.38 -9.21 -15.55
CA PRO B 446 24.86 -10.58 -15.83
C PRO B 446 26.10 -10.82 -16.72
N PRO B 447 26.31 -10.21 -17.92
CA PRO B 447 27.53 -10.55 -18.69
C PRO B 447 28.77 -9.83 -18.19
N ASP B 461 10.29 -33.13 -5.11
CA ASP B 461 10.54 -33.44 -3.70
C ASP B 461 10.37 -32.19 -2.83
N CYS B 462 9.45 -32.26 -1.84
CA CYS B 462 9.15 -31.17 -0.91
C CYS B 462 8.72 -31.70 0.46
N MET B 463 9.13 -31.00 1.53
CA MET B 463 8.81 -31.36 2.91
C MET B 463 7.97 -30.32 3.63
N PHE B 464 7.13 -30.78 4.59
CA PHE B 464 6.25 -29.93 5.40
C PHE B 464 6.52 -30.17 6.88
N GLY B 465 6.80 -29.09 7.61
CA GLY B 465 7.10 -29.14 9.04
C GLY B 465 8.53 -29.58 9.32
N ASN B 466 8.68 -30.59 10.20
CA ASN B 466 9.98 -31.15 10.58
C ASN B 466 10.06 -32.64 10.27
N TYR B 470 6.06 -37.48 6.43
CA TYR B 470 6.89 -37.00 5.32
C TYR B 470 7.24 -38.13 4.35
N ARG B 471 7.14 -37.85 3.04
CA ARG B 471 7.44 -38.79 1.96
C ARG B 471 7.94 -38.07 0.70
N GLY B 472 9.02 -38.58 0.12
CA GLY B 472 9.63 -38.02 -1.07
C GLY B 472 10.44 -39.02 -1.87
N LYS B 473 11.50 -38.55 -2.56
CA LYS B 473 12.40 -39.37 -3.37
C LYS B 473 13.81 -38.78 -3.43
N THR B 476 20.60 -39.36 -1.57
CA THR B 476 21.92 -38.86 -1.18
C THR B 476 21.84 -37.89 0.00
N THR B 477 22.84 -37.95 0.90
CA THR B 477 22.94 -37.10 2.10
C THR B 477 23.35 -35.66 1.74
N VAL B 478 23.28 -34.73 2.71
CA VAL B 478 23.60 -33.31 2.54
C VAL B 478 25.09 -33.04 2.16
N THR B 479 26.02 -33.83 2.72
CA THR B 479 27.46 -33.68 2.47
C THR B 479 27.98 -34.54 1.31
N GLY B 480 27.16 -34.68 0.26
CA GLY B 480 27.47 -35.43 -0.95
C GLY B 480 27.71 -36.92 -0.76
N THR B 481 27.22 -37.48 0.37
CA THR B 481 27.38 -38.89 0.71
C THR B 481 26.25 -39.75 0.08
N PRO B 482 26.56 -40.94 -0.48
CA PRO B 482 25.49 -41.75 -1.09
C PRO B 482 24.61 -42.45 -0.05
N CYS B 483 23.29 -42.45 -0.26
CA CYS B 483 22.32 -43.08 0.65
C CYS B 483 22.37 -44.61 0.55
N GLN B 484 22.72 -45.27 1.67
CA GLN B 484 22.75 -46.72 1.78
C GLN B 484 21.29 -47.18 1.89
N ASP B 485 20.87 -48.11 1.01
CA ASP B 485 19.50 -48.64 0.95
C ASP B 485 19.02 -49.13 2.32
N TRP B 486 17.76 -48.80 2.67
CA TRP B 486 17.14 -49.16 3.96
C TRP B 486 17.11 -50.68 4.23
N ALA B 487 17.10 -51.50 3.16
CA ALA B 487 17.10 -52.96 3.25
C ALA B 487 18.50 -53.52 3.57
N ALA B 488 19.56 -52.83 3.11
CA ALA B 488 20.96 -53.22 3.32
C ALA B 488 21.42 -53.10 4.77
N GLN B 489 22.33 -54.00 5.18
CA GLN B 489 22.91 -54.05 6.53
C GLN B 489 24.42 -53.79 6.51
N GLU B 490 24.95 -53.35 5.35
CA GLU B 490 26.36 -53.03 5.14
C GLU B 490 26.52 -51.69 4.39
N PRO B 491 27.48 -50.80 4.78
CA PRO B 491 28.48 -50.92 5.86
C PRO B 491 27.95 -50.68 7.28
N HIS B 492 26.64 -50.43 7.43
CA HIS B 492 26.02 -50.18 8.73
C HIS B 492 24.82 -51.09 8.98
N ARG B 493 24.89 -51.87 10.08
CA ARG B 493 23.82 -52.77 10.49
C ARG B 493 22.87 -52.03 11.45
N HIS B 494 21.56 -52.10 11.19
CA HIS B 494 20.56 -51.41 12.00
C HIS B 494 19.39 -52.26 12.44
N SER B 495 19.09 -52.24 13.76
CA SER B 495 17.98 -52.97 14.39
C SER B 495 16.66 -52.28 14.03
N ILE B 496 16.58 -50.95 14.26
CA ILE B 496 15.42 -50.12 13.97
C ILE B 496 15.56 -49.47 12.58
N PHE B 497 14.45 -48.91 12.05
CA PHE B 497 14.35 -48.23 10.75
C PHE B 497 14.68 -49.12 9.53
N THR B 498 14.26 -50.40 9.59
CA THR B 498 14.41 -51.40 8.53
C THR B 498 13.12 -51.39 7.68
N PRO B 499 13.05 -51.96 6.44
CA PRO B 499 11.77 -51.93 5.68
C PRO B 499 10.60 -52.63 6.37
N GLU B 500 10.90 -53.64 7.23
CA GLU B 500 9.90 -54.38 7.99
C GLU B 500 9.36 -53.52 9.15
N THR B 501 10.24 -52.78 9.85
CA THR B 501 9.89 -51.88 10.96
C THR B 501 9.30 -50.58 10.44
N ASN B 502 8.18 -50.13 11.05
CA ASN B 502 7.38 -48.93 10.75
C ASN B 502 6.29 -49.10 9.65
N PRO B 503 6.54 -49.02 8.30
CA PRO B 503 5.42 -49.22 7.36
C PRO B 503 5.13 -50.70 7.09
N LEU B 507 7.69 -45.28 4.76
CA LEU B 507 7.94 -45.68 3.38
C LEU B 507 9.46 -45.70 3.09
N GLU B 508 10.20 -46.52 3.86
CA GLU B 508 11.66 -46.68 3.74
C GLU B 508 12.03 -47.47 2.48
N LYS B 509 12.56 -46.76 1.45
CA LYS B 509 12.96 -47.38 0.18
C LYS B 509 14.12 -46.64 -0.54
N ASN B 510 15.36 -46.95 -0.13
CA ASN B 510 16.64 -46.43 -0.68
C ASN B 510 16.92 -44.91 -0.68
N TYR B 511 15.96 -44.07 -0.21
CA TYR B 511 16.14 -42.60 -0.16
C TYR B 511 15.78 -41.94 1.18
N CYS B 512 16.20 -40.65 1.35
CA CYS B 512 15.97 -39.82 2.55
C CYS B 512 14.52 -39.85 3.04
N ARG B 513 14.33 -40.23 4.32
CA ARG B 513 13.01 -40.32 4.96
C ARG B 513 13.10 -39.96 6.44
N ASN B 514 12.01 -39.44 7.02
CA ASN B 514 11.97 -39.07 8.44
C ASN B 514 10.92 -39.86 9.24
N PRO B 515 11.20 -41.15 9.59
CA PRO B 515 10.20 -41.92 10.36
C PRO B 515 10.20 -41.57 11.85
N ASP B 516 11.37 -41.20 12.39
CA ASP B 516 11.59 -40.81 13.79
C ASP B 516 10.89 -39.50 14.16
N GLY B 517 10.64 -38.64 13.17
CA GLY B 517 10.02 -37.35 13.36
C GLY B 517 10.99 -36.37 13.99
N ASP B 518 12.29 -36.52 13.62
CA ASP B 518 13.43 -35.76 14.10
C ASP B 518 13.33 -34.26 13.82
N VAL B 519 13.97 -33.45 14.68
CA VAL B 519 14.04 -31.99 14.59
C VAL B 519 14.87 -31.55 13.36
N GLY B 520 15.88 -32.35 12.99
CA GLY B 520 16.76 -32.10 11.86
C GLY B 520 16.16 -32.39 10.49
N GLY B 521 14.98 -33.00 10.46
CA GLY B 521 14.27 -33.35 9.23
C GLY B 521 14.61 -34.71 8.67
N PRO B 522 14.54 -34.89 7.32
CA PRO B 522 14.84 -36.21 6.72
C PRO B 522 16.29 -36.64 6.88
N TRP B 523 16.52 -37.97 6.94
CA TRP B 523 17.83 -38.59 7.10
C TRP B 523 17.91 -39.98 6.45
N CYS B 524 19.13 -40.52 6.29
CA CYS B 524 19.40 -41.84 5.71
C CYS B 524 20.75 -42.37 6.21
N TYR B 525 20.94 -43.70 6.16
CA TYR B 525 22.21 -44.33 6.52
C TYR B 525 23.15 -44.12 5.33
N THR B 526 24.40 -43.70 5.59
CA THR B 526 25.37 -43.38 4.52
C THR B 526 26.18 -44.58 4.02
N THR B 527 26.80 -44.43 2.83
CA THR B 527 27.66 -45.44 2.20
C THR B 527 29.08 -45.41 2.79
N ASN B 528 29.46 -44.27 3.43
CA ASN B 528 30.75 -44.08 4.08
C ASN B 528 30.73 -44.75 5.47
N PRO B 529 31.64 -45.73 5.74
CA PRO B 529 31.60 -46.42 7.04
C PRO B 529 31.92 -45.60 8.30
N ARG B 530 32.52 -44.40 8.14
CA ARG B 530 32.87 -43.51 9.24
C ARG B 530 31.64 -42.91 9.95
N LYS B 531 30.63 -42.49 9.17
CA LYS B 531 29.37 -41.92 9.69
C LYS B 531 28.22 -42.90 9.51
N LEU B 532 27.50 -43.21 10.61
CA LEU B 532 26.36 -44.14 10.62
C LEU B 532 25.18 -43.62 9.81
N TYR B 533 24.82 -42.34 10.00
CA TYR B 533 23.72 -41.67 9.31
C TYR B 533 24.00 -40.17 9.16
N ASP B 534 23.31 -39.51 8.21
CA ASP B 534 23.43 -38.07 7.95
C ASP B 534 22.10 -37.49 7.48
N TYR B 535 21.77 -36.27 7.95
CA TYR B 535 20.54 -35.57 7.59
C TYR B 535 20.55 -35.10 6.13
N CYS B 536 19.35 -34.95 5.53
CA CYS B 536 19.17 -34.53 4.14
C CYS B 536 18.50 -33.16 4.06
N ASP B 537 18.95 -32.32 3.10
CA ASP B 537 18.39 -30.98 2.88
C ASP B 537 17.10 -31.07 2.06
N VAL B 538 15.96 -30.76 2.70
CA VAL B 538 14.64 -30.81 2.07
C VAL B 538 13.95 -29.43 2.13
N PRO B 539 13.43 -28.91 0.98
CA PRO B 539 12.79 -27.59 1.00
C PRO B 539 11.45 -27.57 1.74
N GLN B 540 11.09 -26.40 2.30
CA GLN B 540 9.86 -26.17 3.07
C GLN B 540 8.70 -25.67 2.19
N CYS B 541 8.50 -26.33 1.01
CA CYS B 541 7.46 -26.04 0.01
C CYS B 541 7.46 -24.60 -0.48
N PRO B 544 1.17 -23.51 -2.11
CA PRO B 544 0.77 -23.17 -3.48
C PRO B 544 0.65 -21.66 -3.72
N SER B 545 0.12 -21.26 -4.90
CA SER B 545 -0.04 -19.88 -5.34
C SER B 545 -0.92 -19.02 -4.41
N PHE B 546 -2.26 -19.29 -4.37
CA PHE B 546 -3.18 -18.53 -3.52
C PHE B 546 -3.92 -19.42 -2.52
N ASP B 547 -3.21 -19.79 -1.43
CA ASP B 547 -3.74 -20.60 -0.33
C ASP B 547 -4.70 -19.78 0.52
N CYS B 548 -5.70 -20.44 1.15
CA CYS B 548 -6.65 -19.75 2.02
C CYS B 548 -5.96 -19.15 3.25
N GLY B 549 -6.55 -18.08 3.78
CA GLY B 549 -6.07 -17.38 4.97
C GLY B 549 -4.68 -16.78 4.91
N LYS B 550 -4.11 -16.66 3.71
CA LYS B 550 -2.77 -16.12 3.50
C LYS B 550 -2.77 -14.85 2.64
N PRO B 551 -2.92 -13.65 3.25
CA PRO B 551 -2.91 -12.40 2.46
C PRO B 551 -1.58 -12.14 1.76
N GLN B 552 -1.62 -11.41 0.62
CA GLN B 552 -0.44 -11.03 -0.16
C GLN B 552 0.15 -9.70 0.33
N VAL B 553 -0.62 -8.98 1.16
CA VAL B 553 -0.24 -7.73 1.81
C VAL B 553 -0.22 -8.05 3.31
N GLU B 554 0.92 -7.77 3.97
CA GLU B 554 1.09 -8.03 5.40
C GLU B 554 0.17 -7.13 6.24
N PRO B 555 -0.68 -7.72 7.13
CA PRO B 555 -1.56 -6.89 7.96
C PRO B 555 -0.79 -6.01 8.94
N LYS B 556 -1.35 -4.83 9.24
CA LYS B 556 -0.78 -3.85 10.17
C LYS B 556 -0.60 -4.45 11.57
N LYS B 557 -1.50 -5.39 11.95
CA LYS B 557 -1.56 -6.08 13.23
C LYS B 557 -1.70 -5.06 14.37
N CYS B 558 -2.79 -4.28 14.29
CA CYS B 558 -3.17 -3.21 15.20
C CYS B 558 -3.06 -3.65 16.67
N PRO B 559 -2.21 -2.99 17.51
CA PRO B 559 -2.09 -3.42 18.92
C PRO B 559 -3.43 -3.38 19.67
N GLY B 560 -3.61 -4.32 20.60
CA GLY B 560 -4.82 -4.47 21.41
C GLY B 560 -5.19 -3.26 22.25
N ARG B 561 -4.18 -2.47 22.66
CA ARG B 561 -4.32 -1.26 23.47
C ARG B 561 -4.98 -0.09 22.71
N VAL B 562 -4.89 -0.08 21.36
CA VAL B 562 -5.41 0.97 20.49
C VAL B 562 -6.94 1.17 20.57
N VAL B 563 -7.34 2.43 20.86
CA VAL B 563 -8.73 2.89 20.99
C VAL B 563 -9.34 3.06 19.60
N GLY B 564 -10.45 2.35 19.36
CA GLY B 564 -11.19 2.38 18.11
C GLY B 564 -10.49 1.72 16.94
N GLY B 565 -9.50 0.87 17.24
CA GLY B 565 -8.73 0.13 16.25
C GLY B 565 -7.85 0.98 15.35
N CYS B 566 -7.31 0.36 14.29
CA CYS B 566 -6.44 0.99 13.31
C CYS B 566 -7.03 0.84 11.91
N VAL B 567 -6.58 1.71 10.98
CA VAL B 567 -6.98 1.62 9.57
C VAL B 567 -6.11 0.50 9.01
N ALA B 568 -6.74 -0.53 8.43
CA ALA B 568 -6.04 -1.69 7.87
C ALA B 568 -5.22 -1.31 6.64
N HIS B 569 -4.14 -2.09 6.36
CA HIS B 569 -3.34 -1.90 5.16
C HIS B 569 -4.23 -2.38 4.00
N PRO B 570 -4.39 -1.61 2.90
CA PRO B 570 -5.26 -2.08 1.81
C PRO B 570 -4.88 -3.47 1.31
N HIS B 571 -5.90 -4.35 1.14
CA HIS B 571 -5.77 -5.73 0.66
C HIS B 571 -5.06 -6.71 1.60
N SER B 572 -4.95 -6.36 2.89
CA SER B 572 -4.34 -7.20 3.93
C SER B 572 -5.36 -8.19 4.53
N TRP B 573 -6.65 -8.00 4.20
CA TRP B 573 -7.76 -8.88 4.60
C TRP B 573 -8.54 -9.16 3.29
N PRO B 574 -7.99 -10.01 2.39
CA PRO B 574 -8.62 -10.21 1.07
C PRO B 574 -9.96 -10.96 1.04
N TRP B 575 -10.35 -11.58 2.16
CA TRP B 575 -11.62 -12.31 2.30
C TRP B 575 -12.76 -11.39 2.74
N GLN B 576 -12.44 -10.14 3.14
CA GLN B 576 -13.42 -9.15 3.58
C GLN B 576 -14.42 -8.85 2.49
N VAL B 577 -15.70 -9.06 2.81
CA VAL B 577 -16.83 -8.83 1.91
C VAL B 577 -17.56 -7.57 2.36
N SER B 578 -17.97 -6.76 1.38
CA SER B 578 -18.77 -5.57 1.59
C SER B 578 -20.13 -5.88 0.96
N LEU B 579 -21.13 -6.22 1.80
CA LEU B 579 -22.48 -6.50 1.32
C LEU B 579 -23.16 -5.19 0.97
N ARG B 580 -23.47 -5.02 -0.32
CA ARG B 580 -24.08 -3.79 -0.81
C ARG B 580 -25.40 -4.03 -1.52
N THR B 581 -26.24 -2.98 -1.57
CA THR B 581 -27.54 -2.98 -2.25
C THR B 581 -27.28 -2.90 -3.77
N ARG B 582 -28.35 -3.00 -4.59
CA ARG B 582 -28.24 -2.89 -6.04
C ARG B 582 -27.73 -1.50 -6.46
N PHE B 583 -27.94 -0.48 -5.60
CA PHE B 583 -27.49 0.90 -5.79
C PHE B 583 -26.08 1.18 -5.24
N GLY B 584 -25.42 0.14 -4.71
CA GLY B 584 -24.05 0.20 -4.21
C GLY B 584 -23.83 0.79 -2.83
N MET B 585 -24.82 0.63 -1.93
CA MET B 585 -24.73 1.15 -0.57
C MET B 585 -24.32 0.04 0.40
N HIS B 586 -23.20 0.23 1.12
CA HIS B 586 -22.69 -0.71 2.10
C HIS B 586 -23.60 -0.74 3.33
N PHE B 587 -23.94 -1.94 3.80
CA PHE B 587 -24.80 -2.13 4.97
C PHE B 587 -24.32 -3.25 5.88
N CYS B 588 -23.66 -4.27 5.31
CA CYS B 588 -23.18 -5.44 6.03
C CYS B 588 -21.80 -5.90 5.60
N GLY B 589 -21.18 -6.72 6.45
CA GLY B 589 -19.90 -7.35 6.20
C GLY B 589 -20.09 -8.83 5.90
N GLY B 590 -18.98 -9.52 5.67
CA GLY B 590 -18.99 -10.94 5.36
C GLY B 590 -17.59 -11.48 5.11
N THR B 591 -17.49 -12.79 4.86
CA THR B 591 -16.21 -13.44 4.60
C THR B 591 -16.31 -14.37 3.40
N LEU B 592 -15.35 -14.25 2.47
CA LEU B 592 -15.27 -15.14 1.32
C LEU B 592 -14.59 -16.42 1.84
N ILE B 593 -15.31 -17.54 1.78
CA ILE B 593 -14.82 -18.84 2.27
C ILE B 593 -14.45 -19.83 1.15
N SER B 594 -14.83 -19.47 -0.09
CA SER B 594 -14.62 -20.23 -1.32
C SER B 594 -14.90 -19.26 -2.49
N PRO B 595 -14.39 -19.48 -3.74
CA PRO B 595 -14.69 -18.53 -4.83
C PRO B 595 -16.17 -18.28 -5.13
N GLU B 596 -17.05 -19.23 -4.77
CA GLU B 596 -18.50 -19.12 -5.00
C GLU B 596 -19.31 -18.89 -3.71
N TRP B 597 -18.65 -18.91 -2.54
CA TRP B 597 -19.35 -18.79 -1.26
C TRP B 597 -18.89 -17.68 -0.33
N VAL B 598 -19.87 -17.03 0.32
CA VAL B 598 -19.69 -15.95 1.29
C VAL B 598 -20.47 -16.30 2.57
N LEU B 599 -19.80 -16.23 3.73
CA LEU B 599 -20.40 -16.46 5.04
C LEU B 599 -20.66 -15.12 5.72
N THR B 600 -21.91 -14.89 6.14
CA THR B 600 -22.35 -13.64 6.80
C THR B 600 -23.32 -13.95 7.96
N ALA B 601 -23.93 -12.91 8.55
CA ALA B 601 -24.92 -13.05 9.62
C ALA B 601 -26.31 -13.10 8.99
N ALA B 602 -27.25 -13.78 9.67
CA ALA B 602 -28.64 -13.89 9.25
C ALA B 602 -29.36 -12.54 9.30
N HIS B 603 -28.92 -11.65 10.21
CA HIS B 603 -29.44 -10.28 10.41
C HIS B 603 -29.32 -9.43 9.13
N CYS B 604 -28.29 -9.69 8.32
CA CYS B 604 -28.02 -9.00 7.05
C CYS B 604 -29.07 -9.32 5.97
N LEU B 605 -29.73 -10.49 6.09
CA LEU B 605 -30.73 -10.95 5.13
C LEU B 605 -32.19 -10.71 5.56
N GLU B 606 -32.40 -10.04 6.70
CA GLU B 606 -33.71 -9.76 7.29
C GLU B 606 -34.66 -8.91 6.43
N LYS B 607 -34.12 -7.97 5.63
CA LYS B 607 -34.93 -7.08 4.80
C LYS B 607 -35.37 -7.58 3.42
N SER B 608 -34.69 -8.62 2.86
CA SER B 608 -35.05 -9.15 1.54
C SER B 608 -34.80 -10.66 1.37
N PRO B 609 -35.82 -11.45 0.95
CA PRO B 609 -35.58 -12.89 0.73
C PRO B 609 -35.05 -13.18 -0.69
N ARG B 610 -34.96 -12.14 -1.54
CA ARG B 610 -34.50 -12.22 -2.93
C ARG B 610 -32.96 -12.16 -2.99
N PRO B 611 -32.29 -13.19 -3.59
CA PRO B 611 -30.82 -13.17 -3.68
C PRO B 611 -30.26 -12.03 -4.54
N SER B 612 -31.02 -11.61 -5.58
CA SER B 612 -30.64 -10.53 -6.51
C SER B 612 -30.51 -9.15 -5.84
N SER B 613 -31.10 -8.97 -4.64
CA SER B 613 -31.06 -7.74 -3.85
C SER B 613 -29.68 -7.52 -3.19
N TYR B 614 -28.86 -8.58 -3.14
CA TYR B 614 -27.54 -8.55 -2.51
C TYR B 614 -26.40 -8.59 -3.50
N LYS B 615 -25.47 -7.63 -3.38
CA LYS B 615 -24.29 -7.51 -4.22
C LYS B 615 -23.04 -7.67 -3.35
N VAL B 616 -22.21 -8.66 -3.67
CA VAL B 616 -20.98 -8.96 -2.95
C VAL B 616 -19.82 -8.18 -3.60
N ILE B 617 -19.18 -7.31 -2.83
CA ILE B 617 -18.05 -6.50 -3.29
C ILE B 617 -16.77 -7.04 -2.65
N LEU B 618 -15.81 -7.44 -3.52
CA LEU B 618 -14.54 -8.03 -3.10
C LEU B 618 -13.35 -7.19 -3.55
N GLY B 619 -12.36 -7.09 -2.68
CA GLY B 619 -11.14 -6.32 -2.92
C GLY B 619 -11.25 -4.86 -2.55
N ALA B 620 -12.31 -4.50 -1.77
CA ALA B 620 -12.58 -3.13 -1.35
C ALA B 620 -11.81 -2.67 -0.12
N HIS B 621 -11.66 -1.35 0.00
CA HIS B 621 -11.03 -0.65 1.11
C HIS B 621 -11.93 0.52 1.51
N GLN B 622 -12.74 1.01 0.54
CA GLN B 622 -13.69 2.12 0.70
C GLN B 622 -15.11 1.62 0.97
N GLU B 623 -15.87 2.40 1.75
CA GLU B 623 -17.25 2.10 2.14
C GLU B 623 -18.27 2.85 1.27
N VAL B 624 -18.13 4.19 1.21
CA VAL B 624 -19.01 5.13 0.53
C VAL B 624 -18.72 5.24 -0.98
N ASN B 625 -17.48 4.94 -1.40
CA ASN B 625 -17.10 5.05 -2.81
C ASN B 625 -16.82 3.71 -3.47
N LEU B 626 -17.29 3.56 -4.71
CA LEU B 626 -17.09 2.36 -5.51
C LEU B 626 -15.73 2.45 -6.22
N GLU B 627 -14.80 1.57 -5.84
CA GLU B 627 -13.44 1.49 -6.39
C GLU B 627 -13.47 0.88 -7.80
N PRO B 628 -12.64 1.37 -8.75
CA PRO B 628 -12.71 0.85 -10.13
C PRO B 628 -12.24 -0.59 -10.39
N HIS B 629 -11.32 -1.12 -9.57
CA HIS B 629 -10.78 -2.47 -9.77
C HIS B 629 -11.38 -3.54 -8.84
N VAL B 630 -12.48 -3.18 -8.16
CA VAL B 630 -13.23 -4.04 -7.25
C VAL B 630 -14.03 -5.11 -8.02
N GLN B 631 -14.26 -6.27 -7.38
CA GLN B 631 -15.06 -7.36 -7.96
C GLN B 631 -16.49 -7.26 -7.43
N GLU B 632 -17.47 -7.03 -8.31
CA GLU B 632 -18.88 -6.92 -7.94
C GLU B 632 -19.68 -8.10 -8.50
N ILE B 633 -20.06 -9.03 -7.60
CA ILE B 633 -20.81 -10.23 -7.97
C ILE B 633 -22.18 -10.25 -7.28
N GLU B 634 -23.23 -10.55 -8.07
CA GLU B 634 -24.60 -10.67 -7.59
C GLU B 634 -24.78 -12.03 -6.92
N VAL B 635 -25.57 -12.08 -5.84
CA VAL B 635 -25.86 -13.31 -5.09
C VAL B 635 -26.95 -14.09 -5.85
N SER B 636 -26.76 -15.41 -6.00
CA SER B 636 -27.69 -16.30 -6.69
C SER B 636 -28.60 -17.09 -5.73
N ARG B 637 -28.09 -17.44 -4.52
CA ARG B 637 -28.81 -18.21 -3.51
C ARG B 637 -28.48 -17.78 -2.08
N LEU B 638 -29.48 -17.83 -1.18
CA LEU B 638 -29.35 -17.49 0.23
C LEU B 638 -29.61 -18.76 1.07
N PHE B 639 -28.74 -19.02 2.06
CA PHE B 639 -28.90 -20.19 2.93
C PHE B 639 -28.84 -19.81 4.41
N LEU B 640 -30.01 -19.77 5.03
CA LEU B 640 -30.15 -19.48 6.45
C LEU B 640 -29.91 -20.78 7.22
N GLU B 641 -29.03 -20.74 8.24
CA GLU B 641 -28.73 -21.93 9.04
C GLU B 641 -29.96 -22.36 9.87
N PRO B 642 -30.32 -23.66 9.88
CA PRO B 642 -31.58 -24.07 10.53
C PRO B 642 -31.70 -24.00 12.05
N THR B 643 -30.70 -24.49 12.80
CA THR B 643 -30.73 -24.57 14.27
C THR B 643 -30.85 -23.24 15.04
N ARG B 644 -29.85 -22.35 14.91
CA ARG B 644 -29.77 -21.07 15.63
C ARG B 644 -30.33 -19.88 14.85
N LYS B 645 -30.23 -19.91 13.51
CA LYS B 645 -30.67 -18.84 12.59
C LYS B 645 -29.91 -17.52 12.84
N ASP B 646 -28.58 -17.61 13.07
CA ASP B 646 -27.70 -16.46 13.33
C ASP B 646 -26.68 -16.27 12.22
N ILE B 647 -26.23 -17.38 11.60
CA ILE B 647 -25.25 -17.39 10.52
C ILE B 647 -25.94 -17.71 9.18
N ALA B 648 -25.38 -17.22 8.06
CA ALA B 648 -25.97 -17.45 6.73
C ALA B 648 -24.94 -17.55 5.61
N LEU B 649 -25.25 -18.38 4.59
CA LEU B 649 -24.41 -18.58 3.42
C LEU B 649 -24.98 -17.90 2.19
N LEU B 650 -24.09 -17.35 1.36
CA LEU B 650 -24.47 -16.69 0.11
C LEU B 650 -23.73 -17.32 -1.05
N LYS B 651 -24.47 -17.82 -2.05
CA LYS B 651 -23.86 -18.38 -3.25
C LYS B 651 -23.79 -17.29 -4.30
N LEU B 652 -22.62 -17.14 -4.92
CA LEU B 652 -22.38 -16.12 -5.95
C LEU B 652 -22.81 -16.64 -7.32
N SER B 653 -23.42 -15.76 -8.15
CA SER B 653 -23.90 -16.08 -9.50
C SER B 653 -22.79 -16.49 -10.47
N SER B 654 -21.56 -16.04 -10.18
CA SER B 654 -20.34 -16.35 -10.93
C SER B 654 -19.20 -16.50 -9.91
N PRO B 655 -18.19 -17.39 -10.14
CA PRO B 655 -17.11 -17.53 -9.15
C PRO B 655 -16.20 -16.30 -9.11
N ALA B 656 -15.70 -15.97 -7.91
CA ALA B 656 -14.79 -14.84 -7.72
C ALA B 656 -13.42 -15.20 -8.28
N VAL B 657 -12.77 -14.22 -8.91
CA VAL B 657 -11.43 -14.43 -9.47
C VAL B 657 -10.44 -14.29 -8.33
N ILE B 658 -9.73 -15.38 -8.02
CA ILE B 658 -8.75 -15.38 -6.94
C ILE B 658 -7.47 -14.69 -7.40
N THR B 659 -7.27 -13.45 -6.89
CA THR B 659 -6.15 -12.56 -7.20
C THR B 659 -5.38 -12.24 -5.92
N ASP B 660 -4.38 -11.34 -5.99
CA ASP B 660 -3.61 -10.91 -4.83
C ASP B 660 -4.42 -9.96 -3.90
N LYS B 661 -5.64 -9.59 -4.33
CA LYS B 661 -6.55 -8.70 -3.61
C LYS B 661 -7.82 -9.43 -3.14
N VAL B 662 -8.14 -10.60 -3.74
CA VAL B 662 -9.33 -11.41 -3.41
C VAL B 662 -8.91 -12.87 -3.16
N ILE B 663 -8.82 -13.26 -1.88
CA ILE B 663 -8.41 -14.62 -1.43
C ILE B 663 -9.38 -15.08 -0.33
N PRO B 664 -9.88 -16.34 -0.34
CA PRO B 664 -10.76 -16.76 0.75
C PRO B 664 -10.02 -17.02 2.07
N ALA B 665 -10.78 -17.04 3.18
CA ALA B 665 -10.25 -17.32 4.52
C ALA B 665 -10.42 -18.82 4.79
N CYS B 666 -9.55 -19.40 5.65
CA CYS B 666 -9.68 -20.82 6.00
C CYS B 666 -10.77 -21.01 7.03
N LEU B 667 -11.41 -22.18 7.00
CA LEU B 667 -12.42 -22.56 7.96
C LEU B 667 -11.77 -23.49 8.99
N PRO B 668 -12.21 -23.48 10.27
CA PRO B 668 -11.59 -24.39 11.24
C PRO B 668 -12.16 -25.81 11.11
N SER B 669 -11.53 -26.78 11.79
CA SER B 669 -12.00 -28.16 11.82
C SER B 669 -13.29 -28.21 12.66
N PRO B 670 -14.26 -29.13 12.42
CA PRO B 670 -15.50 -29.12 13.22
C PRO B 670 -15.31 -29.15 14.73
N ASN B 671 -16.08 -28.29 15.43
CA ASN B 671 -16.10 -28.12 16.89
C ASN B 671 -14.77 -27.68 17.55
N TYR B 672 -13.84 -27.12 16.75
CA TYR B 672 -12.56 -26.62 17.25
C TYR B 672 -12.80 -25.42 18.16
N VAL B 673 -12.15 -25.38 19.31
CA VAL B 673 -12.27 -24.26 20.24
C VAL B 673 -10.95 -23.52 20.30
N VAL B 674 -10.98 -22.22 19.91
CA VAL B 674 -9.82 -21.33 19.91
C VAL B 674 -9.28 -21.26 21.34
N ALA B 675 -7.96 -21.43 21.50
CA ALA B 675 -7.31 -21.39 22.81
C ALA B 675 -7.58 -20.08 23.55
N ASP B 676 -7.68 -20.15 24.89
CA ASP B 676 -7.93 -18.99 25.73
C ASP B 676 -6.81 -17.96 25.56
N ARG B 677 -7.16 -16.66 25.56
CA ARG B 677 -6.26 -15.52 25.40
C ARG B 677 -5.60 -15.38 24.00
N THR B 678 -6.09 -16.14 22.98
CA THR B 678 -5.59 -16.07 21.61
C THR B 678 -5.95 -14.72 20.99
N GLU B 679 -4.93 -14.01 20.49
CA GLU B 679 -5.13 -12.70 19.86
C GLU B 679 -5.74 -12.88 18.48
N CYS B 680 -6.96 -12.35 18.32
CA CYS B 680 -7.72 -12.43 17.09
C CYS B 680 -7.99 -11.03 16.54
N PHE B 681 -8.47 -10.95 15.29
CA PHE B 681 -8.74 -9.67 14.65
C PHE B 681 -10.13 -9.57 14.07
N ILE B 682 -10.79 -8.42 14.33
CA ILE B 682 -12.10 -8.11 13.78
CA ILE B 682 -12.11 -8.10 13.80
C ILE B 682 -11.94 -7.03 12.73
N THR B 683 -12.47 -7.27 11.53
CA THR B 683 -12.34 -6.32 10.43
C THR B 683 -13.70 -5.85 9.93
N GLY B 684 -13.74 -4.60 9.46
CA GLY B 684 -14.95 -3.99 8.93
C GLY B 684 -14.89 -2.50 8.83
N TRP B 685 -15.95 -1.91 8.27
CA TRP B 685 -16.09 -0.47 8.11
C TRP B 685 -16.84 0.16 9.29
N GLY B 686 -17.94 -0.48 9.70
CA GLY B 686 -18.77 -0.08 10.84
C GLY B 686 -19.23 1.36 10.84
N GLU B 687 -19.16 2.00 12.02
CA GLU B 687 -19.56 3.40 12.24
C GLU B 687 -18.49 4.11 13.08
N THR B 691 -14.26 11.17 13.48
CA THR B 691 -13.29 10.10 13.72
C THR B 691 -12.37 9.88 12.50
N PHE B 692 -11.09 9.54 12.77
CA PHE B 692 -10.10 9.28 11.73
C PHE B 692 -10.34 7.94 11.04
N GLY B 693 -9.98 7.87 9.75
CA GLY B 693 -10.15 6.68 8.93
C GLY B 693 -11.59 6.42 8.57
N ALA B 694 -12.34 7.51 8.30
CA ALA B 694 -13.75 7.49 7.95
C ALA B 694 -13.96 6.89 6.55
N GLY B 695 -14.76 5.84 6.49
CA GLY B 695 -15.08 5.12 5.26
C GLY B 695 -14.03 4.13 4.80
N LEU B 696 -12.94 3.98 5.58
CA LEU B 696 -11.83 3.07 5.28
C LEU B 696 -11.96 1.78 6.08
N LEU B 697 -11.42 0.67 5.54
CA LEU B 697 -11.44 -0.64 6.20
C LEU B 697 -10.58 -0.58 7.45
N LYS B 698 -11.16 -0.99 8.59
CA LYS B 698 -10.51 -0.95 9.89
C LYS B 698 -10.33 -2.34 10.50
N GLU B 699 -9.38 -2.45 11.43
CA GLU B 699 -9.06 -3.67 12.17
C GLU B 699 -8.83 -3.38 13.64
N ALA B 700 -9.16 -4.35 14.50
CA ALA B 700 -8.96 -4.25 15.95
C ALA B 700 -8.58 -5.62 16.50
N GLN B 701 -7.61 -5.64 17.43
CA GLN B 701 -7.12 -6.86 18.07
C GLN B 701 -7.94 -7.15 19.32
N LEU B 702 -8.51 -8.37 19.39
CA LEU B 702 -9.32 -8.80 20.53
C LEU B 702 -8.84 -10.17 21.05
N PRO B 703 -8.57 -10.31 22.36
CA PRO B 703 -8.20 -11.64 22.87
C PRO B 703 -9.42 -12.53 23.05
N VAL B 704 -9.30 -13.81 22.65
CA VAL B 704 -10.39 -14.78 22.81
C VAL B 704 -10.47 -15.19 24.28
N ILE B 705 -11.69 -15.13 24.84
CA ILE B 705 -11.93 -15.51 26.23
C ILE B 705 -12.68 -16.83 26.20
N GLU B 706 -12.09 -17.88 26.81
CA GLU B 706 -12.69 -19.20 26.88
C GLU B 706 -14.07 -19.10 27.53
N ASN B 707 -15.06 -19.85 27.00
CA ASN B 707 -16.44 -19.84 27.47
C ASN B 707 -16.58 -19.97 28.98
N LYS B 708 -15.69 -20.74 29.63
CA LYS B 708 -15.65 -20.94 31.08
C LYS B 708 -15.39 -19.62 31.83
N VAL B 709 -14.38 -18.84 31.39
CA VAL B 709 -14.02 -17.55 31.97
C VAL B 709 -15.12 -16.52 31.63
N CYS B 710 -15.59 -16.55 30.37
CA CYS B 710 -16.65 -15.66 29.86
C CYS B 710 -17.97 -15.83 30.60
N ASN B 711 -18.30 -17.08 31.01
CA ASN B 711 -19.54 -17.40 31.73
C ASN B 711 -19.52 -17.15 33.24
N ARG B 712 -18.41 -16.58 33.76
CA ARG B 712 -18.28 -16.23 35.18
C ARG B 712 -19.30 -15.13 35.50
N TYR B 713 -19.93 -15.18 36.70
CA TYR B 713 -20.96 -14.23 37.13
C TYR B 713 -20.60 -12.74 36.98
N GLU B 714 -19.30 -12.41 37.08
CA GLU B 714 -18.74 -11.07 36.91
C GLU B 714 -18.90 -10.60 35.46
N PHE B 715 -18.91 -11.56 34.50
CA PHE B 715 -19.01 -11.27 33.07
C PHE B 715 -20.36 -11.65 32.43
N LEU B 716 -20.38 -12.64 31.51
CA LEU B 716 -21.61 -13.05 30.82
C LEU B 716 -22.57 -13.97 31.60
N ASN B 717 -22.21 -14.32 32.85
CA ASN B 717 -23.01 -15.10 33.81
C ASN B 717 -23.83 -16.28 33.23
N GLY B 718 -23.12 -17.27 32.68
CA GLY B 718 -23.71 -18.50 32.13
C GLY B 718 -24.60 -18.37 30.91
N ARG B 719 -24.55 -17.23 30.19
CA ARG B 719 -25.39 -16.99 29.01
C ARG B 719 -24.76 -17.45 27.69
N VAL B 720 -23.43 -17.64 27.66
CA VAL B 720 -22.69 -18.06 26.46
C VAL B 720 -22.75 -19.58 26.27
N GLN B 721 -23.26 -20.01 25.10
CA GLN B 721 -23.39 -21.41 24.72
C GLN B 721 -22.21 -21.88 23.86
N SER B 722 -22.15 -23.21 23.55
CA SER B 722 -21.10 -23.84 22.74
C SER B 722 -20.97 -23.24 21.34
N THR B 723 -22.10 -22.81 20.76
CA THR B 723 -22.20 -22.20 19.43
C THR B 723 -21.76 -20.73 19.41
N GLU B 724 -21.40 -20.17 20.59
CA GLU B 724 -20.95 -18.79 20.74
C GLU B 724 -19.49 -18.70 21.17
N LEU B 725 -18.82 -17.61 20.77
CA LEU B 725 -17.41 -17.31 21.03
C LEU B 725 -17.28 -15.95 21.72
N CYS B 726 -16.41 -15.86 22.73
CA CYS B 726 -16.15 -14.61 23.45
C CYS B 726 -14.81 -14.01 23.03
N ALA B 727 -14.83 -12.73 22.66
CA ALA B 727 -13.64 -11.99 22.24
C ALA B 727 -13.78 -10.52 22.63
N GLY B 728 -12.79 -10.03 23.35
CA GLY B 728 -12.73 -8.66 23.83
C GLY B 728 -11.90 -8.50 25.08
N HIS B 729 -11.95 -7.32 25.70
CA HIS B 729 -11.19 -7.06 26.92
C HIS B 729 -12.07 -7.20 28.15
N LEU B 730 -11.61 -7.97 29.16
CA LEU B 730 -12.31 -8.20 30.42
C LEU B 730 -12.34 -6.95 31.31
N ALA B 731 -11.40 -6.02 31.09
CA ALA B 731 -11.27 -4.76 31.81
C ALA B 731 -10.65 -3.68 30.91
N GLY B 732 -11.17 -2.46 31.02
CA GLY B 732 -10.71 -1.29 30.27
C GLY B 732 -10.96 -1.37 28.78
N GLY B 733 -12.12 -1.90 28.39
CA GLY B 733 -12.51 -2.04 26.99
C GLY B 733 -13.36 -0.90 26.48
N THR B 734 -13.72 -0.95 25.18
CA THR B 734 -14.56 0.05 24.53
C THR B 734 -16.04 -0.30 24.68
N ASP B 735 -16.91 0.74 24.73
CA ASP B 735 -18.36 0.56 24.83
C ASP B 735 -18.99 0.84 23.46
N SER B 736 -18.77 -0.09 22.50
CA SER B 736 -19.25 0.02 21.12
C SER B 736 -19.44 -1.33 20.42
N CYS B 737 -20.34 -1.36 19.41
CA CYS B 737 -20.59 -2.53 18.58
C CYS B 737 -19.56 -2.46 17.45
N GLN B 738 -18.50 -3.29 17.56
CA GLN B 738 -17.36 -3.33 16.65
C GLN B 738 -17.60 -4.00 15.29
N GLY B 739 -16.83 -3.57 14.29
CA GLY B 739 -16.87 -4.06 12.91
C GLY B 739 -18.21 -3.86 12.23
N ASP B 740 -18.55 -4.76 11.29
CA ASP B 740 -19.82 -4.76 10.56
C ASP B 740 -20.60 -5.99 10.96
N SER B 741 -21.94 -5.95 10.87
CA SER B 741 -22.80 -7.10 11.14
C SER B 741 -22.47 -8.15 10.06
N GLY B 742 -22.16 -9.36 10.49
CA GLY B 742 -21.77 -10.46 9.60
C GLY B 742 -20.30 -10.49 9.27
N GLY B 743 -19.56 -9.52 9.81
CA GLY B 743 -18.13 -9.35 9.60
C GLY B 743 -17.25 -10.46 10.17
N PRO B 744 -15.99 -10.55 9.66
CA PRO B 744 -15.10 -11.62 10.14
C PRO B 744 -14.36 -11.38 11.45
N LEU B 745 -14.04 -12.49 12.13
CA LEU B 745 -13.21 -12.60 13.32
C LEU B 745 -12.21 -13.69 12.95
N VAL B 746 -10.97 -13.28 12.64
CA VAL B 746 -9.90 -14.20 12.23
C VAL B 746 -8.82 -14.33 13.27
N CYS B 747 -8.30 -15.55 13.45
CA CYS B 747 -7.24 -15.83 14.42
C CYS B 747 -6.06 -16.52 13.73
N PHE B 748 -4.85 -15.96 13.92
CA PHE B 748 -3.62 -16.49 13.34
C PHE B 748 -3.22 -17.82 13.97
N GLU B 749 -2.87 -18.79 13.12
CA GLU B 749 -2.43 -20.11 13.53
C GLU B 749 -1.27 -20.57 12.64
N LYS B 750 -0.04 -20.50 13.19
CA LYS B 750 1.22 -20.89 12.56
C LYS B 750 1.64 -20.09 11.32
N ASP B 751 0.85 -20.17 10.23
CA ASP B 751 1.18 -19.52 8.95
C ASP B 751 0.00 -18.89 8.21
N LYS B 752 -1.21 -18.92 8.80
CA LYS B 752 -2.41 -18.39 8.17
C LYS B 752 -3.45 -17.90 9.17
N TYR B 753 -4.48 -17.20 8.67
CA TYR B 753 -5.61 -16.72 9.47
C TYR B 753 -6.81 -17.62 9.20
N ILE B 754 -7.45 -18.09 10.27
CA ILE B 754 -8.64 -18.95 10.17
C ILE B 754 -9.84 -18.16 10.69
N LEU B 755 -10.96 -18.18 9.92
CA LEU B 755 -12.20 -17.52 10.31
C LEU B 755 -12.80 -18.29 11.49
N GLN B 756 -12.71 -17.71 12.68
CA GLN B 756 -13.19 -18.35 13.91
C GLN B 756 -14.54 -17.84 14.40
N GLY B 757 -14.89 -16.62 14.02
CA GLY B 757 -16.14 -16.00 14.42
C GLY B 757 -16.79 -15.13 13.36
N VAL B 758 -18.11 -14.93 13.49
CA VAL B 758 -18.93 -14.07 12.64
C VAL B 758 -19.59 -13.05 13.56
N THR B 759 -19.43 -11.76 13.25
CA THR B 759 -19.97 -10.65 14.03
C THR B 759 -21.51 -10.63 14.01
N SER B 760 -22.10 -10.65 15.21
CA SER B 760 -23.54 -10.62 15.44
C SER B 760 -23.76 -9.78 16.70
N TRP B 761 -24.16 -8.51 16.49
CA TRP B 761 -24.37 -7.52 17.56
C TRP B 761 -25.42 -7.88 18.62
N GLY B 762 -26.45 -8.63 18.21
CA GLY B 762 -27.53 -9.07 19.08
C GLY B 762 -27.09 -9.99 20.21
N LEU B 763 -26.02 -10.77 19.98
CA LEU B 763 -25.45 -11.72 20.96
C LEU B 763 -24.74 -11.00 22.10
N GLY B 764 -24.21 -9.81 21.81
CA GLY B 764 -23.50 -8.99 22.79
C GLY B 764 -22.37 -8.18 22.20
N CYS B 765 -22.44 -6.85 22.36
CA CYS B 765 -21.44 -5.90 21.88
C CYS B 765 -20.37 -5.70 22.95
N ALA B 766 -19.22 -5.13 22.57
CA ALA B 766 -18.11 -4.85 23.48
C ALA B 766 -18.50 -3.79 24.52
N ARG B 767 -18.24 -4.08 25.80
CA ARG B 767 -18.53 -3.23 26.94
C ARG B 767 -17.22 -2.92 27.69
N PRO B 768 -17.15 -1.92 28.61
CA PRO B 768 -15.87 -1.63 29.30
C PRO B 768 -15.30 -2.79 30.13
N ASN B 769 -16.18 -3.58 30.77
CA ASN B 769 -15.78 -4.72 31.60
C ASN B 769 -16.44 -6.06 31.19
N LYS B 770 -16.94 -6.12 29.94
CA LYS B 770 -17.60 -7.31 29.38
C LYS B 770 -17.22 -7.56 27.92
N PRO B 771 -16.80 -8.79 27.55
CA PRO B 771 -16.42 -9.05 26.15
C PRO B 771 -17.60 -9.22 25.20
N GLY B 772 -17.33 -9.07 23.91
CA GLY B 772 -18.29 -9.24 22.84
C GLY B 772 -18.55 -10.71 22.55
N VAL B 773 -19.78 -11.03 22.14
CA VAL B 773 -20.19 -12.40 21.82
C VAL B 773 -20.32 -12.54 20.31
N TYR B 774 -19.66 -13.58 19.74
CA TYR B 774 -19.61 -13.87 18.31
C TYR B 774 -20.14 -15.27 18.03
N VAL B 775 -20.54 -15.54 16.78
CA VAL B 775 -21.00 -16.87 16.36
C VAL B 775 -19.74 -17.73 16.15
N ARG B 776 -19.65 -18.89 16.83
CA ARG B 776 -18.53 -19.80 16.71
C ARG B 776 -18.63 -20.59 15.40
N VAL B 777 -17.82 -20.20 14.39
CA VAL B 777 -17.77 -20.78 13.04
C VAL B 777 -17.61 -22.32 13.02
N SER B 778 -16.70 -22.86 13.87
CA SER B 778 -16.41 -24.30 13.98
C SER B 778 -17.63 -25.19 14.28
N ARG B 779 -18.64 -24.65 14.97
CA ARG B 779 -19.88 -25.36 15.31
C ARG B 779 -20.85 -25.44 14.12
N PHE B 780 -20.53 -24.76 13.00
CA PHE B 780 -21.37 -24.72 11.80
C PHE B 780 -20.64 -25.14 10.52
N VAL B 781 -19.38 -25.59 10.65
CA VAL B 781 -18.51 -26.06 9.55
C VAL B 781 -19.11 -27.28 8.84
N THR B 782 -19.66 -28.25 9.62
CA THR B 782 -20.32 -29.45 9.07
C THR B 782 -21.54 -29.04 8.23
N TRP B 783 -22.30 -28.00 8.69
CA TRP B 783 -23.44 -27.46 7.96
C TRP B 783 -22.97 -26.74 6.68
N ILE B 784 -21.95 -25.86 6.81
CA ILE B 784 -21.35 -25.08 5.70
C ILE B 784 -20.88 -26.02 4.58
N GLU B 785 -20.09 -27.05 4.93
CA GLU B 785 -19.55 -28.05 4.00
C GLU B 785 -20.65 -28.80 3.26
N GLY B 786 -21.72 -29.17 3.98
CA GLY B 786 -22.88 -29.87 3.44
C GLY B 786 -23.66 -29.07 2.41
N VAL B 787 -23.84 -27.76 2.67
CA VAL B 787 -24.52 -26.82 1.77
C VAL B 787 -23.68 -26.63 0.51
N MET B 788 -22.38 -26.35 0.68
CA MET B 788 -21.39 -26.16 -0.40
C MET B 788 -21.26 -27.38 -1.31
N ARG B 789 -21.32 -28.59 -0.71
CA ARG B 789 -21.20 -29.89 -1.38
C ARG B 789 -22.41 -30.21 -2.26
N ASN B 790 -23.62 -29.91 -1.75
CA ASN B 790 -24.89 -30.24 -2.39
C ASN B 790 -25.59 -29.11 -3.14
N ASN B 791 -25.01 -27.90 -3.15
CA ASN B 791 -25.60 -26.75 -3.83
C ASN B 791 -24.59 -25.98 -4.70
C1 NAG C . 6.69 33.98 -22.86
C2 NAG C . 6.19 34.41 -21.41
C3 NAG C . 7.26 35.48 -20.97
C4 NAG C . 8.67 34.77 -20.81
C5 NAG C . 9.05 34.30 -22.27
C6 NAG C . 10.36 33.48 -22.33
C7 NAG C . 4.00 34.88 -20.25
C8 NAG C . 2.59 35.38 -20.43
N2 NAG C . 4.81 34.88 -21.40
O3 NAG C . 6.85 36.31 -19.92
O4 NAG C . 9.56 35.76 -20.37
O5 NAG C . 8.03 33.44 -22.79
O6 NAG C . 10.66 33.21 -23.66
O7 NAG C . 4.40 34.50 -19.15
C1 GAL C . 6.81 37.70 -20.18
C2 GAL C . 6.44 38.48 -18.85
C3 GAL C . 6.61 40.00 -19.26
C4 GAL C . 8.08 40.37 -19.70
C5 GAL C . 8.20 39.54 -21.02
C6 GAL C . 9.53 39.75 -21.81
O2 GAL C . 5.08 38.30 -18.59
O3 GAL C . 6.03 41.01 -18.49
O4 GAL C . 9.08 39.93 -18.81
O5 GAL C . 8.06 38.15 -20.77
O6 GAL C . 9.27 39.53 -23.17
C1 SIA C . 5.42 42.53 -20.38
C2 SIA C . 4.97 41.78 -19.06
C3 SIA C . 4.60 42.73 -17.87
C4 SIA C . 3.09 43.08 -17.76
C5 SIA C . 2.24 41.77 -17.94
C6 SIA C . 2.53 41.26 -19.40
C7 SIA C . 1.75 39.96 -19.85
C8 SIA C . 2.08 39.50 -21.34
C9 SIA C . 1.03 38.49 -21.86
C10 SIA C . 0.12 41.62 -16.48
C11 SIA C . 0.92 40.94 -15.36
N5 SIA C . 0.80 41.99 -17.67
O1A SIA C . 5.82 43.69 -20.42
O1B SIA C . 5.34 41.84 -21.54
O4 SIA C . 2.80 43.57 -16.47
O6 SIA C . 3.90 40.88 -19.46
O7 SIA C . 1.93 38.91 -18.96
O8 SIA C . 2.23 40.60 -22.19
O9 SIA C . 1.54 38.04 -23.08
O10 SIA C . -1.07 41.83 -16.35
C1 NAG D . 3.44 -8.02 28.78
C2 NAG D . 4.12 -7.31 27.54
C3 NAG D . 3.85 -5.77 27.80
C4 NAG D . 2.30 -5.49 27.71
C5 NAG D . 1.69 -6.29 28.93
C6 NAG D . 0.14 -6.21 29.03
C7 NAG D . 6.19 -7.68 26.15
C8 NAG D . 7.65 -8.07 26.17
N2 NAG D . 5.53 -7.66 27.39
O3 NAG D . 4.68 -4.93 27.05
O4 NAG D . 2.16 -4.11 27.91
O5 NAG D . 2.03 -7.69 28.83
O6 NAG D . -0.49 -7.10 28.16
O7 NAG D . 5.63 -7.41 25.08
C1 GAL D . 5.73 -4.26 27.74
C2 GAL D . 6.56 -3.38 26.73
C3 GAL D . 7.63 -2.60 27.60
C4 GAL D . 6.96 -1.74 28.75
C5 GAL D . 6.24 -2.82 29.62
C6 GAL D . 5.58 -2.31 30.95
O2 GAL D . 7.30 -4.21 25.87
O3 GAL D . 8.62 -1.84 26.93
O4 GAL D . 6.00 -0.84 28.27
O5 GAL D . 5.25 -3.50 28.86
O6 GAL D . 4.47 -1.53 30.65
C1 SIA D . 10.44 -1.64 28.62
C2 SIA D . 10.00 -2.09 27.16
C3 SIA D . 10.69 -1.26 26.02
C4 SIA D . 12.18 -1.68 25.83
C5 SIA D . 12.29 -3.23 25.60
C6 SIA D . 11.65 -3.95 26.86
C7 SIA D . 11.59 -5.53 26.79
C8 SIA D . 10.83 -6.23 27.99
C9 SIA D . 11.40 -7.66 28.20
C10 SIA D . 14.32 -4.14 24.27
C11 SIA D . 13.48 -4.25 23.01
N5 SIA D . 13.69 -3.64 25.45
O1A SIA D . 10.95 -0.56 28.90
O1B SIA D . 10.24 -2.53 29.60
O4 SIA D . 12.70 -1.08 24.67
O6 SIA D . 10.30 -3.50 27.04
O7 SIA D . 11.13 -6.01 25.56
O8 SIA D . 10.86 -5.47 29.16
O9 SIA D . 10.61 -8.23 29.20
O10 SIA D . 15.49 -4.46 24.28
CL CL E . -18.38 32.89 -22.27
CL CL F . -1.12 23.29 -28.74
CL CL G . 13.98 9.92 -32.05
CL CL H . 19.20 20.22 6.93
K K I . 10.63 23.54 -41.36
C BCT J . 20.99 22.68 -9.30
O1 BCT J . 19.87 22.13 -9.33
O2 BCT J . 21.88 22.71 -8.43
O3 BCT J . 21.32 23.38 -10.46
C ACT K . -22.88 34.23 -66.10
O ACT K . -23.95 34.19 -65.46
OXT ACT K . -22.75 34.67 -67.26
CH3 ACT K . -21.61 33.73 -65.38
CL CL L . 22.25 -24.15 23.69
CL CL M . -18.72 -22.82 30.04
CL CL N . 2.01 -21.36 29.37
K K O . -8.76 -17.55 42.44
C BCT P . -13.68 -2.15 13.63
O1 BCT P . -13.45 -1.73 14.80
O2 BCT P . -13.17 -3.07 12.97
O3 BCT P . -14.68 -1.46 12.95
#